data_5GTL
#
_entry.id   5GTL
#
_cell.length_a   83.887
_cell.length_b   93.940
_cell.length_c   144.934
_cell.angle_alpha   90.00
_cell.angle_beta   97.67
_cell.angle_gamma   90.00
#
_symmetry.space_group_name_H-M   'P 1 21 1'
#
loop_
_entity.id
_entity.type
_entity.pdbx_description
1 polymer 'Betaine-aldehyde dehydrogenase'
2 non-polymer 'SODIUM ION'
3 non-polymer 'NADPH DIHYDRO-NICOTINAMIDE-ADENINE-DINUCLEOTIDE PHOSPHATE'
4 water water
#
_entity_poly.entity_id   1
_entity_poly.type   'polypeptide(L)'
_entity_poly.pdbx_seq_one_letter_code
;MLKTNIELKPKVEAFLNEEIKMFINGEFVSAIGGKTFETYNPATEDVLAVVCEAQEEDIDAAVKAARSAFESGPWAEMTT
AERAHLIYKLADLIEEHREELAQLEALDNGKPYQVALDDDISATVENYRYYAGWTTKIIGQTIPISKDYLNYTRHEPVGV
VGQIIPWNFPLVMSSWKMGAALATGCTIVLKPAEQTPLSLLYAAKLFKEAGFPNGVVNFVPGFGPEAGAAIVNHHDIDKV
AFTGSTVTGKYIMRQSAEMIKHVTLELGGKSPNIILEDADLEEAINGAFQGIMYNHGQNCSAGSRVFVHRKHYETVVDAL
VKMANNVKLGAGMEKETEMGPLVSKKQQERVLNYIEQGKKEGATVAAGGERALEKGYFVKPTVFTDVTDDMTIVKEEIFG
PVVVVLPFDSTEEVIERANNSSYGLAAGVWTQNIKTGHQVANKLKAGTVWINDYNLENAAAPFGGYKQSGIGRELGSYAL
DNYTEVKSVWVNIK
;
_entity_poly.pdbx_strand_id   A,B,C,D
#
loop_
_chem_comp.id
_chem_comp.type
_chem_comp.name
_chem_comp.formula
NA non-polymer 'SODIUM ION' 'Na 1'
NDP non-polymer 'NADPH DIHYDRO-NICOTINAMIDE-ADENINE-DINUCLEOTIDE PHOSPHATE' 'C21 H30 N7 O17 P3'
#
# COMPACT_ATOMS: atom_id res chain seq x y z
N THR A 4 -41.75 -20.34 24.99
CA THR A 4 -40.97 -19.86 26.10
C THR A 4 -40.20 -18.57 25.85
N ASN A 5 -40.69 -17.54 26.49
CA ASN A 5 -40.16 -16.20 26.34
C ASN A 5 -38.83 -15.88 26.92
N ILE A 6 -38.12 -15.02 26.22
CA ILE A 6 -36.85 -14.52 26.68
C ILE A 6 -37.32 -13.28 27.38
N GLU A 7 -36.91 -13.15 28.61
CA GLU A 7 -37.27 -12.06 29.50
C GLU A 7 -36.70 -10.66 29.25
N LEU A 8 -37.55 -9.70 29.00
CA LEU A 8 -37.06 -8.32 28.77
C LEU A 8 -36.03 -7.83 29.79
N LYS A 9 -35.08 -7.07 29.30
CA LYS A 9 -33.99 -6.61 30.08
C LYS A 9 -34.52 -5.35 30.72
N PRO A 10 -34.17 -5.10 32.00
CA PRO A 10 -34.67 -3.85 32.62
C PRO A 10 -34.36 -2.58 31.83
N LYS A 11 -33.16 -2.45 31.25
CA LYS A 11 -32.83 -1.22 30.48
C LYS A 11 -33.61 -1.07 29.18
N VAL A 12 -34.08 -2.18 28.64
CA VAL A 12 -34.86 -2.21 27.45
C VAL A 12 -36.27 -1.74 27.82
N GLU A 13 -36.79 -2.33 28.87
CA GLU A 13 -38.09 -1.95 29.39
C GLU A 13 -38.12 -0.47 29.71
N ALA A 14 -37.07 0.03 30.32
CA ALA A 14 -37.02 1.45 30.65
C ALA A 14 -37.03 2.29 29.40
N PHE A 15 -36.27 1.86 28.38
CA PHE A 15 -36.15 2.59 27.14
C PHE A 15 -37.49 2.67 26.44
N LEU A 16 -38.16 1.54 26.32
CA LEU A 16 -39.44 1.44 25.68
C LEU A 16 -40.60 2.15 26.40
N ASN A 17 -40.40 2.44 27.66
CA ASN A 17 -41.41 3.07 28.47
C ASN A 17 -41.59 4.55 28.26
N GLU A 18 -40.80 5.16 27.40
CA GLU A 18 -40.96 6.55 27.11
C GLU A 18 -40.84 6.79 25.61
N GLU A 19 -41.23 7.99 25.24
CA GLU A 19 -41.03 8.46 23.90
C GLU A 19 -39.58 8.21 23.51
N ILE A 20 -39.32 7.72 22.29
CA ILE A 20 -37.95 7.58 21.82
C ILE A 20 -37.44 8.89 21.18
N LYS A 21 -36.49 9.55 21.83
CA LYS A 21 -35.96 10.79 21.28
C LYS A 21 -34.96 10.53 20.18
N MET A 22 -34.76 11.52 19.33
CA MET A 22 -33.74 11.52 18.32
C MET A 22 -32.47 12.10 18.97
N PHE A 23 -31.34 12.09 18.28
CA PHE A 23 -30.07 12.54 18.83
C PHE A 23 -29.36 13.54 17.94
N ILE A 24 -29.22 14.74 18.43
CA ILE A 24 -28.66 15.82 17.70
C ILE A 24 -27.81 16.70 18.59
N ASN A 25 -26.64 17.01 18.08
CA ASN A 25 -25.67 17.80 18.78
C ASN A 25 -25.43 17.35 20.21
N GLY A 26 -25.33 16.06 20.43
CA GLY A 26 -25.08 15.47 21.70
C GLY A 26 -26.24 15.30 22.65
N GLU A 27 -27.41 15.76 22.28
CA GLU A 27 -28.60 15.67 23.13
C GLU A 27 -29.78 14.89 22.57
N PHE A 28 -30.54 14.27 23.44
CA PHE A 28 -31.70 13.57 23.04
C PHE A 28 -32.77 14.63 23.02
N VAL A 29 -33.41 14.73 21.89
CA VAL A 29 -34.41 15.77 21.65
C VAL A 29 -35.61 15.21 20.98
N SER A 30 -36.71 15.96 21.11
CA SER A 30 -37.94 15.70 20.36
C SER A 30 -37.82 16.38 19.01
N ALA A 31 -38.71 16.08 18.09
CA ALA A 31 -38.74 16.81 16.80
C ALA A 31 -39.15 18.25 17.06
N ILE A 32 -38.61 19.17 16.26
CA ILE A 32 -38.88 20.58 16.40
C ILE A 32 -40.44 20.80 16.36
N GLY A 33 -41.12 20.11 15.44
CA GLY A 33 -42.58 20.16 15.30
C GLY A 33 -43.40 19.19 16.18
N GLY A 34 -42.75 18.41 17.04
CA GLY A 34 -43.44 17.53 17.93
C GLY A 34 -44.07 16.30 17.32
N LYS A 35 -43.90 16.01 16.04
CA LYS A 35 -44.51 14.78 15.49
C LYS A 35 -43.86 13.52 16.02
N THR A 36 -44.65 12.43 16.08
CA THR A 36 -44.14 11.11 16.42
C THR A 36 -44.69 10.03 15.48
N PHE A 37 -44.03 8.89 15.48
CA PHE A 37 -44.47 7.80 14.65
C PHE A 37 -44.37 6.50 15.42
N GLU A 38 -45.02 5.47 14.93
CA GLU A 38 -45.01 4.20 15.60
C GLU A 38 -44.17 3.13 14.94
N THR A 39 -43.44 2.37 15.75
CA THR A 39 -42.67 1.26 15.27
C THR A 39 -43.31 0.02 15.87
N TYR A 40 -43.45 -1.02 15.08
CA TYR A 40 -44.12 -2.22 15.53
C TYR A 40 -43.26 -3.42 15.81
N ASN A 41 -43.81 -4.35 16.55
CA ASN A 41 -43.16 -5.58 16.82
C ASN A 41 -43.76 -6.46 15.72
N PRO A 42 -42.90 -6.88 14.72
CA PRO A 42 -43.51 -7.65 13.64
C PRO A 42 -44.00 -9.03 13.94
N ALA A 43 -43.76 -9.53 15.11
CA ALA A 43 -44.25 -10.84 15.45
C ALA A 43 -45.69 -10.74 15.98
N THR A 44 -46.00 -9.70 16.72
CA THR A 44 -47.30 -9.52 17.31
C THR A 44 -48.20 -8.52 16.62
N GLU A 45 -47.61 -7.60 15.92
CA GLU A 45 -48.30 -6.52 15.25
C GLU A 45 -48.66 -5.38 16.19
N ASP A 46 -48.26 -5.49 17.43
CA ASP A 46 -48.49 -4.48 18.42
C ASP A 46 -47.53 -3.33 18.21
N VAL A 47 -47.77 -2.21 18.86
CA VAL A 47 -46.91 -1.08 18.74
C VAL A 47 -45.80 -1.36 19.73
N LEU A 48 -44.57 -1.16 19.31
CA LEU A 48 -43.41 -1.38 20.14
C LEU A 48 -42.98 -0.08 20.85
N ALA A 49 -43.06 1.04 20.18
CA ALA A 49 -42.65 2.30 20.72
C ALA A 49 -43.13 3.41 19.85
N VAL A 50 -43.19 4.59 20.41
CA VAL A 50 -43.54 5.76 19.69
C VAL A 50 -42.24 6.52 19.70
N VAL A 51 -41.86 6.97 18.53
CA VAL A 51 -40.60 7.60 18.25
C VAL A 51 -40.71 8.95 17.60
N CYS A 52 -39.92 9.91 18.06
CA CYS A 52 -39.91 11.21 17.43
C CYS A 52 -39.53 11.17 15.94
N GLU A 53 -40.34 11.88 15.13
CA GLU A 53 -40.26 11.86 13.70
C GLU A 53 -39.51 13.06 13.20
N ALA A 54 -38.41 12.83 12.50
CA ALA A 54 -37.56 13.90 12.08
C ALA A 54 -38.13 14.44 10.80
N GLN A 55 -38.24 15.77 10.74
CA GLN A 55 -38.67 16.44 9.50
C GLN A 55 -37.45 17.13 8.91
N GLU A 56 -37.64 17.76 7.75
CA GLU A 56 -36.63 18.53 7.07
C GLU A 56 -35.95 19.47 8.03
N GLU A 57 -36.75 20.19 8.82
CA GLU A 57 -36.17 21.16 9.74
C GLU A 57 -35.24 20.42 10.74
N ASP A 58 -35.57 19.17 11.07
CA ASP A 58 -34.73 18.44 12.00
C ASP A 58 -33.43 17.98 11.32
N ILE A 59 -33.51 17.53 10.08
CA ILE A 59 -32.31 17.20 9.32
C ILE A 59 -31.42 18.44 9.23
N ASP A 60 -32.00 19.58 8.88
CA ASP A 60 -31.27 20.85 8.88
C ASP A 60 -30.53 21.14 10.18
N ALA A 61 -31.14 20.86 11.34
CA ALA A 61 -30.49 21.01 12.66
C ALA A 61 -29.31 20.04 12.87
N ALA A 62 -29.51 18.79 12.47
CA ALA A 62 -28.49 17.78 12.54
C ALA A 62 -27.31 18.14 11.64
N VAL A 63 -27.57 18.65 10.44
CA VAL A 63 -26.51 18.99 9.48
C VAL A 63 -25.73 20.18 10.02
N LYS A 64 -26.43 21.18 10.52
CA LYS A 64 -25.69 22.28 11.23
C LYS A 64 -24.82 21.80 12.38
N ALA A 65 -25.33 20.88 13.19
CA ALA A 65 -24.51 20.38 14.26
C ALA A 65 -23.26 19.62 13.81
N ALA A 66 -23.45 18.73 12.83
CA ALA A 66 -22.36 17.99 12.25
C ALA A 66 -21.30 18.91 11.63
N ARG A 67 -21.76 19.94 10.93
CA ARG A 67 -20.90 20.91 10.24
C ARG A 67 -20.02 21.59 11.23
N SER A 68 -20.62 21.94 12.37
CA SER A 68 -19.88 22.66 13.41
C SER A 68 -18.87 21.75 14.08
N ALA A 69 -19.23 20.47 14.25
CA ALA A 69 -18.34 19.55 14.91
C ALA A 69 -17.16 19.20 14.00
N PHE A 70 -17.38 19.18 12.68
CA PHE A 70 -16.29 18.93 11.72
C PHE A 70 -15.33 20.16 11.64
N GLU A 71 -15.87 21.37 11.61
CA GLU A 71 -15.10 22.58 11.37
C GLU A 71 -14.32 23.05 12.58
N SER A 72 -14.86 22.91 13.78
CA SER A 72 -14.11 23.22 15.00
C SER A 72 -14.63 22.45 16.21
N GLY A 73 -13.88 22.50 17.26
CA GLY A 73 -14.24 21.73 18.40
C GLY A 73 -13.28 20.58 18.60
N PRO A 74 -13.58 19.75 19.65
CA PRO A 74 -12.65 18.65 19.87
C PRO A 74 -12.43 17.67 18.73
N TRP A 75 -13.45 17.34 17.99
CA TRP A 75 -13.30 16.34 16.93
C TRP A 75 -12.32 16.82 15.89
N ALA A 76 -12.35 18.11 15.63
CA ALA A 76 -11.49 18.69 14.66
C ALA A 76 -10.04 18.83 15.15
N GLU A 77 -9.83 18.83 16.45
CA GLU A 77 -8.55 19.05 17.03
C GLU A 77 -7.83 17.85 17.61
N MET A 78 -8.61 16.85 17.92
CA MET A 78 -8.15 15.58 18.45
C MET A 78 -7.06 14.91 17.62
N THR A 79 -6.13 14.23 18.26
CA THR A 79 -5.17 13.48 17.51
C THR A 79 -5.89 12.23 16.97
N THR A 80 -5.25 11.56 16.06
CA THR A 80 -5.87 10.32 15.56
C THR A 80 -5.94 9.24 16.61
N ALA A 81 -4.90 9.11 17.45
CA ALA A 81 -5.00 8.23 18.63
C ALA A 81 -6.23 8.51 19.51
N GLU A 82 -6.51 9.78 19.74
CA GLU A 82 -7.62 10.15 20.57
C GLU A 82 -8.97 9.80 19.92
N ARG A 83 -9.02 9.95 18.59
CA ARG A 83 -10.24 9.65 17.86
C ARG A 83 -10.41 8.14 17.91
N ALA A 84 -9.31 7.40 17.81
CA ALA A 84 -9.33 5.95 17.82
C ALA A 84 -9.89 5.41 19.13
N HIS A 85 -9.50 6.11 20.20
CA HIS A 85 -9.86 5.66 21.55
C HIS A 85 -11.36 5.80 21.77
N LEU A 86 -11.92 6.88 21.24
CA LEU A 86 -13.38 7.09 21.24
C LEU A 86 -14.13 5.92 20.61
N ILE A 87 -13.67 5.54 19.42
CA ILE A 87 -14.27 4.42 18.68
C ILE A 87 -14.14 3.14 19.44
N TYR A 88 -12.94 2.82 19.94
CA TYR A 88 -12.71 1.67 20.79
C TYR A 88 -13.66 1.56 21.99
N LYS A 89 -13.77 2.65 22.76
CA LYS A 89 -14.62 2.67 23.90
C LYS A 89 -16.10 2.52 23.56
N LEU A 90 -16.56 3.12 22.46
CA LEU A 90 -17.91 2.92 21.97
C LEU A 90 -18.12 1.38 21.72
N ALA A 91 -17.12 0.71 21.17
CA ALA A 91 -17.28 -0.79 20.85
C ALA A 91 -17.34 -1.57 22.19
N ASP A 92 -16.61 -1.10 23.21
CA ASP A 92 -16.69 -1.73 24.52
C ASP A 92 -18.08 -1.58 25.19
N LEU A 93 -18.62 -0.37 25.09
CA LEU A 93 -20.01 -0.05 25.54
C LEU A 93 -21.06 -0.89 24.81
N ILE A 94 -20.92 -1.02 23.50
CA ILE A 94 -21.84 -1.85 22.73
C ILE A 94 -21.85 -3.25 23.27
N GLU A 95 -20.67 -3.79 23.50
CA GLU A 95 -20.52 -5.10 24.04
C GLU A 95 -21.08 -5.25 25.40
N GLU A 96 -20.89 -4.23 26.26
CA GLU A 96 -21.53 -4.19 27.55
C GLU A 96 -23.02 -4.28 27.47
N HIS A 97 -23.62 -3.57 26.52
CA HIS A 97 -25.06 -3.65 26.33
C HIS A 97 -25.50 -4.70 25.27
N ARG A 98 -24.71 -5.70 25.05
CA ARG A 98 -25.01 -6.70 23.99
C ARG A 98 -26.42 -7.31 24.03
N GLU A 99 -26.92 -7.69 25.22
CA GLU A 99 -28.22 -8.34 25.35
C GLU A 99 -29.36 -7.40 25.07
N GLU A 100 -29.22 -6.14 25.53
CA GLU A 100 -30.17 -5.16 25.37
C GLU A 100 -30.37 -4.85 23.94
N LEU A 101 -29.24 -4.65 23.25
CA LEU A 101 -29.25 -4.30 21.85
C LEU A 101 -29.74 -5.51 20.99
N ALA A 102 -29.40 -6.70 21.41
CA ALA A 102 -29.94 -7.92 20.67
C ALA A 102 -31.46 -8.10 20.90
N GLN A 103 -31.97 -7.67 22.07
CA GLN A 103 -33.38 -7.79 22.31
C GLN A 103 -34.12 -6.77 21.50
N LEU A 104 -33.54 -5.60 21.36
CA LEU A 104 -34.14 -4.57 20.56
C LEU A 104 -34.18 -4.99 19.06
N GLU A 105 -33.16 -5.64 18.58
CA GLU A 105 -33.14 -6.07 17.19
C GLU A 105 -34.26 -7.08 16.96
N ALA A 106 -34.35 -8.07 17.84
CA ALA A 106 -35.38 -9.08 17.85
C ALA A 106 -36.80 -8.49 17.95
N LEU A 107 -37.01 -7.54 18.86
CA LEU A 107 -38.30 -6.96 19.07
C LEU A 107 -38.76 -6.09 17.90
N ASP A 108 -37.84 -5.24 17.43
CA ASP A 108 -38.08 -4.21 16.43
C ASP A 108 -37.92 -4.79 15.00
N ASN A 109 -36.83 -5.47 14.76
CA ASN A 109 -36.64 -6.02 13.42
C ASN A 109 -37.36 -7.37 13.19
N GLY A 110 -37.53 -8.19 14.24
CA GLY A 110 -38.13 -9.55 14.12
C GLY A 110 -37.23 -10.77 14.22
N LYS A 111 -35.94 -10.59 13.97
CA LYS A 111 -34.99 -11.67 13.94
C LYS A 111 -34.83 -12.37 15.27
N PRO A 112 -34.37 -13.61 15.25
CA PRO A 112 -34.16 -14.35 16.48
C PRO A 112 -33.07 -13.74 17.33
N TYR A 113 -33.42 -13.57 18.58
CA TYR A 113 -32.56 -13.04 19.59
C TYR A 113 -31.11 -13.61 19.60
N GLN A 114 -30.96 -14.92 19.58
CA GLN A 114 -29.64 -15.54 19.64
C GLN A 114 -28.78 -15.22 18.44
N VAL A 115 -29.45 -14.96 17.34
CA VAL A 115 -28.80 -14.64 16.09
C VAL A 115 -28.43 -13.17 16.14
N ALA A 116 -29.31 -12.33 16.63
CA ALA A 116 -29.02 -10.90 16.84
C ALA A 116 -27.78 -10.76 17.70
N LEU A 117 -27.74 -11.50 18.78
CA LEU A 117 -26.65 -11.52 19.71
C LEU A 117 -25.33 -11.98 19.15
N ASP A 118 -25.30 -13.20 18.63
CA ASP A 118 -24.13 -13.84 18.11
C ASP A 118 -23.61 -13.27 16.81
N ASP A 119 -24.49 -12.79 15.98
CA ASP A 119 -24.12 -12.26 14.71
C ASP A 119 -24.06 -10.76 14.71
N ASP A 120 -25.22 -10.13 14.65
CA ASP A 120 -25.36 -8.71 14.54
C ASP A 120 -24.60 -7.88 15.56
N ILE A 121 -24.83 -8.14 16.82
CA ILE A 121 -24.22 -7.33 17.87
C ILE A 121 -22.69 -7.56 17.92
N SER A 122 -22.31 -8.79 17.74
CA SER A 122 -20.92 -9.12 17.78
C SER A 122 -20.17 -8.56 16.57
N ALA A 123 -20.81 -8.51 15.43
CA ALA A 123 -20.22 -7.97 14.24
C ALA A 123 -20.11 -6.46 14.39
N THR A 124 -21.09 -5.87 15.03
CA THR A 124 -21.08 -4.39 15.30
C THR A 124 -19.85 -3.99 16.09
N VAL A 125 -19.68 -4.68 17.21
CA VAL A 125 -18.52 -4.54 18.09
C VAL A 125 -17.19 -4.66 17.37
N GLU A 126 -17.06 -5.71 16.57
CA GLU A 126 -15.84 -5.95 15.88
C GLU A 126 -15.59 -4.94 14.81
N ASN A 127 -16.66 -4.43 14.16
CA ASN A 127 -16.55 -3.50 13.14
C ASN A 127 -16.03 -2.17 13.71
N TYR A 128 -16.48 -1.77 14.89
CA TYR A 128 -15.94 -0.54 15.48
C TYR A 128 -14.52 -0.82 15.92
N ARG A 129 -14.23 -1.99 16.45
CA ARG A 129 -12.85 -2.20 16.83
C ARG A 129 -11.89 -2.16 15.66
N TYR A 130 -12.26 -2.81 14.55
CA TYR A 130 -11.50 -2.73 13.34
C TYR A 130 -11.21 -1.32 12.86
N TYR A 131 -12.25 -0.53 12.69
CA TYR A 131 -12.15 0.82 12.22
C TYR A 131 -11.44 1.77 13.19
N ALA A 132 -11.52 1.48 14.47
CA ALA A 132 -10.82 2.28 15.44
C ALA A 132 -9.32 2.10 15.06
N GLY A 133 -8.95 0.90 14.67
CA GLY A 133 -7.51 0.58 14.31
C GLY A 133 -6.99 1.36 13.08
N TRP A 134 -7.90 1.83 12.21
CA TRP A 134 -7.61 2.50 10.92
C TRP A 134 -7.36 3.99 11.14
N THR A 135 -7.86 4.54 12.24
CA THR A 135 -7.71 6.01 12.51
C THR A 135 -6.27 6.52 12.36
N THR A 136 -5.34 5.82 12.98
CA THR A 136 -3.93 6.14 12.99
C THR A 136 -3.13 5.71 11.77
N LYS A 137 -3.80 4.98 10.88
CA LYS A 137 -3.24 4.38 9.70
C LYS A 137 -3.78 4.80 8.32
N ILE A 138 -4.52 5.89 8.24
CA ILE A 138 -5.04 6.35 6.98
C ILE A 138 -3.98 7.23 6.37
N ILE A 139 -3.13 6.60 5.60
CA ILE A 139 -1.98 7.28 5.03
C ILE A 139 -2.05 7.70 3.58
N GLY A 140 -1.45 8.83 3.28
CA GLY A 140 -1.32 9.32 1.92
C GLY A 140 0.08 8.94 1.43
N GLN A 141 0.49 9.51 0.31
CA GLN A 141 1.77 9.21 -0.27
C GLN A 141 2.80 10.31 -0.38
N THR A 142 4.07 9.96 -0.46
CA THR A 142 5.13 10.86 -0.82
C THR A 142 5.54 10.27 -2.17
N ILE A 143 5.54 11.11 -3.17
CA ILE A 143 5.76 10.73 -4.54
C ILE A 143 7.05 11.26 -5.12
N PRO A 144 7.96 10.29 -5.51
CA PRO A 144 9.21 10.80 -6.04
C PRO A 144 9.09 11.16 -7.50
N ILE A 145 9.12 12.43 -7.79
CA ILE A 145 9.00 12.86 -9.14
C ILE A 145 10.23 13.57 -9.65
N SER A 146 10.70 14.54 -8.87
CA SER A 146 11.77 15.34 -9.24
C SER A 146 12.46 15.92 -8.02
N LYS A 147 13.73 16.22 -8.16
CA LYS A 147 14.49 16.79 -7.09
C LYS A 147 14.06 18.19 -6.72
N ASP A 148 13.32 18.84 -7.60
CA ASP A 148 12.85 20.16 -7.39
C ASP A 148 11.59 20.31 -6.57
N TYR A 149 10.92 19.21 -6.26
CA TYR A 149 9.69 19.28 -5.49
C TYR A 149 9.46 18.18 -4.50
N LEU A 150 8.81 18.49 -3.39
CA LEU A 150 8.36 17.51 -2.44
C LEU A 150 6.88 17.40 -2.82
N ASN A 151 6.44 16.19 -3.18
CA ASN A 151 5.09 15.84 -3.64
C ASN A 151 4.48 14.90 -2.61
N TYR A 152 3.34 15.27 -2.06
CA TYR A 152 2.67 14.48 -1.07
C TYR A 152 1.18 14.64 -1.18
N THR A 153 0.45 13.64 -0.75
CA THR A 153 -0.99 13.68 -0.78
C THR A 153 -1.52 13.52 0.61
N ARG A 154 -2.68 14.07 0.85
CA ARG A 154 -3.33 13.95 2.09
C ARG A 154 -4.67 13.34 1.85
N HIS A 155 -5.05 12.38 2.66
CA HIS A 155 -6.36 11.78 2.57
C HIS A 155 -7.23 12.44 3.63
N GLU A 156 -7.89 13.52 3.24
CA GLU A 156 -8.71 14.31 4.16
C GLU A 156 -10.14 13.84 4.30
N PRO A 157 -10.71 13.96 5.48
CA PRO A 157 -12.11 13.57 5.63
C PRO A 157 -12.96 14.48 4.71
N VAL A 158 -13.87 13.90 3.96
CA VAL A 158 -14.73 14.70 3.05
C VAL A 158 -15.58 15.73 3.77
N GLY A 159 -15.99 15.43 4.97
CA GLY A 159 -16.75 16.39 5.73
C GLY A 159 -17.97 15.82 6.40
N VAL A 160 -19.10 16.42 6.10
CA VAL A 160 -20.36 16.02 6.68
C VAL A 160 -20.99 14.99 5.75
N VAL A 161 -21.25 13.85 6.29
CA VAL A 161 -21.75 12.74 5.55
C VAL A 161 -23.17 12.33 5.92
N GLY A 162 -23.99 12.18 4.89
CA GLY A 162 -25.37 11.70 5.03
C GLY A 162 -25.47 10.20 4.75
N GLN A 163 -26.05 9.46 5.71
CA GLN A 163 -26.13 8.02 5.68
C GLN A 163 -27.55 7.52 5.88
N ILE A 164 -28.01 6.59 5.02
CA ILE A 164 -29.35 6.08 5.13
C ILE A 164 -29.27 4.60 5.18
N ILE A 165 -29.75 4.05 6.29
CA ILE A 165 -29.76 2.64 6.60
C ILE A 165 -31.09 1.91 6.49
N PRO A 166 -31.13 0.76 5.84
CA PRO A 166 -32.36 -0.02 5.75
C PRO A 166 -32.65 -0.82 7.05
N TRP A 167 -33.68 -1.65 7.04
CA TRP A 167 -34.17 -2.38 8.22
C TRP A 167 -33.79 -3.83 8.47
N ASN A 168 -33.04 -4.43 7.58
CA ASN A 168 -32.71 -5.82 7.67
C ASN A 168 -31.58 -6.24 8.65
N PHE A 169 -30.62 -5.35 8.88
CA PHE A 169 -29.50 -5.53 9.80
C PHE A 169 -29.25 -4.13 10.39
N PRO A 170 -30.21 -3.61 11.10
CA PRO A 170 -30.17 -2.23 11.58
C PRO A 170 -28.92 -1.74 12.22
N LEU A 171 -28.51 -2.33 13.33
CA LEU A 171 -27.34 -1.89 14.02
C LEU A 171 -26.06 -2.18 13.26
N VAL A 172 -25.87 -3.40 12.80
CA VAL A 172 -24.69 -3.71 12.06
C VAL A 172 -24.57 -2.81 10.84
N MET A 173 -25.66 -2.51 10.15
CA MET A 173 -25.55 -1.66 8.98
C MET A 173 -25.10 -0.25 9.38
N SER A 174 -25.55 0.21 10.53
CA SER A 174 -25.15 1.50 11.00
C SER A 174 -23.63 1.50 11.25
N SER A 175 -23.11 0.39 11.75
CA SER A 175 -21.68 0.32 12.00
C SER A 175 -20.84 0.26 10.71
N TRP A 176 -21.30 -0.44 9.68
CA TRP A 176 -20.58 -0.46 8.44
C TRP A 176 -20.32 1.00 8.00
N LYS A 177 -21.39 1.77 8.02
CA LYS A 177 -21.43 3.15 7.61
C LYS A 177 -20.61 4.09 8.45
N MET A 178 -20.88 4.11 9.72
CA MET A 178 -20.23 4.96 10.67
C MET A 178 -18.77 4.63 11.01
N GLY A 179 -18.40 3.39 11.21
CA GLY A 179 -17.03 3.03 11.49
C GLY A 179 -16.02 3.62 10.49
N ALA A 180 -16.17 3.30 9.23
CA ALA A 180 -15.33 3.87 8.19
C ALA A 180 -15.31 5.42 8.18
N ALA A 181 -16.48 6.01 8.14
CA ALA A 181 -16.58 7.42 8.09
C ALA A 181 -15.96 8.08 9.31
N LEU A 182 -16.26 7.60 10.49
CA LEU A 182 -15.71 8.16 11.71
C LEU A 182 -14.19 7.97 11.74
N ALA A 183 -13.74 6.83 11.24
CA ALA A 183 -12.26 6.57 11.20
C ALA A 183 -11.54 7.67 10.42
N THR A 184 -12.18 8.24 9.41
CA THR A 184 -11.53 9.24 8.62
C THR A 184 -11.61 10.64 9.18
N GLY A 185 -12.41 10.84 10.20
CA GLY A 185 -12.58 12.15 10.79
C GLY A 185 -13.83 12.87 10.28
N CYS A 186 -14.70 12.20 9.56
CA CYS A 186 -15.94 12.80 9.11
C CYS A 186 -16.94 12.96 10.30
N THR A 187 -18.05 13.64 10.04
CA THR A 187 -19.15 13.82 10.97
C THR A 187 -20.37 13.36 10.22
N ILE A 188 -21.32 12.86 10.97
CA ILE A 188 -22.47 12.17 10.45
C ILE A 188 -23.91 12.57 10.79
N VAL A 189 -24.72 12.48 9.77
CA VAL A 189 -26.15 12.66 9.85
C VAL A 189 -26.70 11.31 9.30
N LEU A 190 -27.26 10.51 10.17
CA LEU A 190 -27.73 9.18 9.81
C LEU A 190 -29.19 8.87 10.11
N LYS A 191 -29.85 8.23 9.17
CA LYS A 191 -31.23 7.91 9.33
C LYS A 191 -31.49 6.43 9.34
N PRO A 192 -32.00 5.94 10.52
CA PRO A 192 -32.37 4.52 10.49
C PRO A 192 -33.72 4.34 9.80
N ALA A 193 -34.06 3.11 9.43
CA ALA A 193 -35.31 2.82 8.80
C ALA A 193 -36.51 3.07 9.73
N GLU A 194 -37.60 3.56 9.17
CA GLU A 194 -38.80 3.80 9.97
C GLU A 194 -39.22 2.61 10.82
N GLN A 195 -39.11 1.43 10.27
CA GLN A 195 -39.45 0.18 10.91
C GLN A 195 -38.46 -0.33 11.99
N THR A 196 -37.21 0.12 11.95
CA THR A 196 -36.18 -0.33 12.85
C THR A 196 -35.29 0.78 13.41
N PRO A 197 -35.96 1.78 14.07
CA PRO A 197 -35.10 2.83 14.63
C PRO A 197 -34.51 2.57 16.01
N LEU A 198 -35.03 1.61 16.75
CA LEU A 198 -34.67 1.39 18.13
C LEU A 198 -33.23 1.09 18.54
N SER A 199 -32.66 0.08 17.95
CA SER A 199 -31.29 -0.29 18.29
C SER A 199 -30.31 0.86 18.16
N LEU A 200 -30.49 1.68 17.14
CA LEU A 200 -29.63 2.81 16.91
C LEU A 200 -29.84 3.93 17.93
N LEU A 201 -31.09 4.27 18.20
CA LEU A 201 -31.38 5.30 19.17
C LEU A 201 -30.95 4.87 20.57
N TYR A 202 -30.99 3.59 20.87
CA TYR A 202 -30.49 3.09 22.14
C TYR A 202 -28.95 3.25 22.10
N ALA A 203 -28.33 2.80 21.03
CA ALA A 203 -26.90 2.92 20.87
C ALA A 203 -26.39 4.32 21.11
N ALA A 204 -27.20 5.31 20.81
CA ALA A 204 -26.86 6.69 21.01
C ALA A 204 -26.44 7.03 22.43
N LYS A 205 -27.00 6.36 23.40
CA LYS A 205 -26.62 6.57 24.77
C LYS A 205 -25.12 6.26 24.91
N LEU A 206 -24.69 5.30 24.13
CA LEU A 206 -23.33 4.80 24.15
C LEU A 206 -22.31 5.67 23.49
N PHE A 207 -22.72 6.38 22.46
CA PHE A 207 -21.84 7.33 21.80
C PHE A 207 -21.57 8.50 22.80
N LYS A 208 -22.62 8.87 23.47
CA LYS A 208 -22.53 9.95 24.52
C LYS A 208 -21.61 9.50 25.65
N GLU A 209 -21.83 8.29 26.16
CA GLU A 209 -21.05 7.76 27.23
C GLU A 209 -19.59 7.57 26.90
N ALA A 210 -19.28 7.19 25.66
CA ALA A 210 -17.89 7.03 25.22
C ALA A 210 -17.16 8.38 25.15
N GLY A 211 -17.91 9.44 24.93
CA GLY A 211 -17.36 10.77 24.98
C GLY A 211 -17.30 11.41 23.60
N PHE A 212 -18.09 10.94 22.65
CA PHE A 212 -18.11 11.64 21.37
C PHE A 212 -18.45 13.15 21.55
N PRO A 213 -17.71 14.06 20.97
CA PRO A 213 -18.06 15.47 21.10
C PRO A 213 -19.42 15.74 20.48
N ASN A 214 -20.05 16.82 20.89
CA ASN A 214 -21.35 17.19 20.37
C ASN A 214 -21.37 17.32 18.88
N GLY A 215 -22.33 16.66 18.29
CA GLY A 215 -22.61 16.66 16.90
C GLY A 215 -21.81 15.83 15.93
N VAL A 216 -20.95 14.99 16.43
CA VAL A 216 -20.11 14.22 15.54
C VAL A 216 -20.99 13.17 14.92
N VAL A 217 -21.94 12.66 15.71
CA VAL A 217 -23.00 11.81 15.17
C VAL A 217 -24.38 12.39 15.48
N ASN A 218 -25.29 12.24 14.55
CA ASN A 218 -26.65 12.73 14.68
C ASN A 218 -27.64 11.72 14.11
N PHE A 219 -28.57 11.26 14.94
CA PHE A 219 -29.54 10.26 14.53
C PHE A 219 -30.95 10.82 14.37
N VAL A 220 -31.45 10.72 13.16
CA VAL A 220 -32.73 11.25 12.77
C VAL A 220 -33.73 10.21 12.22
N PRO A 221 -34.46 9.55 13.12
CA PRO A 221 -35.44 8.58 12.69
C PRO A 221 -36.61 9.26 11.97
N GLY A 222 -37.27 8.53 11.12
CA GLY A 222 -38.37 9.02 10.35
C GLY A 222 -38.66 8.26 9.08
N PHE A 223 -39.32 8.95 8.16
CA PHE A 223 -39.76 8.41 6.90
C PHE A 223 -38.92 8.73 5.68
N GLY A 224 -38.92 7.82 4.73
CA GLY A 224 -38.13 7.94 3.51
C GLY A 224 -38.33 9.23 2.78
N PRO A 225 -39.60 9.56 2.39
CA PRO A 225 -39.96 10.78 1.72
C PRO A 225 -39.75 12.11 2.46
N GLU A 226 -39.62 12.14 3.78
CA GLU A 226 -39.40 13.45 4.49
C GLU A 226 -37.94 13.44 4.98
N ALA A 227 -37.60 12.68 6.03
CA ALA A 227 -36.22 12.67 6.58
C ALA A 227 -35.18 12.19 5.58
N GLY A 228 -35.47 11.10 4.90
CA GLY A 228 -34.60 10.63 3.86
C GLY A 228 -34.27 11.55 2.72
N ALA A 229 -35.29 12.10 2.10
CA ALA A 229 -35.11 12.97 1.01
C ALA A 229 -34.44 14.27 1.46
N ALA A 230 -34.71 14.72 2.69
CA ALA A 230 -34.05 15.89 3.21
C ALA A 230 -32.54 15.67 3.31
N ILE A 231 -32.12 14.48 3.66
CA ILE A 231 -30.65 14.19 3.69
C ILE A 231 -30.11 14.16 2.30
N VAL A 232 -30.77 13.39 1.45
CA VAL A 232 -30.38 13.27 0.07
C VAL A 232 -30.26 14.66 -0.56
N ASN A 233 -31.20 15.56 -0.26
CA ASN A 233 -31.27 16.86 -0.98
C ASN A 233 -30.56 18.01 -0.30
N HIS A 234 -29.86 17.75 0.81
CA HIS A 234 -29.29 18.86 1.59
C HIS A 234 -28.03 19.50 0.96
N HIS A 235 -28.03 20.81 0.81
CA HIS A 235 -26.95 21.58 0.22
C HIS A 235 -25.62 21.50 0.92
N ASP A 236 -25.65 21.21 2.20
CA ASP A 236 -24.46 21.15 3.00
C ASP A 236 -23.96 19.79 3.51
N ILE A 237 -24.41 18.69 2.94
CA ILE A 237 -23.95 17.35 3.23
C ILE A 237 -22.94 17.15 2.10
N ASP A 238 -21.75 16.69 2.41
CA ASP A 238 -20.69 16.63 1.43
C ASP A 238 -20.69 15.30 0.61
N LYS A 239 -21.28 14.26 1.15
CA LYS A 239 -21.19 12.90 0.51
C LYS A 239 -22.36 12.10 1.04
N VAL A 240 -22.82 11.11 0.25
CA VAL A 240 -23.95 10.32 0.62
C VAL A 240 -23.63 8.87 0.48
N ALA A 241 -24.16 8.10 1.41
CA ALA A 241 -24.05 6.64 1.41
C ALA A 241 -25.44 6.02 1.65
N PHE A 242 -25.78 5.02 0.84
CA PHE A 242 -27.08 4.40 0.92
C PHE A 242 -27.06 2.94 0.58
N THR A 243 -27.93 2.23 1.26
CA THR A 243 -28.20 0.84 1.01
C THR A 243 -29.73 0.63 1.01
N GLY A 244 -30.23 -0.15 0.06
CA GLY A 244 -31.63 -0.32 -0.22
C GLY A 244 -31.96 -0.89 -1.59
N SER A 245 -33.10 -0.48 -2.10
CA SER A 245 -33.53 -0.92 -3.39
C SER A 245 -32.77 -0.21 -4.52
N THR A 246 -32.58 -0.95 -5.61
CA THR A 246 -31.97 -0.50 -6.82
C THR A 246 -32.74 0.71 -7.36
N VAL A 247 -34.07 0.69 -7.27
CA VAL A 247 -34.86 1.82 -7.69
C VAL A 247 -34.58 3.08 -6.85
N THR A 248 -34.56 2.93 -5.54
CA THR A 248 -34.30 4.05 -4.68
C THR A 248 -32.86 4.53 -4.86
N GLY A 249 -31.95 3.61 -5.15
CA GLY A 249 -30.56 3.94 -5.41
C GLY A 249 -30.48 4.92 -6.58
N LYS A 250 -31.20 4.63 -7.66
CA LYS A 250 -31.26 5.49 -8.83
C LYS A 250 -31.64 6.91 -8.44
N TYR A 251 -32.68 7.05 -7.64
CA TYR A 251 -33.11 8.34 -7.13
C TYR A 251 -32.00 9.07 -6.43
N ILE A 252 -31.35 8.38 -5.50
CA ILE A 252 -30.31 9.01 -4.72
C ILE A 252 -29.18 9.57 -5.60
N MET A 253 -28.81 8.81 -6.63
CA MET A 253 -27.68 9.18 -7.50
C MET A 253 -28.12 10.36 -8.39
N ARG A 254 -29.37 10.30 -8.83
CA ARG A 254 -29.89 11.36 -9.66
C ARG A 254 -29.94 12.68 -8.87
N GLN A 255 -30.40 12.63 -7.61
CA GLN A 255 -30.41 13.85 -6.77
C GLN A 255 -29.02 14.35 -6.52
N SER A 256 -28.11 13.44 -6.14
CA SER A 256 -26.71 13.79 -5.91
C SER A 256 -25.99 14.43 -7.09
N ALA A 257 -26.41 14.11 -8.29
CA ALA A 257 -25.86 14.76 -9.46
C ALA A 257 -25.93 16.28 -9.37
N GLU A 258 -26.95 16.81 -8.73
CA GLU A 258 -27.15 18.27 -8.70
C GLU A 258 -26.11 19.02 -7.90
N MET A 259 -25.47 18.36 -6.97
CA MET A 259 -24.43 18.98 -6.21
C MET A 259 -23.05 18.37 -6.50
N ILE A 260 -22.98 17.44 -7.44
CA ILE A 260 -21.74 16.78 -7.80
C ILE A 260 -21.19 16.04 -6.57
N LYS A 261 -22.08 15.35 -5.90
CA LYS A 261 -21.81 14.64 -4.68
C LYS A 261 -21.50 13.17 -4.86
N HIS A 262 -20.39 12.75 -4.28
CA HIS A 262 -19.93 11.41 -4.33
C HIS A 262 -20.96 10.50 -3.66
N VAL A 263 -21.27 9.40 -4.32
CA VAL A 263 -22.24 8.46 -3.82
C VAL A 263 -21.67 7.06 -3.69
N THR A 264 -22.07 6.35 -2.64
CA THR A 264 -21.76 4.96 -2.39
C THR A 264 -23.10 4.27 -2.20
N LEU A 265 -23.35 3.21 -2.95
CA LEU A 265 -24.59 2.54 -2.83
C LEU A 265 -24.49 1.04 -2.88
N GLU A 266 -25.23 0.38 -2.02
CA GLU A 266 -25.36 -1.08 -2.00
C GLU A 266 -26.82 -1.33 -2.15
N LEU A 267 -27.13 -2.00 -3.22
CA LEU A 267 -28.47 -2.28 -3.62
C LEU A 267 -28.75 -3.79 -3.59
N GLY A 268 -29.78 -4.25 -4.26
CA GLY A 268 -30.15 -5.66 -4.18
C GLY A 268 -29.32 -6.66 -4.93
N GLY A 269 -29.84 -7.86 -5.05
CA GLY A 269 -29.17 -8.88 -5.80
C GLY A 269 -30.06 -10.05 -6.06
N LYS A 270 -29.58 -10.97 -6.85
CA LYS A 270 -30.24 -12.24 -7.15
C LYS A 270 -29.05 -13.16 -7.27
N SER A 271 -28.29 -13.21 -6.20
CA SER A 271 -27.07 -13.95 -6.16
C SER A 271 -27.19 -15.43 -6.45
N PRO A 272 -26.23 -15.93 -7.31
CA PRO A 272 -26.32 -17.36 -7.55
C PRO A 272 -25.43 -18.17 -6.61
N ASN A 273 -25.93 -19.32 -6.19
CA ASN A 273 -25.25 -20.25 -5.33
C ASN A 273 -25.20 -21.54 -6.17
N ILE A 274 -24.02 -21.82 -6.68
CA ILE A 274 -23.76 -22.89 -7.61
C ILE A 274 -23.12 -24.18 -7.10
N ILE A 275 -23.84 -25.27 -7.27
CA ILE A 275 -23.35 -26.57 -6.84
C ILE A 275 -22.86 -27.35 -8.06
N LEU A 276 -21.57 -27.54 -8.14
CA LEU A 276 -20.97 -28.26 -9.23
C LEU A 276 -21.00 -29.76 -8.98
N GLU A 277 -20.69 -30.55 -9.98
CA GLU A 277 -20.75 -32.00 -9.88
C GLU A 277 -19.87 -32.54 -8.80
N ASP A 278 -18.69 -31.97 -8.63
CA ASP A 278 -17.77 -32.41 -7.62
C ASP A 278 -17.83 -31.66 -6.27
N ALA A 279 -18.96 -31.09 -5.96
CA ALA A 279 -19.11 -30.40 -4.70
C ALA A 279 -19.17 -31.43 -3.59
N ASP A 280 -18.99 -30.97 -2.36
CA ASP A 280 -19.14 -31.82 -1.21
C ASP A 280 -20.58 -31.52 -0.93
N LEU A 281 -21.42 -32.42 -1.43
CA LEU A 281 -22.84 -32.29 -1.40
C LEU A 281 -23.52 -31.98 -0.09
N GLU A 282 -23.04 -32.57 0.98
CA GLU A 282 -23.65 -32.37 2.26
C GLU A 282 -23.41 -30.90 2.73
N GLU A 283 -22.20 -30.43 2.55
CA GLU A 283 -21.85 -29.03 2.94
C GLU A 283 -22.63 -28.07 2.02
N ALA A 284 -22.74 -28.39 0.74
CA ALA A 284 -23.33 -27.49 -0.26
C ALA A 284 -24.82 -27.37 -0.06
N ILE A 285 -25.49 -28.46 0.32
CA ILE A 285 -26.93 -28.40 0.62
C ILE A 285 -27.20 -27.45 1.80
N ASN A 286 -26.39 -27.54 2.84
CA ASN A 286 -26.54 -26.69 4.05
C ASN A 286 -26.25 -25.24 3.72
N GLY A 287 -25.29 -25.04 2.84
CA GLY A 287 -24.90 -23.69 2.43
C GLY A 287 -26.00 -23.04 1.59
N ALA A 288 -26.59 -23.86 0.75
CA ALA A 288 -27.65 -23.45 -0.15
C ALA A 288 -28.87 -23.09 0.66
N PHE A 289 -29.17 -23.84 1.69
CA PHE A 289 -30.33 -23.61 2.50
C PHE A 289 -30.11 -22.35 3.33
N GLN A 290 -29.03 -22.26 4.08
CA GLN A 290 -28.70 -21.06 4.90
C GLN A 290 -28.53 -19.82 4.03
N GLY A 291 -27.98 -20.01 2.87
CA GLY A 291 -27.72 -18.95 1.93
C GLY A 291 -28.92 -18.10 1.58
N ILE A 292 -30.08 -18.71 1.55
CA ILE A 292 -31.34 -18.05 1.28
C ILE A 292 -32.20 -17.82 2.51
N MET A 293 -32.25 -18.77 3.44
CA MET A 293 -33.06 -18.64 4.64
C MET A 293 -32.55 -17.70 5.75
N TYR A 294 -31.25 -17.47 5.77
CA TYR A 294 -30.60 -16.63 6.74
C TYR A 294 -31.26 -15.29 6.73
N ASN A 295 -31.53 -14.76 7.93
CA ASN A 295 -32.24 -13.52 8.12
C ASN A 295 -33.60 -13.43 7.40
N HIS A 296 -34.25 -14.58 7.24
CA HIS A 296 -35.59 -14.67 6.65
C HIS A 296 -35.54 -14.28 5.14
N GLY A 297 -34.35 -14.38 4.56
CA GLY A 297 -34.17 -13.95 3.17
C GLY A 297 -34.08 -12.48 2.92
N GLN A 298 -34.16 -11.71 4.00
CA GLN A 298 -34.06 -10.26 3.98
C GLN A 298 -32.57 -9.92 4.00
N ASN A 299 -31.90 -10.29 2.93
CA ASN A 299 -30.49 -10.15 2.76
C ASN A 299 -30.07 -9.93 1.32
N CYS A 300 -29.43 -8.81 1.08
CA CYS A 300 -28.88 -8.37 -0.19
C CYS A 300 -28.23 -9.49 -0.99
N SER A 301 -27.34 -10.18 -0.33
CA SER A 301 -26.52 -11.21 -0.88
C SER A 301 -27.06 -12.64 -0.79
N ALA A 302 -28.35 -12.76 -0.54
CA ALA A 302 -28.97 -14.03 -0.40
C ALA A 302 -28.84 -14.85 -1.68
N GLY A 303 -28.52 -16.10 -1.51
CA GLY A 303 -28.39 -17.00 -2.64
C GLY A 303 -29.76 -17.46 -3.03
N SER A 304 -30.47 -16.54 -3.63
CA SER A 304 -31.84 -16.69 -4.07
C SER A 304 -31.99 -17.59 -5.31
N ARG A 305 -30.92 -17.77 -6.05
CA ARG A 305 -30.91 -18.70 -7.21
C ARG A 305 -29.95 -19.84 -6.91
N VAL A 306 -30.47 -21.03 -6.68
CA VAL A 306 -29.67 -22.16 -6.40
C VAL A 306 -29.51 -22.99 -7.66
N PHE A 307 -28.34 -22.95 -8.26
CA PHE A 307 -28.03 -23.69 -9.46
C PHE A 307 -27.43 -25.01 -9.02
N VAL A 308 -27.91 -26.12 -9.60
CA VAL A 308 -27.47 -27.43 -9.19
C VAL A 308 -27.12 -28.24 -10.43
N HIS A 309 -25.96 -28.87 -10.43
CA HIS A 309 -25.58 -29.70 -11.53
C HIS A 309 -26.62 -30.84 -11.67
N ARG A 310 -26.99 -31.18 -12.92
CA ARG A 310 -28.09 -32.15 -13.22
C ARG A 310 -28.05 -33.40 -12.35
N LYS A 311 -26.86 -33.95 -12.16
CA LYS A 311 -26.68 -35.14 -11.34
C LYS A 311 -27.29 -35.05 -9.94
N HIS A 312 -27.15 -33.86 -9.31
CA HIS A 312 -27.54 -33.65 -7.94
C HIS A 312 -28.86 -32.94 -7.74
N TYR A 313 -29.44 -32.47 -8.82
CA TYR A 313 -30.64 -31.64 -8.77
C TYR A 313 -31.74 -32.16 -7.87
N GLU A 314 -32.22 -33.37 -8.15
CA GLU A 314 -33.35 -33.91 -7.36
C GLU A 314 -33.00 -34.09 -5.92
N THR A 315 -31.76 -34.54 -5.65
CA THR A 315 -31.28 -34.76 -4.31
C THR A 315 -31.28 -33.41 -3.54
N VAL A 316 -30.89 -32.33 -4.22
CA VAL A 316 -30.87 -31.02 -3.54
C VAL A 316 -32.28 -30.51 -3.29
N VAL A 317 -33.15 -30.59 -4.33
CA VAL A 317 -34.57 -30.20 -4.19
C VAL A 317 -35.17 -30.95 -3.00
N ASP A 318 -35.03 -32.28 -2.95
CA ASP A 318 -35.68 -33.01 -1.82
C ASP A 318 -35.18 -32.52 -0.45
N ALA A 319 -33.87 -32.29 -0.33
CA ALA A 319 -33.29 -31.83 0.92
C ALA A 319 -33.72 -30.43 1.33
N LEU A 320 -33.69 -29.47 0.39
CA LEU A 320 -34.21 -28.11 0.65
C LEU A 320 -35.72 -28.07 0.99
N VAL A 321 -36.50 -28.95 0.36
CA VAL A 321 -37.93 -29.10 0.73
C VAL A 321 -38.07 -29.56 2.19
N LYS A 322 -37.45 -30.67 2.53
CA LYS A 322 -37.53 -31.19 3.92
C LYS A 322 -37.07 -30.11 4.92
N MET A 323 -35.93 -29.49 4.65
CA MET A 323 -35.36 -28.40 5.49
C MET A 323 -36.33 -27.20 5.63
N ALA A 324 -36.83 -26.72 4.50
CA ALA A 324 -37.81 -25.65 4.54
C ALA A 324 -39.01 -25.93 5.44
N ASN A 325 -39.57 -27.12 5.26
CA ASN A 325 -40.70 -27.54 6.04
C ASN A 325 -40.41 -27.77 7.50
N ASN A 326 -39.15 -28.05 7.90
CA ASN A 326 -38.78 -28.20 9.27
C ASN A 326 -38.44 -26.93 10.01
N VAL A 327 -38.41 -25.78 9.34
CA VAL A 327 -38.06 -24.56 10.06
C VAL A 327 -39.09 -24.16 11.09
N LYS A 328 -38.62 -23.89 12.29
CA LYS A 328 -39.50 -23.38 13.35
C LYS A 328 -39.65 -21.89 13.32
N LEU A 329 -40.85 -21.42 12.90
CA LEU A 329 -41.18 -20.03 12.80
C LEU A 329 -41.74 -19.57 14.11
N GLY A 330 -41.47 -18.34 14.49
CA GLY A 330 -42.05 -17.85 15.72
C GLY A 330 -41.48 -16.51 15.98
N ALA A 331 -41.85 -15.93 17.11
CA ALA A 331 -41.33 -14.65 17.50
C ALA A 331 -39.84 -14.72 17.85
N GLY A 332 -39.17 -13.58 17.59
CA GLY A 332 -37.74 -13.39 17.88
C GLY A 332 -37.37 -13.53 19.35
N MET A 333 -38.29 -13.12 20.20
CA MET A 333 -38.07 -13.16 21.61
C MET A 333 -38.48 -14.48 22.26
N GLU A 334 -38.69 -15.51 21.48
CA GLU A 334 -39.05 -16.84 21.95
C GLU A 334 -37.88 -17.75 21.66
N LYS A 335 -37.40 -18.48 22.64
CA LYS A 335 -36.23 -19.33 22.48
C LYS A 335 -36.22 -20.42 21.43
N GLU A 336 -37.37 -20.94 21.06
CA GLU A 336 -37.30 -21.99 20.09
C GLU A 336 -37.29 -21.54 18.64
N THR A 337 -37.55 -20.25 18.43
CA THR A 337 -37.58 -19.68 17.09
C THR A 337 -36.26 -19.81 16.31
N GLU A 338 -36.38 -20.25 15.09
CA GLU A 338 -35.32 -20.40 14.11
C GLU A 338 -35.45 -19.32 12.97
N MET A 339 -36.66 -18.87 12.68
CA MET A 339 -36.93 -17.88 11.62
C MET A 339 -38.10 -17.06 12.08
N GLY A 340 -37.84 -15.77 12.25
CA GLY A 340 -38.88 -14.80 12.61
C GLY A 340 -39.73 -14.32 11.43
N PRO A 341 -40.56 -13.34 11.68
CA PRO A 341 -41.41 -12.80 10.63
C PRO A 341 -40.68 -11.81 9.71
N LEU A 342 -41.36 -11.35 8.67
CA LEU A 342 -40.81 -10.37 7.77
C LEU A 342 -40.95 -9.06 8.56
N VAL A 343 -40.26 -8.03 8.16
CA VAL A 343 -40.25 -6.80 8.90
C VAL A 343 -41.55 -6.00 9.02
N SER A 344 -42.47 -6.25 8.11
CA SER A 344 -43.69 -5.51 8.06
C SER A 344 -44.76 -6.08 7.16
N LYS A 345 -46.00 -5.65 7.40
CA LYS A 345 -47.12 -5.98 6.49
C LYS A 345 -46.79 -5.70 5.04
N LYS A 346 -46.31 -4.51 4.77
CA LYS A 346 -45.94 -4.22 3.35
C LYS A 346 -44.96 -5.21 2.74
N GLN A 347 -43.93 -5.60 3.50
CA GLN A 347 -42.98 -6.56 2.99
C GLN A 347 -43.58 -7.95 2.82
N GLN A 348 -44.37 -8.38 3.79
CA GLN A 348 -45.08 -9.68 3.69
C GLN A 348 -45.95 -9.72 2.45
N GLU A 349 -46.71 -8.65 2.24
CA GLU A 349 -47.57 -8.55 1.03
C GLU A 349 -46.74 -8.60 -0.25
N ARG A 350 -45.62 -7.90 -0.23
CA ARG A 350 -44.71 -7.90 -1.33
C ARG A 350 -44.21 -9.30 -1.67
N VAL A 351 -43.74 -10.07 -0.70
CA VAL A 351 -43.26 -11.41 -1.02
C VAL A 351 -44.36 -12.42 -1.39
N LEU A 352 -45.50 -12.29 -0.75
CA LEU A 352 -46.63 -13.12 -1.08
C LEU A 352 -47.02 -12.83 -2.53
N ASN A 353 -46.96 -11.59 -2.96
CA ASN A 353 -47.26 -11.28 -4.35
C ASN A 353 -46.29 -11.90 -5.34
N TYR A 354 -45.03 -11.91 -4.99
CA TYR A 354 -44.02 -12.50 -5.79
C TYR A 354 -44.26 -13.99 -5.93
N ILE A 355 -44.67 -14.65 -4.85
CA ILE A 355 -44.97 -16.07 -4.86
C ILE A 355 -46.12 -16.34 -5.82
N GLU A 356 -47.18 -15.60 -5.68
CA GLU A 356 -48.35 -15.61 -6.63
C GLU A 356 -47.93 -15.42 -8.06
N GLN A 357 -47.08 -14.43 -8.31
CA GLN A 357 -46.54 -14.28 -9.66
C GLN A 357 -45.80 -15.51 -10.14
N GLY A 358 -45.01 -16.13 -9.25
CA GLY A 358 -44.27 -17.31 -9.60
C GLY A 358 -45.16 -18.46 -10.04
N LYS A 359 -46.22 -18.66 -9.28
CA LYS A 359 -47.24 -19.65 -9.62
C LYS A 359 -47.97 -19.30 -10.91
N LYS A 360 -48.33 -18.05 -11.07
CA LYS A 360 -48.98 -17.61 -12.27
C LYS A 360 -48.09 -17.90 -13.46
N GLU A 361 -46.81 -17.61 -13.36
CA GLU A 361 -45.88 -17.84 -14.45
C GLU A 361 -45.49 -19.28 -14.77
N GLY A 362 -45.99 -20.22 -13.98
CA GLY A 362 -45.86 -21.66 -14.27
C GLY A 362 -44.84 -22.42 -13.44
N ALA A 363 -44.32 -21.80 -12.39
CA ALA A 363 -43.38 -22.45 -11.51
C ALA A 363 -44.11 -23.39 -10.55
N THR A 364 -43.36 -24.23 -9.88
CA THR A 364 -43.91 -25.15 -8.94
C THR A 364 -43.54 -24.82 -7.52
N VAL A 365 -44.52 -24.81 -6.66
CA VAL A 365 -44.27 -24.57 -5.29
C VAL A 365 -44.00 -25.93 -4.66
N ALA A 366 -42.73 -26.25 -4.52
CA ALA A 366 -42.32 -27.48 -3.89
C ALA A 366 -42.45 -27.45 -2.38
N ALA A 367 -42.56 -26.26 -1.80
CA ALA A 367 -42.69 -26.14 -0.37
C ALA A 367 -43.04 -24.74 0.01
N GLY A 368 -43.83 -24.61 1.08
CA GLY A 368 -44.28 -23.36 1.62
C GLY A 368 -45.19 -22.60 0.70
N GLY A 369 -44.80 -21.38 0.40
CA GLY A 369 -45.52 -20.56 -0.51
C GLY A 369 -46.75 -19.82 -0.06
N GLU A 370 -46.86 -19.61 1.22
CA GLU A 370 -47.96 -18.88 1.75
C GLU A 370 -47.60 -18.30 3.10
N ARG A 371 -48.47 -17.50 3.64
CA ARG A 371 -48.25 -16.95 4.96
C ARG A 371 -48.27 -18.07 6.06
N ALA A 372 -47.89 -17.73 7.29
CA ALA A 372 -47.77 -18.73 8.38
C ALA A 372 -48.24 -18.13 9.65
N LEU A 373 -48.61 -18.97 10.61
CA LEU A 373 -49.00 -18.54 11.97
C LEU A 373 -50.25 -17.65 11.93
N GLU A 374 -50.69 -17.20 13.09
CA GLU A 374 -51.96 -16.48 13.19
C GLU A 374 -51.74 -14.99 13.08
N LYS A 375 -50.74 -14.51 13.79
CA LYS A 375 -50.44 -13.12 13.81
C LYS A 375 -48.98 -12.91 13.42
N GLY A 376 -48.63 -11.72 13.00
CA GLY A 376 -47.27 -11.43 12.60
C GLY A 376 -47.04 -11.58 11.12
N TYR A 377 -46.06 -10.90 10.62
CA TYR A 377 -45.75 -10.88 9.21
C TYR A 377 -44.95 -12.06 8.64
N PHE A 378 -45.34 -13.25 9.02
CA PHE A 378 -44.68 -14.45 8.63
C PHE A 378 -44.95 -14.98 7.24
N VAL A 379 -43.94 -15.59 6.68
CA VAL A 379 -44.03 -16.28 5.41
C VAL A 379 -43.27 -17.59 5.53
N LYS A 380 -43.87 -18.67 5.05
CA LYS A 380 -43.25 -19.97 5.06
C LYS A 380 -42.05 -20.01 4.15
N PRO A 381 -40.95 -20.70 4.65
CA PRO A 381 -39.83 -20.84 3.75
C PRO A 381 -40.32 -21.51 2.46
N THR A 382 -39.98 -20.98 1.33
CA THR A 382 -40.46 -21.45 0.07
C THR A 382 -39.47 -21.92 -0.97
N VAL A 383 -39.76 -23.04 -1.60
CA VAL A 383 -38.93 -23.60 -2.62
C VAL A 383 -39.67 -23.74 -3.93
N PHE A 384 -39.20 -23.03 -4.94
CA PHE A 384 -39.74 -23.11 -6.26
C PHE A 384 -38.88 -23.95 -7.16
N THR A 385 -39.53 -24.83 -7.90
CA THR A 385 -38.90 -25.64 -8.97
C THR A 385 -39.63 -25.39 -10.27
N ASP A 386 -39.16 -26.03 -11.32
CA ASP A 386 -39.73 -25.91 -12.62
C ASP A 386 -39.71 -24.46 -13.05
N VAL A 387 -38.61 -23.78 -12.84
CA VAL A 387 -38.50 -22.39 -13.20
C VAL A 387 -37.64 -22.21 -14.43
N THR A 388 -37.84 -21.11 -15.13
CA THR A 388 -37.03 -20.76 -16.26
C THR A 388 -36.39 -19.39 -16.05
N ASP A 389 -35.30 -19.16 -16.72
CA ASP A 389 -34.51 -17.95 -16.56
C ASP A 389 -35.24 -16.61 -16.80
N ASP A 390 -36.28 -16.65 -17.62
CA ASP A 390 -37.08 -15.46 -17.98
C ASP A 390 -38.19 -15.13 -16.97
N MET A 391 -38.46 -16.01 -16.00
CA MET A 391 -39.45 -15.74 -14.96
C MET A 391 -39.04 -14.59 -14.03
N THR A 392 -40.05 -13.82 -13.68
CA THR A 392 -39.98 -12.74 -12.74
C THR A 392 -39.35 -13.14 -11.41
N ILE A 393 -39.81 -14.28 -10.87
CA ILE A 393 -39.23 -14.78 -9.63
C ILE A 393 -37.80 -15.21 -9.78
N VAL A 394 -37.32 -15.53 -10.98
CA VAL A 394 -35.92 -15.80 -11.09
C VAL A 394 -35.07 -14.56 -11.38
N LYS A 395 -35.62 -13.56 -12.00
CA LYS A 395 -34.88 -12.37 -12.29
C LYS A 395 -34.90 -11.32 -11.19
N GLU A 396 -35.99 -11.21 -10.45
CA GLU A 396 -36.19 -10.16 -9.46
C GLU A 396 -35.90 -10.45 -7.98
N GLU A 397 -35.43 -9.45 -7.23
CA GLU A 397 -35.17 -9.69 -5.82
C GLU A 397 -36.50 -9.76 -5.09
N ILE A 398 -36.69 -10.84 -4.35
CA ILE A 398 -37.93 -11.12 -3.64
C ILE A 398 -37.89 -10.60 -2.20
N PHE A 399 -36.76 -10.83 -1.53
CA PHE A 399 -36.46 -10.39 -0.18
C PHE A 399 -37.30 -11.07 0.85
N GLY A 400 -37.52 -12.33 0.60
CA GLY A 400 -38.24 -13.21 1.45
C GLY A 400 -37.53 -14.54 1.51
N PRO A 401 -38.08 -15.44 2.41
CA PRO A 401 -37.40 -16.74 2.47
C PRO A 401 -37.82 -17.61 1.27
N VAL A 402 -37.53 -17.14 0.08
CA VAL A 402 -37.92 -17.78 -1.15
C VAL A 402 -36.77 -18.08 -2.09
N VAL A 403 -36.68 -19.32 -2.53
CA VAL A 403 -35.60 -19.77 -3.38
C VAL A 403 -36.02 -20.49 -4.63
N VAL A 404 -35.24 -20.32 -5.68
CA VAL A 404 -35.49 -21.02 -6.91
C VAL A 404 -34.38 -21.99 -7.15
N VAL A 405 -34.70 -23.16 -7.64
CA VAL A 405 -33.72 -24.16 -7.89
C VAL A 405 -33.72 -24.50 -9.36
N LEU A 406 -32.53 -24.43 -9.91
CA LEU A 406 -32.30 -24.60 -11.31
C LEU A 406 -31.23 -25.55 -11.64
N PRO A 407 -31.58 -26.56 -12.52
CA PRO A 407 -30.49 -27.43 -12.90
C PRO A 407 -29.69 -26.92 -14.08
N PHE A 408 -28.46 -27.37 -14.19
CA PHE A 408 -27.56 -27.05 -15.32
C PHE A 408 -26.79 -28.28 -15.79
N ASP A 409 -26.28 -28.24 -17.01
CA ASP A 409 -25.52 -29.36 -17.57
C ASP A 409 -24.02 -29.13 -17.79
N SER A 410 -23.55 -27.88 -17.82
CA SER A 410 -22.15 -27.62 -17.97
C SER A 410 -21.78 -26.34 -17.20
N THR A 411 -20.52 -26.23 -16.84
CA THR A 411 -19.94 -25.10 -16.14
C THR A 411 -20.03 -23.82 -16.98
N GLU A 412 -19.73 -23.93 -18.28
CA GLU A 412 -19.81 -22.79 -19.16
C GLU A 412 -21.23 -22.24 -19.15
N GLU A 413 -22.20 -23.13 -19.23
CA GLU A 413 -23.62 -22.74 -19.13
C GLU A 413 -23.98 -22.01 -17.83
N VAL A 414 -23.56 -22.54 -16.67
CA VAL A 414 -23.97 -21.98 -15.37
C VAL A 414 -23.39 -20.58 -15.18
N ILE A 415 -22.17 -20.41 -15.66
CA ILE A 415 -21.48 -19.14 -15.55
C ILE A 415 -22.27 -18.14 -16.39
N GLU A 416 -22.63 -18.51 -17.60
CA GLU A 416 -23.41 -17.60 -18.46
C GLU A 416 -24.77 -17.25 -17.84
N ARG A 417 -25.42 -18.22 -17.24
CA ARG A 417 -26.78 -18.01 -16.68
C ARG A 417 -26.68 -17.19 -15.37
N ALA A 418 -25.65 -17.45 -14.57
CA ALA A 418 -25.40 -16.75 -13.31
C ALA A 418 -25.12 -15.27 -13.55
N ASN A 419 -24.27 -15.00 -14.55
CA ASN A 419 -23.93 -13.62 -14.92
C ASN A 419 -25.03 -12.91 -15.72
N ASN A 420 -26.01 -13.61 -16.24
CA ASN A 420 -27.04 -12.94 -17.04
C ASN A 420 -28.02 -12.29 -16.16
N SER A 421 -27.63 -11.17 -15.57
CA SER A 421 -28.47 -10.45 -14.66
C SER A 421 -27.94 -9.02 -14.49
N SER A 422 -28.83 -8.12 -14.13
CA SER A 422 -28.53 -6.74 -13.83
C SER A 422 -27.81 -6.65 -12.50
N TYR A 423 -28.00 -7.66 -11.68
CA TYR A 423 -27.43 -7.72 -10.39
C TYR A 423 -26.04 -8.40 -10.39
N GLY A 424 -25.28 -8.13 -9.35
CA GLY A 424 -23.97 -8.70 -9.15
C GLY A 424 -23.37 -8.44 -7.78
N LEU A 425 -24.14 -8.73 -6.76
CA LEU A 425 -23.73 -8.53 -5.42
C LEU A 425 -22.77 -9.61 -4.93
N ALA A 426 -23.17 -10.87 -5.08
CA ALA A 426 -22.40 -11.99 -4.65
C ALA A 426 -22.69 -13.30 -5.43
N ALA A 427 -21.94 -14.33 -5.12
CA ALA A 427 -22.08 -15.67 -5.70
C ALA A 427 -21.36 -16.63 -4.77
N GLY A 428 -21.80 -17.90 -4.79
CA GLY A 428 -21.11 -18.93 -4.08
C GLY A 428 -20.87 -20.07 -5.10
N VAL A 429 -19.76 -20.80 -4.95
CA VAL A 429 -19.45 -21.90 -5.85
C VAL A 429 -18.95 -23.05 -5.03
N TRP A 430 -19.50 -24.25 -5.28
CA TRP A 430 -19.18 -25.40 -4.48
C TRP A 430 -18.49 -26.43 -5.36
N THR A 431 -17.21 -26.73 -5.07
CA THR A 431 -16.47 -27.67 -5.85
C THR A 431 -15.24 -28.02 -5.02
N GLN A 432 -14.78 -29.26 -5.08
CA GLN A 432 -13.61 -29.70 -4.29
C GLN A 432 -12.36 -29.52 -5.12
N ASN A 433 -12.54 -29.09 -6.37
CA ASN A 433 -11.39 -29.04 -7.28
C ASN A 433 -10.76 -27.63 -7.23
N ILE A 434 -9.45 -27.60 -6.97
CA ILE A 434 -8.68 -26.37 -6.81
C ILE A 434 -8.71 -25.46 -8.01
N LYS A 435 -8.64 -26.04 -9.20
CA LYS A 435 -8.62 -25.22 -10.40
C LYS A 435 -10.03 -24.68 -10.72
N THR A 436 -11.04 -25.53 -10.68
CA THR A 436 -12.45 -25.11 -10.89
C THR A 436 -12.92 -23.96 -9.94
N GLY A 437 -12.52 -24.10 -8.71
CA GLY A 437 -12.94 -23.12 -7.66
C GLY A 437 -12.56 -21.75 -8.12
N HIS A 438 -11.29 -21.56 -8.30
CA HIS A 438 -10.74 -20.27 -8.68
C HIS A 438 -11.12 -19.80 -10.01
N GLN A 439 -11.18 -20.71 -11.04
CA GLN A 439 -11.58 -20.30 -12.36
C GLN A 439 -12.96 -19.75 -12.42
N VAL A 440 -13.91 -20.45 -11.79
CA VAL A 440 -15.32 -20.05 -11.78
C VAL A 440 -15.43 -18.73 -10.91
N ALA A 441 -14.74 -18.66 -9.83
CA ALA A 441 -14.78 -17.35 -9.03
C ALA A 441 -14.31 -16.19 -9.91
N ASN A 442 -13.29 -16.41 -10.72
CA ASN A 442 -12.78 -15.36 -11.57
C ASN A 442 -13.80 -14.91 -12.60
N LYS A 443 -14.62 -15.81 -13.10
CA LYS A 443 -15.55 -15.49 -14.14
C LYS A 443 -16.88 -14.94 -13.71
N LEU A 444 -17.23 -15.07 -12.45
CA LEU A 444 -18.53 -14.61 -11.95
C LEU A 444 -18.43 -13.10 -11.68
N LYS A 445 -19.39 -12.31 -12.17
CA LYS A 445 -19.41 -10.87 -12.04
C LYS A 445 -20.08 -10.48 -10.70
N ALA A 446 -19.37 -10.66 -9.61
CA ALA A 446 -19.94 -10.36 -8.29
C ALA A 446 -18.96 -9.77 -7.37
N GLY A 447 -19.35 -8.83 -6.54
CA GLY A 447 -18.40 -8.21 -5.64
C GLY A 447 -17.74 -9.13 -4.59
N THR A 448 -18.46 -10.18 -4.20
CA THR A 448 -17.99 -11.18 -3.29
C THR A 448 -18.29 -12.58 -3.86
N VAL A 449 -17.33 -13.47 -3.76
CA VAL A 449 -17.51 -14.86 -4.13
C VAL A 449 -17.04 -15.80 -3.03
N TRP A 450 -17.92 -16.61 -2.53
CA TRP A 450 -17.58 -17.63 -1.53
C TRP A 450 -17.39 -18.98 -2.23
N ILE A 451 -16.22 -19.58 -2.03
CA ILE A 451 -15.89 -20.87 -2.56
C ILE A 451 -16.03 -21.89 -1.42
N ASN A 452 -17.01 -22.75 -1.54
CA ASN A 452 -17.32 -23.76 -0.56
C ASN A 452 -17.77 -23.14 0.79
N ASP A 453 -18.58 -22.12 0.68
CA ASP A 453 -19.19 -21.41 1.78
C ASP A 453 -20.23 -20.44 1.21
N TYR A 454 -20.83 -19.65 2.07
CA TYR A 454 -21.82 -18.64 1.70
C TYR A 454 -22.12 -17.69 2.86
N ASN A 455 -22.51 -16.47 2.51
CA ASN A 455 -22.91 -15.42 3.52
C ASN A 455 -21.90 -15.13 4.58
N LEU A 456 -20.62 -15.16 4.24
CA LEU A 456 -19.66 -14.73 5.19
C LEU A 456 -19.27 -13.27 5.00
N GLU A 457 -19.26 -12.53 6.11
CA GLU A 457 -18.86 -11.13 6.12
C GLU A 457 -17.87 -10.91 7.26
N ASN A 458 -16.91 -9.99 7.04
CA ASN A 458 -16.05 -9.57 8.13
C ASN A 458 -15.60 -8.13 7.93
N ALA A 459 -15.38 -7.41 9.02
CA ALA A 459 -14.97 -6.05 8.96
C ALA A 459 -13.83 -5.77 7.98
N ALA A 460 -12.87 -6.68 7.91
CA ALA A 460 -11.70 -6.57 7.09
C ALA A 460 -11.84 -6.82 5.59
N ALA A 461 -12.92 -7.45 5.14
CA ALA A 461 -13.11 -7.82 3.76
C ALA A 461 -14.16 -7.01 3.05
N PRO A 462 -13.83 -6.42 1.92
CA PRO A 462 -14.89 -5.59 1.29
C PRO A 462 -16.07 -6.28 0.76
N PHE A 463 -17.15 -5.53 0.73
CA PHE A 463 -18.41 -5.91 0.23
C PHE A 463 -19.10 -4.87 -0.70
N GLY A 464 -19.71 -5.34 -1.77
CA GLY A 464 -20.44 -4.47 -2.67
C GLY A 464 -20.77 -5.03 -4.03
N GLY A 465 -21.51 -4.28 -4.85
CA GLY A 465 -21.91 -4.75 -6.14
C GLY A 465 -21.28 -4.30 -7.44
N TYR A 466 -21.35 -5.21 -8.40
CA TYR A 466 -20.97 -4.99 -9.73
C TYR A 466 -22.31 -4.50 -10.32
N LYS A 467 -22.25 -4.03 -11.55
CA LYS A 467 -23.44 -3.64 -12.23
C LYS A 467 -24.45 -2.85 -11.42
N GLN A 468 -25.70 -3.27 -11.42
CA GLN A 468 -26.74 -2.55 -10.78
C GLN A 468 -26.92 -2.92 -9.33
N SER A 469 -26.02 -3.72 -8.79
CA SER A 469 -26.09 -4.05 -7.38
C SER A 469 -25.41 -2.93 -6.56
N GLY A 470 -24.84 -1.95 -7.22
CA GLY A 470 -24.18 -0.85 -6.53
C GLY A 470 -22.99 -0.14 -7.15
N ILE A 471 -22.44 0.80 -6.38
CA ILE A 471 -21.25 1.58 -6.69
C ILE A 471 -20.40 1.65 -5.42
N GLY A 472 -19.16 1.25 -5.51
CA GLY A 472 -18.25 1.30 -4.40
C GLY A 472 -18.36 0.11 -3.51
N ARG A 473 -17.55 0.12 -2.47
CA ARG A 473 -17.49 -0.93 -1.52
C ARG A 473 -17.59 -0.51 -0.07
N GLU A 474 -18.15 -1.36 0.75
CA GLU A 474 -18.11 -1.08 2.17
C GLU A 474 -17.23 -2.16 2.79
N LEU A 475 -16.80 -1.89 4.02
CA LEU A 475 -15.93 -2.74 4.82
C LEU A 475 -14.53 -2.77 4.24
N GLY A 476 -13.57 -3.28 4.97
CA GLY A 476 -12.23 -3.32 4.51
C GLY A 476 -11.57 -1.95 4.50
N SER A 477 -10.36 -1.89 3.99
CA SER A 477 -9.66 -0.67 3.84
C SER A 477 -10.43 0.17 2.83
N TYR A 478 -10.97 -0.50 1.83
CA TYR A 478 -11.67 0.12 0.69
C TYR A 478 -12.76 1.11 1.11
N ALA A 479 -13.48 0.79 2.17
CA ALA A 479 -14.64 1.63 2.60
C ALA A 479 -14.15 3.05 2.98
N LEU A 480 -12.92 3.15 3.43
CA LEU A 480 -12.31 4.48 3.86
C LEU A 480 -12.20 5.46 2.73
N ASP A 481 -11.95 4.99 1.51
CA ASP A 481 -11.73 5.88 0.39
C ASP A 481 -13.03 6.59 -0.07
N ASN A 482 -14.19 6.06 0.30
CA ASN A 482 -15.45 6.70 0.02
C ASN A 482 -15.59 7.92 0.96
N TYR A 483 -14.88 7.94 2.04
CA TYR A 483 -15.00 9.05 3.02
C TYR A 483 -13.94 10.14 3.01
N THR A 484 -13.07 10.06 2.05
CA THR A 484 -12.01 11.01 1.95
C THR A 484 -11.91 11.74 0.64
N GLU A 485 -11.36 12.93 0.68
CA GLU A 485 -10.85 13.66 -0.51
C GLU A 485 -9.33 13.63 -0.48
N VAL A 486 -8.73 13.41 -1.63
CA VAL A 486 -7.30 13.33 -1.85
C VAL A 486 -6.87 14.71 -2.29
N LYS A 487 -5.90 15.25 -1.54
CA LYS A 487 -5.31 16.55 -1.83
C LYS A 487 -3.88 16.25 -2.19
N SER A 488 -3.46 16.72 -3.35
CA SER A 488 -2.09 16.59 -3.77
C SER A 488 -1.38 17.93 -3.60
N VAL A 489 -0.31 17.94 -2.80
CA VAL A 489 0.42 19.16 -2.41
C VAL A 489 1.77 19.11 -3.10
N TRP A 490 2.14 20.18 -3.78
CA TRP A 490 3.45 20.32 -4.37
C TRP A 490 4.16 21.39 -3.57
N VAL A 491 5.37 21.14 -3.03
CA VAL A 491 6.18 22.14 -2.41
C VAL A 491 7.41 22.35 -3.29
N ASN A 492 7.53 23.53 -3.87
CA ASN A 492 8.74 23.95 -4.62
C ASN A 492 9.90 24.03 -3.67
N ILE A 493 10.91 23.23 -3.93
CA ILE A 493 12.15 23.21 -3.15
C ILE A 493 13.36 23.47 -4.02
N LYS A 494 13.15 24.24 -5.09
CA LYS A 494 14.28 24.56 -6.00
C LYS A 494 15.27 25.55 -5.40
N THR B 4 6.71 34.82 -39.41
CA THR B 4 7.52 33.56 -39.60
C THR B 4 6.73 32.29 -39.24
N ASN B 5 6.30 31.58 -40.28
CA ASN B 5 5.53 30.36 -40.14
C ASN B 5 6.40 29.15 -39.87
N ILE B 6 5.89 28.21 -39.09
CA ILE B 6 6.53 26.92 -38.89
C ILE B 6 6.04 26.10 -40.06
N GLU B 7 6.98 25.46 -40.74
CA GLU B 7 6.68 24.65 -41.90
C GLU B 7 6.03 23.31 -41.54
N LEU B 8 4.93 23.02 -42.20
CA LEU B 8 4.22 21.74 -42.04
C LEU B 8 5.02 20.49 -42.33
N LYS B 9 4.80 19.46 -41.53
CA LYS B 9 5.51 18.23 -41.64
C LYS B 9 4.80 17.52 -42.76
N PRO B 10 5.56 16.78 -43.59
CA PRO B 10 4.97 15.97 -44.71
C PRO B 10 3.81 15.10 -44.28
N LYS B 11 4.01 14.36 -43.19
CA LYS B 11 2.91 13.51 -42.65
C LYS B 11 1.64 14.22 -42.21
N VAL B 12 1.74 15.47 -41.67
CA VAL B 12 0.59 16.27 -41.29
C VAL B 12 -0.19 16.71 -42.52
N GLU B 13 0.58 17.20 -43.49
CA GLU B 13 0.04 17.57 -44.80
C GLU B 13 -0.66 16.36 -45.45
N ALA B 14 -0.07 15.18 -45.40
CA ALA B 14 -0.75 14.00 -46.05
C ALA B 14 -2.03 13.62 -45.30
N PHE B 15 -2.08 13.84 -43.98
CA PHE B 15 -3.24 13.47 -43.16
C PHE B 15 -4.38 14.41 -43.44
N LEU B 16 -4.09 15.71 -43.42
CA LEU B 16 -5.09 16.72 -43.71
C LEU B 16 -5.62 16.73 -45.17
N ASN B 17 -4.88 16.10 -46.06
CA ASN B 17 -5.22 15.98 -47.48
C ASN B 17 -6.44 15.16 -47.74
N GLU B 18 -6.91 14.44 -46.75
CA GLU B 18 -8.07 13.61 -46.93
C GLU B 18 -9.10 13.70 -45.83
N GLU B 19 -10.23 13.07 -46.05
CA GLU B 19 -11.29 12.97 -45.10
C GLU B 19 -10.67 12.27 -43.87
N ILE B 20 -10.96 12.74 -42.68
CA ILE B 20 -10.39 12.15 -41.48
C ILE B 20 -11.28 11.00 -41.02
N LYS B 21 -10.85 9.76 -41.12
CA LYS B 21 -11.66 8.63 -40.69
C LYS B 21 -11.70 8.43 -39.19
N MET B 22 -12.71 7.74 -38.69
CA MET B 22 -12.82 7.41 -37.29
C MET B 22 -12.15 6.03 -37.14
N PHE B 23 -11.97 5.55 -35.92
CA PHE B 23 -11.27 4.29 -35.68
C PHE B 23 -12.09 3.36 -34.80
N ILE B 24 -12.47 2.21 -35.35
CA ILE B 24 -13.37 1.34 -34.67
C ILE B 24 -12.96 -0.04 -35.09
N ASN B 25 -12.82 -0.92 -34.10
CA ASN B 25 -12.38 -2.29 -34.29
C ASN B 25 -11.10 -2.47 -35.12
N GLY B 26 -10.15 -1.61 -34.86
CA GLY B 26 -8.87 -1.62 -35.51
C GLY B 26 -8.71 -1.07 -36.92
N GLU B 27 -9.77 -0.56 -37.50
CA GLU B 27 -9.74 -0.03 -38.82
C GLU B 27 -10.23 1.38 -38.90
N PHE B 28 -9.75 2.13 -39.88
CA PHE B 28 -10.17 3.48 -40.10
C PHE B 28 -11.38 3.40 -41.01
N VAL B 29 -12.46 4.02 -40.62
CA VAL B 29 -13.68 3.95 -41.42
C VAL B 29 -14.51 5.19 -41.42
N SER B 30 -15.43 5.27 -42.36
CA SER B 30 -16.41 6.38 -42.41
C SER B 30 -17.58 6.19 -41.45
N ALA B 31 -18.36 7.25 -41.23
CA ALA B 31 -19.55 7.06 -40.41
C ALA B 31 -20.47 6.12 -41.21
N ILE B 32 -21.30 5.36 -40.52
CA ILE B 32 -22.24 4.44 -41.19
C ILE B 32 -23.17 5.22 -42.14
N GLY B 33 -23.59 6.42 -41.75
CA GLY B 33 -24.52 7.22 -42.56
C GLY B 33 -23.84 8.24 -43.47
N GLY B 34 -22.52 8.14 -43.64
CA GLY B 34 -21.79 9.04 -44.51
C GLY B 34 -21.65 10.48 -44.03
N LYS B 35 -22.17 10.86 -42.87
CA LYS B 35 -22.02 12.28 -42.45
C LYS B 35 -20.60 12.78 -42.12
N THR B 36 -20.37 14.07 -42.30
CA THR B 36 -19.10 14.69 -41.98
C THR B 36 -19.27 16.09 -41.36
N PHE B 37 -18.26 16.55 -40.64
CA PHE B 37 -18.26 17.86 -40.02
C PHE B 37 -16.93 18.52 -40.24
N GLU B 38 -16.86 19.80 -39.99
CA GLU B 38 -15.67 20.55 -40.21
C GLU B 38 -15.04 21.01 -38.93
N THR B 39 -13.73 20.87 -38.86
CA THR B 39 -13.02 21.37 -37.74
C THR B 39 -12.24 22.52 -38.32
N TYR B 40 -12.19 23.61 -37.60
CA TYR B 40 -11.52 24.80 -38.03
C TYR B 40 -10.16 25.07 -37.42
N ASN B 41 -9.44 26.00 -38.00
CA ASN B 41 -8.21 26.47 -37.51
C ASN B 41 -8.62 27.76 -36.83
N PRO B 42 -8.54 27.77 -35.46
CA PRO B 42 -9.01 28.98 -34.79
C PRO B 42 -8.23 30.26 -34.98
N ALA B 43 -7.05 30.21 -35.51
CA ALA B 43 -6.34 31.44 -35.80
C ALA B 43 -6.76 32.06 -37.13
N THR B 44 -7.12 31.27 -38.13
CA THR B 44 -7.48 31.77 -39.47
C THR B 44 -9.02 31.78 -39.73
N GLU B 45 -9.74 30.93 -39.04
CA GLU B 45 -11.15 30.71 -39.20
C GLU B 45 -11.41 29.84 -40.42
N ASP B 46 -10.37 29.34 -41.07
CA ASP B 46 -10.55 28.46 -42.22
C ASP B 46 -10.92 27.06 -41.79
N VAL B 47 -11.45 26.24 -42.68
CA VAL B 47 -11.72 24.87 -42.39
C VAL B 47 -10.37 24.19 -42.42
N LEU B 48 -10.04 23.42 -41.41
CA LEU B 48 -8.74 22.70 -41.35
C LEU B 48 -8.92 21.24 -41.90
N ALA B 49 -10.06 20.64 -41.66
CA ALA B 49 -10.30 19.30 -42.14
C ALA B 49 -11.75 18.98 -42.07
N VAL B 50 -12.12 17.95 -42.80
CA VAL B 50 -13.44 17.47 -42.73
C VAL B 50 -13.24 16.08 -42.17
N VAL B 51 -14.05 15.76 -41.19
CA VAL B 51 -13.98 14.58 -40.39
C VAL B 51 -15.26 13.82 -40.38
N CYS B 52 -15.19 12.51 -40.44
CA CYS B 52 -16.38 11.69 -40.39
C CYS B 52 -17.09 11.91 -39.04
N GLU B 53 -18.39 12.10 -39.06
CA GLU B 53 -19.18 12.36 -37.88
C GLU B 53 -19.81 11.08 -37.38
N ALA B 54 -19.36 10.62 -36.21
CA ALA B 54 -19.93 9.47 -35.56
C ALA B 54 -21.32 9.74 -35.05
N GLN B 55 -22.25 8.87 -35.39
CA GLN B 55 -23.67 8.94 -34.91
C GLN B 55 -23.87 7.88 -33.83
N GLU B 56 -25.06 7.80 -33.25
CA GLU B 56 -25.42 6.78 -32.25
C GLU B 56 -25.15 5.41 -32.80
N GLU B 57 -25.45 5.20 -34.06
CA GLU B 57 -25.21 3.93 -34.70
C GLU B 57 -23.71 3.64 -34.72
N ASP B 58 -22.87 4.66 -34.87
CA ASP B 58 -21.43 4.44 -34.87
C ASP B 58 -20.90 4.05 -33.48
N ILE B 59 -21.38 4.73 -32.45
CA ILE B 59 -21.04 4.45 -31.07
C ILE B 59 -21.43 2.99 -30.79
N ASP B 60 -22.62 2.57 -31.20
CA ASP B 60 -23.01 1.17 -30.99
C ASP B 60 -21.97 0.21 -31.57
N ALA B 61 -21.52 0.48 -32.77
CA ALA B 61 -20.48 -0.33 -33.42
C ALA B 61 -19.21 -0.38 -32.61
N ALA B 62 -18.82 0.79 -32.07
CA ALA B 62 -17.61 0.91 -31.28
C ALA B 62 -17.74 0.13 -29.99
N VAL B 63 -18.89 0.26 -29.33
CA VAL B 63 -19.16 -0.48 -28.07
C VAL B 63 -19.13 -2.00 -28.27
N LYS B 64 -19.80 -2.46 -29.31
CA LYS B 64 -19.70 -3.89 -29.68
C LYS B 64 -18.28 -4.34 -29.88
N ALA B 65 -17.49 -3.55 -30.61
CA ALA B 65 -16.09 -3.87 -30.79
C ALA B 65 -15.25 -3.97 -29.49
N ALA B 66 -15.39 -2.94 -28.62
CA ALA B 66 -14.75 -2.91 -27.34
C ALA B 66 -15.16 -4.08 -26.43
N ARG B 67 -16.45 -4.38 -26.44
CA ARG B 67 -17.03 -5.53 -25.72
C ARG B 67 -16.43 -6.83 -26.16
N SER B 68 -16.37 -7.03 -27.47
CA SER B 68 -15.76 -8.26 -27.94
C SER B 68 -14.27 -8.28 -27.58
N ALA B 69 -13.59 -7.11 -27.62
CA ALA B 69 -12.15 -7.14 -27.35
C ALA B 69 -11.89 -7.42 -25.87
N PHE B 70 -12.83 -7.00 -25.04
CA PHE B 70 -12.70 -7.20 -23.62
C PHE B 70 -13.01 -8.65 -23.19
N GLU B 71 -13.94 -9.29 -23.86
CA GLU B 71 -14.44 -10.61 -23.45
C GLU B 71 -13.61 -11.74 -24.07
N SER B 72 -13.04 -11.54 -25.24
CA SER B 72 -12.30 -12.59 -25.82
C SER B 72 -11.23 -12.12 -26.77
N GLY B 73 -10.24 -12.95 -26.97
CA GLY B 73 -9.16 -12.59 -27.84
C GLY B 73 -7.90 -12.18 -27.16
N PRO B 74 -6.95 -11.63 -28.00
CA PRO B 74 -5.68 -11.31 -27.34
C PRO B 74 -5.68 -10.35 -26.13
N TRP B 75 -6.46 -9.29 -26.14
CA TRP B 75 -6.46 -8.38 -25.00
C TRP B 75 -6.93 -9.05 -23.74
N ALA B 76 -7.79 -10.02 -23.90
CA ALA B 76 -8.32 -10.74 -22.79
C ALA B 76 -7.39 -11.85 -22.30
N GLU B 77 -6.42 -12.21 -23.10
CA GLU B 77 -5.53 -13.29 -22.77
C GLU B 77 -4.12 -12.95 -22.50
N MET B 78 -3.70 -11.82 -22.98
CA MET B 78 -2.39 -11.26 -22.78
C MET B 78 -1.97 -11.26 -21.32
N THR B 79 -0.69 -11.39 -21.05
CA THR B 79 -0.22 -11.31 -19.70
C THR B 79 -0.10 -9.80 -19.42
N THR B 80 0.03 -9.44 -18.17
CA THR B 80 0.23 -8.01 -17.82
C THR B 80 1.48 -7.44 -18.42
N ALA B 81 2.58 -8.14 -18.36
CA ALA B 81 3.77 -7.69 -19.13
C ALA B 81 3.54 -7.42 -20.63
N GLU B 82 2.76 -8.27 -21.30
CA GLU B 82 2.49 -8.08 -22.71
C GLU B 82 1.62 -6.80 -22.97
N ARG B 83 0.63 -6.64 -22.12
CA ARG B 83 -0.24 -5.51 -22.28
C ARG B 83 0.59 -4.26 -21.91
N ALA B 84 1.47 -4.36 -20.93
CA ALA B 84 2.44 -3.29 -20.60
C ALA B 84 3.28 -2.91 -21.82
N HIS B 85 3.69 -3.94 -22.59
CA HIS B 85 4.60 -3.69 -23.71
C HIS B 85 3.92 -2.87 -24.82
N LEU B 86 2.64 -3.17 -25.08
CA LEU B 86 1.82 -2.43 -26.02
C LEU B 86 1.78 -0.97 -25.63
N ILE B 87 1.53 -0.65 -24.36
CA ILE B 87 1.51 0.72 -23.87
C ILE B 87 2.82 1.50 -24.06
N TYR B 88 3.93 0.91 -23.67
CA TYR B 88 5.24 1.42 -23.87
C TYR B 88 5.58 1.72 -25.37
N LYS B 89 5.26 0.79 -26.26
CA LYS B 89 5.51 0.94 -27.65
C LYS B 89 4.69 2.09 -28.21
N LEU B 90 3.46 2.24 -27.76
CA LEU B 90 2.62 3.34 -28.17
C LEU B 90 3.30 4.66 -27.78
N ALA B 91 3.86 4.69 -26.60
CA ALA B 91 4.53 5.90 -26.13
C ALA B 91 5.75 6.20 -27.00
N ASP B 92 6.52 5.18 -27.34
CA ASP B 92 7.67 5.35 -28.21
C ASP B 92 7.22 5.93 -29.56
N LEU B 93 6.10 5.48 -30.08
CA LEU B 93 5.53 5.98 -31.34
C LEU B 93 5.08 7.43 -31.23
N ILE B 94 4.37 7.78 -30.18
CA ILE B 94 3.98 9.14 -29.96
C ILE B 94 5.21 10.04 -29.98
N GLU B 95 6.27 9.65 -29.30
CA GLU B 95 7.47 10.40 -29.27
C GLU B 95 8.06 10.56 -30.63
N GLU B 96 8.05 9.50 -31.44
CA GLU B 96 8.57 9.55 -32.78
C GLU B 96 7.78 10.49 -33.63
N HIS B 97 6.48 10.56 -33.44
CA HIS B 97 5.68 11.58 -34.15
C HIS B 97 5.43 12.88 -33.34
N ARG B 98 6.32 13.22 -32.44
CA ARG B 98 6.08 14.42 -31.57
C ARG B 98 5.80 15.74 -32.31
N GLU B 99 6.57 16.04 -33.36
CA GLU B 99 6.36 17.29 -34.13
C GLU B 99 5.01 17.33 -34.85
N GLU B 100 4.58 16.20 -35.42
CA GLU B 100 3.40 16.11 -36.14
C GLU B 100 2.21 16.31 -35.25
N LEU B 101 2.28 15.70 -34.07
CA LEU B 101 1.20 15.80 -33.09
C LEU B 101 1.15 17.21 -32.49
N ALA B 102 2.29 17.79 -32.24
CA ALA B 102 2.31 19.20 -31.71
C ALA B 102 1.76 20.23 -32.75
N GLN B 103 1.99 19.93 -34.05
CA GLN B 103 1.52 20.76 -35.16
C GLN B 103 0.02 20.63 -35.29
N LEU B 104 -0.49 19.42 -35.18
CA LEU B 104 -1.94 19.27 -35.20
C LEU B 104 -2.59 19.99 -34.02
N GLU B 105 -1.96 19.89 -32.88
CA GLU B 105 -2.51 20.55 -31.70
C GLU B 105 -2.56 22.05 -31.91
N ALA B 106 -1.48 22.63 -32.36
CA ALA B 106 -1.41 24.03 -32.67
C ALA B 106 -2.45 24.44 -33.72
N LEU B 107 -2.57 23.68 -34.78
CA LEU B 107 -3.47 23.99 -35.86
C LEU B 107 -4.93 23.87 -35.49
N ASP B 108 -5.27 22.74 -34.90
CA ASP B 108 -6.61 22.34 -34.51
C ASP B 108 -7.08 23.03 -33.21
N ASN B 109 -6.30 23.03 -32.16
CA ASN B 109 -6.69 23.67 -30.89
C ASN B 109 -6.36 25.19 -30.83
N GLY B 110 -5.27 25.58 -31.52
CA GLY B 110 -4.75 26.98 -31.56
C GLY B 110 -3.57 27.36 -30.67
N LYS B 111 -3.18 26.46 -29.78
CA LYS B 111 -2.07 26.73 -28.90
C LYS B 111 -0.74 26.79 -29.61
N PRO B 112 0.21 27.50 -29.03
CA PRO B 112 1.53 27.64 -29.64
C PRO B 112 2.24 26.33 -29.81
N TYR B 113 2.77 26.10 -30.99
CA TYR B 113 3.46 24.90 -31.31
C TYR B 113 4.47 24.42 -30.25
N GLN B 114 5.36 25.28 -29.83
CA GLN B 114 6.43 24.92 -28.91
C GLN B 114 5.90 24.48 -27.55
N VAL B 115 4.75 25.00 -27.19
CA VAL B 115 4.15 24.63 -25.95
C VAL B 115 3.52 23.26 -26.14
N ALA B 116 2.80 23.08 -27.23
CA ALA B 116 2.22 21.79 -27.51
C ALA B 116 3.31 20.72 -27.47
N LEU B 117 4.46 21.05 -28.00
CA LEU B 117 5.59 20.15 -28.05
C LEU B 117 6.22 19.84 -26.71
N ASP B 118 6.70 20.87 -26.03
CA ASP B 118 7.38 20.74 -24.77
C ASP B 118 6.48 20.29 -23.62
N ASP B 119 5.23 20.66 -23.69
CA ASP B 119 4.31 20.31 -22.69
C ASP B 119 3.43 19.14 -23.01
N ASP B 120 2.39 19.39 -23.79
CA ASP B 120 1.34 18.45 -24.03
C ASP B 120 1.80 17.12 -24.59
N ILE B 121 2.63 17.18 -25.64
CA ILE B 121 3.00 15.97 -26.35
C ILE B 121 4.07 15.22 -25.47
N SER B 122 4.95 15.93 -24.80
CA SER B 122 5.92 15.23 -23.93
C SER B 122 5.22 14.62 -22.66
N ALA B 123 4.16 15.26 -22.18
CA ALA B 123 3.38 14.77 -21.05
C ALA B 123 2.61 13.54 -21.50
N THR B 124 2.04 13.57 -22.70
CA THR B 124 1.40 12.39 -23.33
C THR B 124 2.30 11.16 -23.30
N VAL B 125 3.51 11.30 -23.86
CA VAL B 125 4.53 10.25 -23.84
C VAL B 125 4.81 9.73 -22.43
N GLU B 126 5.06 10.64 -21.50
CA GLU B 126 5.40 10.25 -20.16
C GLU B 126 4.22 9.59 -19.47
N ASN B 127 2.99 10.03 -19.78
CA ASN B 127 1.84 9.52 -19.19
C ASN B 127 1.63 8.06 -19.59
N TYR B 128 1.92 7.74 -20.85
CA TYR B 128 1.80 6.33 -21.27
C TYR B 128 2.92 5.49 -20.66
N ARG B 129 4.10 6.06 -20.52
CA ARG B 129 5.19 5.27 -19.92
C ARG B 129 4.92 4.96 -18.49
N TYR B 130 4.38 5.94 -17.76
CA TYR B 130 3.99 5.76 -16.41
C TYR B 130 2.96 4.66 -16.20
N TYR B 131 1.84 4.71 -16.92
CA TYR B 131 0.75 3.73 -16.85
C TYR B 131 1.14 2.36 -17.39
N ALA B 132 2.05 2.32 -18.33
CA ALA B 132 2.55 1.07 -18.82
C ALA B 132 3.19 0.35 -17.59
N GLY B 133 3.83 1.13 -16.73
CA GLY B 133 4.55 0.58 -15.57
C GLY B 133 3.62 0.05 -14.50
N TRP B 134 2.38 0.54 -14.48
CA TRP B 134 1.36 0.13 -13.53
C TRP B 134 0.70 -1.19 -13.90
N THR B 135 0.81 -1.57 -15.16
CA THR B 135 0.17 -2.77 -15.66
C THR B 135 0.51 -4.00 -14.83
N THR B 136 1.76 -4.18 -14.51
CA THR B 136 2.21 -5.30 -13.77
C THR B 136 2.16 -5.12 -12.25
N LYS B 137 1.65 -4.01 -11.78
CA LYS B 137 1.63 -3.70 -10.37
C LYS B 137 0.25 -3.34 -9.78
N ILE B 138 -0.82 -3.71 -10.43
CA ILE B 138 -2.15 -3.43 -9.94
C ILE B 138 -2.55 -4.59 -9.04
N ILE B 139 -2.18 -4.46 -7.79
CA ILE B 139 -2.37 -5.48 -6.79
C ILE B 139 -3.58 -5.41 -5.87
N GLY B 140 -4.09 -6.56 -5.54
CA GLY B 140 -5.14 -6.69 -4.59
C GLY B 140 -4.54 -7.12 -3.29
N GLN B 141 -5.37 -7.53 -2.36
CA GLN B 141 -4.93 -7.92 -1.06
C GLN B 141 -5.16 -9.35 -0.61
N THR B 142 -4.32 -9.87 0.29
CA THR B 142 -4.56 -11.10 1.02
C THR B 142 -4.84 -10.53 2.43
N ILE B 143 -5.93 -10.94 3.03
CA ILE B 143 -6.37 -10.39 4.29
C ILE B 143 -6.39 -11.42 5.39
N PRO B 144 -5.54 -11.28 6.39
CA PRO B 144 -5.58 -12.31 7.41
C PRO B 144 -6.77 -12.13 8.31
N ILE B 145 -7.73 -13.05 8.20
CA ILE B 145 -8.85 -12.98 9.07
C ILE B 145 -8.96 -14.11 10.02
N SER B 146 -8.94 -15.32 9.48
CA SER B 146 -9.13 -16.46 10.27
C SER B 146 -8.32 -17.58 9.67
N LYS B 147 -7.92 -18.54 10.49
CA LYS B 147 -7.23 -19.70 9.96
C LYS B 147 -8.12 -20.58 9.07
N ASP B 148 -9.42 -20.40 9.16
CA ASP B 148 -10.36 -21.15 8.39
C ASP B 148 -10.53 -20.67 6.96
N TYR B 149 -10.02 -19.50 6.63
CA TYR B 149 -10.14 -19.01 5.27
C TYR B 149 -9.00 -18.29 4.62
N LEU B 150 -8.90 -18.42 3.32
CA LEU B 150 -7.99 -17.63 2.56
C LEU B 150 -8.92 -16.51 2.03
N ASN B 151 -8.62 -15.24 2.36
CA ASN B 151 -9.36 -14.10 1.92
C ASN B 151 -8.48 -13.32 0.97
N TYR B 152 -8.95 -12.98 -0.22
CA TYR B 152 -8.15 -12.23 -1.14
C TYR B 152 -9.08 -11.44 -2.03
N THR B 153 -8.57 -10.37 -2.60
CA THR B 153 -9.29 -9.50 -3.47
C THR B 153 -8.58 -9.42 -4.81
N ARG B 154 -9.35 -9.13 -5.81
CA ARG B 154 -8.88 -8.99 -7.14
C ARG B 154 -9.39 -7.66 -7.62
N HIS B 155 -8.50 -6.92 -8.22
CA HIS B 155 -8.84 -5.64 -8.78
C HIS B 155 -9.06 -5.85 -10.24
N GLU B 156 -10.29 -6.14 -10.61
CA GLU B 156 -10.61 -6.44 -11.98
C GLU B 156 -10.94 -5.24 -12.83
N PRO B 157 -10.61 -5.36 -14.17
CA PRO B 157 -11.03 -4.24 -15.00
C PRO B 157 -12.59 -4.14 -15.04
N VAL B 158 -13.11 -2.97 -14.87
CA VAL B 158 -14.60 -2.72 -14.90
C VAL B 158 -15.18 -3.15 -16.26
N GLY B 159 -14.49 -2.84 -17.33
CA GLY B 159 -14.80 -3.48 -18.58
C GLY B 159 -14.70 -2.50 -19.73
N VAL B 160 -15.86 -2.09 -20.29
CA VAL B 160 -15.91 -1.22 -21.47
C VAL B 160 -16.18 0.15 -20.87
N VAL B 161 -15.30 1.08 -21.15
CA VAL B 161 -15.34 2.43 -20.55
C VAL B 161 -15.58 3.50 -21.64
N GLY B 162 -16.54 4.37 -21.40
CA GLY B 162 -16.91 5.46 -22.29
C GLY B 162 -16.23 6.72 -21.76
N GLN B 163 -15.48 7.42 -22.63
CA GLN B 163 -14.66 8.54 -22.21
C GLN B 163 -14.93 9.75 -23.07
N ILE B 164 -15.10 10.89 -22.46
CA ILE B 164 -15.39 12.08 -23.20
C ILE B 164 -14.40 13.16 -22.85
N ILE B 165 -13.71 13.64 -23.83
CA ILE B 165 -12.74 14.65 -23.58
C ILE B 165 -12.91 15.97 -24.28
N PRO B 166 -12.72 17.04 -23.54
CA PRO B 166 -12.85 18.39 -24.06
C PRO B 166 -11.74 18.80 -25.03
N TRP B 167 -11.74 20.07 -25.41
CA TRP B 167 -10.88 20.62 -26.44
C TRP B 167 -9.66 21.43 -26.07
N ASN B 168 -9.46 21.64 -24.78
CA ASN B 168 -8.38 22.44 -24.28
C ASN B 168 -6.96 21.81 -24.16
N PHE B 169 -6.88 20.49 -24.01
CA PHE B 169 -5.63 19.73 -23.95
C PHE B 169 -5.97 18.38 -24.65
N PRO B 170 -6.31 18.47 -25.91
CA PRO B 170 -6.80 17.26 -26.59
C PRO B 170 -6.08 15.99 -26.39
N LEU B 171 -4.87 15.96 -26.86
CA LEU B 171 -4.12 14.75 -26.79
C LEU B 171 -3.74 14.38 -25.39
N VAL B 172 -3.28 15.34 -24.61
CA VAL B 172 -2.81 14.95 -23.30
C VAL B 172 -3.99 14.47 -22.46
N MET B 173 -5.19 15.04 -22.67
CA MET B 173 -6.37 14.56 -21.95
C MET B 173 -6.77 13.17 -22.34
N SER B 174 -6.63 12.84 -23.62
CA SER B 174 -6.94 11.51 -24.01
C SER B 174 -6.01 10.53 -23.24
N SER B 175 -4.75 10.89 -23.07
CA SER B 175 -3.80 10.06 -22.37
C SER B 175 -4.09 9.86 -20.87
N TRP B 176 -4.53 10.91 -20.17
CA TRP B 176 -4.88 10.79 -18.76
C TRP B 176 -5.85 9.62 -18.65
N LYS B 177 -6.92 9.72 -19.42
CA LYS B 177 -7.97 8.77 -19.41
C LYS B 177 -7.67 7.37 -19.89
N MET B 178 -7.04 7.27 -21.02
CA MET B 178 -6.78 5.94 -21.61
C MET B 178 -5.61 5.20 -20.87
N GLY B 179 -4.58 5.95 -20.44
CA GLY B 179 -3.40 5.38 -19.75
C GLY B 179 -3.83 4.52 -18.56
N ALA B 180 -4.50 5.16 -17.58
CA ALA B 180 -5.13 4.42 -16.48
C ALA B 180 -6.05 3.24 -16.88
N ALA B 181 -7.04 3.52 -17.71
CA ALA B 181 -8.03 2.58 -17.99
C ALA B 181 -7.40 1.39 -18.77
N LEU B 182 -6.50 1.67 -19.72
CA LEU B 182 -5.81 0.61 -20.47
C LEU B 182 -4.90 -0.23 -19.50
N ALA B 183 -4.29 0.40 -18.52
CA ALA B 183 -3.38 -0.31 -17.57
C ALA B 183 -4.17 -1.35 -16.76
N THR B 184 -5.45 -1.10 -16.53
CA THR B 184 -6.22 -2.02 -15.73
C THR B 184 -6.77 -3.18 -16.55
N GLY B 185 -6.69 -3.08 -17.86
CA GLY B 185 -7.19 -4.09 -18.74
C GLY B 185 -8.55 -3.79 -19.38
N CYS B 186 -9.02 -2.58 -19.24
CA CYS B 186 -10.29 -2.18 -19.82
C CYS B 186 -10.21 -1.97 -21.33
N THR B 187 -11.33 -1.76 -21.96
CA THR B 187 -11.40 -1.41 -23.36
C THR B 187 -12.15 -0.08 -23.44
N ILE B 188 -11.86 0.67 -24.47
CA ILE B 188 -12.29 2.02 -24.58
C ILE B 188 -13.11 2.53 -25.80
N VAL B 189 -14.05 3.40 -25.52
CA VAL B 189 -14.85 4.09 -26.55
C VAL B 189 -14.69 5.54 -26.12
N LEU B 190 -13.90 6.26 -26.89
CA LEU B 190 -13.52 7.63 -26.61
C LEU B 190 -13.90 8.66 -27.68
N LYS B 191 -14.33 9.81 -27.22
CA LYS B 191 -14.74 10.86 -28.09
C LYS B 191 -13.99 12.14 -27.90
N PRO B 192 -13.28 12.56 -28.91
CA PRO B 192 -12.69 13.92 -28.83
C PRO B 192 -13.67 15.03 -29.09
N ALA B 193 -13.36 16.22 -28.61
CA ALA B 193 -14.18 17.37 -28.80
C ALA B 193 -14.36 17.67 -30.27
N GLU B 194 -15.53 18.15 -30.62
CA GLU B 194 -15.88 18.51 -31.96
C GLU B 194 -14.84 19.34 -32.65
N GLN B 195 -14.38 20.31 -31.92
CA GLN B 195 -13.44 21.30 -32.31
C GLN B 195 -11.99 20.83 -32.38
N THR B 196 -11.67 19.75 -31.72
CA THR B 196 -10.30 19.24 -31.65
C THR B 196 -10.16 17.71 -31.82
N PRO B 197 -10.55 17.19 -32.93
CA PRO B 197 -10.42 15.76 -33.14
C PRO B 197 -9.12 15.24 -33.76
N LEU B 198 -8.34 16.10 -34.37
CA LEU B 198 -7.19 15.73 -35.12
C LEU B 198 -6.07 14.98 -34.45
N SER B 199 -5.54 15.51 -33.40
CA SER B 199 -4.44 14.86 -32.73
C SER B 199 -4.78 13.43 -32.32
N LEU B 200 -5.99 13.19 -31.86
CA LEU B 200 -6.38 11.87 -31.46
C LEU B 200 -6.54 10.91 -32.63
N LEU B 201 -7.17 11.35 -33.71
CA LEU B 201 -7.36 10.52 -34.87
C LEU B 201 -6.01 10.23 -35.54
N TYR B 202 -5.08 11.17 -35.50
CA TYR B 202 -3.75 10.92 -36.04
C TYR B 202 -3.06 9.82 -35.16
N ALA B 203 -3.10 10.01 -33.85
CA ALA B 203 -2.55 9.08 -32.87
C ALA B 203 -3.03 7.67 -33.05
N ALA B 204 -4.24 7.52 -33.54
CA ALA B 204 -4.85 6.23 -33.80
C ALA B 204 -4.00 5.32 -34.66
N LYS B 205 -3.23 5.90 -35.56
CA LYS B 205 -2.33 5.16 -36.43
C LYS B 205 -1.27 4.46 -35.56
N LEU B 206 -0.90 5.10 -34.49
CA LEU B 206 0.11 4.65 -33.60
C LEU B 206 -0.35 3.52 -32.72
N PHE B 207 -1.63 3.49 -32.41
CA PHE B 207 -2.18 2.42 -31.61
C PHE B 207 -2.14 1.19 -32.50
N LYS B 208 -2.55 1.35 -33.74
CA LYS B 208 -2.56 0.21 -34.75
C LYS B 208 -1.10 -0.26 -34.93
N GLU B 209 -0.19 0.67 -35.15
CA GLU B 209 1.21 0.32 -35.29
C GLU B 209 1.85 -0.32 -34.05
N ALA B 210 1.48 0.11 -32.84
CA ALA B 210 2.04 -0.48 -31.65
C ALA B 210 1.55 -1.93 -31.47
N GLY B 211 0.45 -2.27 -32.12
CA GLY B 211 -0.05 -3.64 -32.15
C GLY B 211 -1.25 -3.84 -31.24
N PHE B 212 -1.90 -2.77 -30.78
CA PHE B 212 -3.16 -2.99 -30.02
C PHE B 212 -4.11 -3.94 -30.76
N PRO B 213 -4.75 -4.88 -30.05
CA PRO B 213 -5.72 -5.70 -30.71
C PRO B 213 -6.95 -4.89 -31.12
N ASN B 214 -7.60 -5.40 -32.15
CA ASN B 214 -8.83 -4.81 -32.71
C ASN B 214 -9.87 -4.59 -31.63
N GLY B 215 -10.28 -3.33 -31.47
CA GLY B 215 -11.40 -3.00 -30.60
C GLY B 215 -11.00 -2.49 -29.24
N VAL B 216 -9.71 -2.56 -28.89
CA VAL B 216 -9.35 -2.21 -27.54
C VAL B 216 -9.46 -0.72 -27.34
N VAL B 217 -9.24 0.05 -28.40
CA VAL B 217 -9.49 1.47 -28.41
C VAL B 217 -10.35 1.80 -29.64
N ASN B 218 -11.34 2.66 -29.46
CA ASN B 218 -12.25 3.09 -30.52
C ASN B 218 -12.48 4.59 -30.44
N PHE B 219 -12.21 5.31 -31.50
CA PHE B 219 -12.34 6.76 -31.51
C PHE B 219 -13.50 7.26 -32.40
N VAL B 220 -14.42 7.95 -31.78
CA VAL B 220 -15.61 8.41 -32.44
C VAL B 220 -15.75 9.92 -32.35
N PRO B 221 -15.25 10.61 -33.35
CA PRO B 221 -15.34 12.04 -33.34
C PRO B 221 -16.79 12.47 -33.70
N GLY B 222 -17.18 13.64 -33.28
CA GLY B 222 -18.54 14.15 -33.53
C GLY B 222 -18.99 15.17 -32.51
N PHE B 223 -20.32 15.27 -32.37
CA PHE B 223 -20.91 16.28 -31.52
C PHE B 223 -21.40 15.78 -30.19
N GLY B 224 -21.39 16.67 -29.22
CA GLY B 224 -21.87 16.38 -27.88
C GLY B 224 -23.22 15.72 -27.76
N PRO B 225 -24.28 16.30 -28.38
CA PRO B 225 -25.60 15.80 -28.27
C PRO B 225 -25.83 14.54 -29.12
N GLU B 226 -24.97 14.21 -30.06
CA GLU B 226 -25.16 12.95 -30.84
C GLU B 226 -24.12 11.91 -30.32
N ALA B 227 -22.87 11.97 -30.78
CA ALA B 227 -21.83 10.98 -30.34
C ALA B 227 -21.62 10.99 -28.84
N GLY B 228 -21.48 12.17 -28.24
CA GLY B 228 -21.44 12.24 -26.77
C GLY B 228 -22.52 11.59 -25.95
N ALA B 229 -23.75 12.01 -26.20
CA ALA B 229 -24.91 11.51 -25.49
C ALA B 229 -25.10 10.03 -25.68
N ALA B 230 -24.78 9.53 -26.87
CA ALA B 230 -24.88 8.13 -27.14
C ALA B 230 -23.86 7.34 -26.25
N ILE B 231 -22.69 7.90 -25.96
CA ILE B 231 -21.76 7.18 -25.05
C ILE B 231 -22.38 7.15 -23.66
N VAL B 232 -22.73 8.32 -23.18
CA VAL B 232 -23.36 8.48 -21.87
C VAL B 232 -24.56 7.55 -21.69
N ASN B 233 -25.39 7.40 -22.71
CA ASN B 233 -26.61 6.62 -22.59
C ASN B 233 -26.52 5.17 -23.04
N HIS B 234 -25.34 4.66 -23.37
CA HIS B 234 -25.27 3.28 -23.89
C HIS B 234 -25.38 2.25 -22.76
N HIS B 235 -26.27 1.28 -22.90
CA HIS B 235 -26.50 0.27 -21.87
C HIS B 235 -25.35 -0.68 -21.63
N ASP B 236 -24.47 -0.82 -22.61
CA ASP B 236 -23.33 -1.72 -22.51
C ASP B 236 -21.98 -1.11 -22.20
N ILE B 237 -21.95 0.13 -21.75
CA ILE B 237 -20.73 0.79 -21.32
C ILE B 237 -20.81 0.63 -19.81
N ASP B 238 -19.76 0.09 -19.23
CA ASP B 238 -19.72 -0.17 -17.81
C ASP B 238 -19.33 1.03 -16.90
N LYS B 239 -18.67 2.02 -17.43
CA LYS B 239 -18.23 3.15 -16.61
C LYS B 239 -17.99 4.34 -17.52
N VAL B 240 -18.11 5.53 -16.99
CA VAL B 240 -17.95 6.72 -17.77
C VAL B 240 -17.05 7.71 -17.06
N ALA B 241 -16.27 8.40 -17.85
CA ALA B 241 -15.33 9.42 -17.42
C ALA B 241 -15.53 10.64 -18.28
N PHE B 242 -15.63 11.81 -17.69
CA PHE B 242 -15.88 13.02 -18.42
C PHE B 242 -15.14 14.21 -17.88
N THR B 243 -14.71 15.10 -18.77
CA THR B 243 -14.08 16.35 -18.40
C THR B 243 -14.86 17.42 -19.16
N GLY B 244 -15.10 18.57 -18.54
CA GLY B 244 -16.00 19.59 -19.09
C GLY B 244 -16.64 20.51 -18.08
N SER B 245 -17.76 21.11 -18.47
CA SER B 245 -18.52 22.05 -17.63
C SER B 245 -19.24 21.38 -16.45
N THR B 246 -19.43 22.11 -15.36
CA THR B 246 -20.29 21.67 -14.28
C THR B 246 -21.60 21.16 -14.81
N VAL B 247 -22.23 22.01 -15.64
CA VAL B 247 -23.60 21.80 -16.04
C VAL B 247 -23.70 20.48 -16.80
N THR B 248 -22.79 20.23 -17.73
CA THR B 248 -22.83 18.97 -18.46
C THR B 248 -22.51 17.74 -17.59
N GLY B 249 -21.60 17.95 -16.62
CA GLY B 249 -21.20 16.94 -15.59
C GLY B 249 -22.43 16.46 -14.82
N LYS B 250 -23.27 17.41 -14.40
CA LYS B 250 -24.56 17.10 -13.75
C LYS B 250 -25.39 16.13 -14.60
N TYR B 251 -25.55 16.47 -15.88
CA TYR B 251 -26.29 15.65 -16.87
C TYR B 251 -25.69 14.27 -16.96
N ILE B 252 -24.35 14.19 -17.06
CA ILE B 252 -23.72 12.88 -17.22
C ILE B 252 -23.99 12.01 -16.00
N MET B 253 -23.98 12.61 -14.83
CA MET B 253 -24.20 11.85 -13.59
C MET B 253 -25.69 11.46 -13.47
N ARG B 254 -26.59 12.36 -13.90
CA ARG B 254 -28.00 12.08 -13.88
C ARG B 254 -28.32 10.89 -14.79
N GLN B 255 -27.75 10.88 -15.98
CA GLN B 255 -27.95 9.77 -16.90
C GLN B 255 -27.35 8.47 -16.37
N SER B 256 -26.12 8.53 -15.85
CA SER B 256 -25.48 7.34 -15.28
C SER B 256 -26.24 6.64 -14.16
N ALA B 257 -26.93 7.43 -13.33
CA ALA B 257 -27.83 6.92 -12.28
C ALA B 257 -28.73 5.81 -12.76
N GLU B 258 -29.23 5.92 -13.97
CA GLU B 258 -30.13 4.90 -14.51
C GLU B 258 -29.54 3.50 -14.63
N MET B 259 -28.22 3.40 -14.78
CA MET B 259 -27.59 2.09 -14.86
C MET B 259 -26.71 1.78 -13.64
N ILE B 260 -26.71 2.64 -12.63
CA ILE B 260 -25.86 2.48 -11.45
C ILE B 260 -24.39 2.37 -11.90
N LYS B 261 -24.01 3.31 -12.74
CA LYS B 261 -22.76 3.33 -13.44
C LYS B 261 -21.84 4.31 -12.73
N HIS B 262 -20.63 3.88 -12.47
CA HIS B 262 -19.61 4.65 -11.84
C HIS B 262 -19.17 5.83 -12.75
N VAL B 263 -19.06 6.98 -12.13
CA VAL B 263 -18.69 8.20 -12.76
C VAL B 263 -17.47 8.89 -12.16
N THR B 264 -16.61 9.40 -13.02
CA THR B 264 -15.46 10.19 -12.67
C THR B 264 -15.62 11.49 -13.46
N LEU B 265 -15.54 12.62 -12.79
CA LEU B 265 -15.71 13.88 -13.43
C LEU B 265 -14.77 14.98 -12.97
N GLU B 266 -14.24 15.71 -13.93
CA GLU B 266 -13.40 16.83 -13.67
C GLU B 266 -14.08 17.99 -14.32
N LEU B 267 -14.49 18.92 -13.52
CA LEU B 267 -15.22 20.03 -14.02
C LEU B 267 -14.45 21.33 -13.83
N GLY B 268 -15.10 22.48 -13.90
CA GLY B 268 -14.37 23.73 -13.80
C GLY B 268 -13.81 24.06 -12.44
N GLY B 269 -13.31 25.28 -12.33
CA GLY B 269 -12.83 25.78 -11.10
C GLY B 269 -12.77 27.28 -11.16
N LYS B 270 -12.49 27.88 -10.03
CA LYS B 270 -12.25 29.33 -9.95
C LYS B 270 -11.16 29.39 -8.92
N SER B 271 -10.08 28.71 -9.24
CA SER B 271 -8.96 28.53 -8.35
C SER B 271 -8.27 29.78 -7.89
N PRO B 272 -8.00 29.79 -6.53
CA PRO B 272 -7.31 30.97 -6.06
C PRO B 272 -5.81 30.81 -5.99
N ASN B 273 -5.10 31.84 -6.37
CA ASN B 273 -3.65 31.89 -6.32
C ASN B 273 -3.35 33.01 -5.30
N ILE B 274 -2.89 32.64 -4.13
CA ILE B 274 -2.71 33.54 -3.02
C ILE B 274 -1.31 34.03 -2.72
N ILE B 275 -1.12 35.34 -2.72
CA ILE B 275 0.22 35.89 -2.44
C ILE B 275 0.20 36.50 -1.03
N LEU B 276 0.95 35.86 -0.12
CA LEU B 276 1.01 36.29 1.24
C LEU B 276 2.12 37.36 1.38
N GLU B 277 2.11 38.02 2.53
CA GLU B 277 3.02 39.14 2.76
C GLU B 277 4.47 38.73 2.68
N ASP B 278 4.82 37.56 3.17
CA ASP B 278 6.17 37.12 3.07
C ASP B 278 6.45 36.26 1.81
N ALA B 279 5.70 36.46 0.76
CA ALA B 279 5.90 35.73 -0.46
C ALA B 279 7.17 36.23 -1.13
N ASP B 280 7.67 35.47 -2.08
CA ASP B 280 8.82 35.92 -2.84
C ASP B 280 8.15 36.53 -4.03
N LEU B 281 7.99 37.80 -3.95
CA LEU B 281 7.26 38.57 -4.90
C LEU B 281 7.58 38.42 -6.36
N GLU B 282 8.82 38.21 -6.69
CA GLU B 282 9.19 38.14 -8.10
C GLU B 282 8.69 36.81 -8.68
N GLU B 283 8.96 35.73 -7.94
CA GLU B 283 8.45 34.39 -8.26
C GLU B 283 6.94 34.38 -8.30
N ALA B 284 6.29 35.01 -7.33
CA ALA B 284 4.83 35.00 -7.16
C ALA B 284 4.10 35.75 -8.23
N ILE B 285 4.70 36.83 -8.69
CA ILE B 285 4.08 37.62 -9.76
C ILE B 285 4.11 36.78 -11.06
N ASN B 286 5.21 36.10 -11.32
CA ASN B 286 5.35 35.28 -12.56
C ASN B 286 4.41 34.11 -12.51
N GLY B 287 4.34 33.51 -11.34
CA GLY B 287 3.42 32.42 -11.14
C GLY B 287 1.97 32.84 -11.25
N ALA B 288 1.63 34.01 -10.72
CA ALA B 288 0.26 34.55 -10.88
C ALA B 288 -0.08 34.80 -12.31
N PHE B 289 0.87 35.30 -13.07
CA PHE B 289 0.59 35.71 -14.43
C PHE B 289 0.40 34.42 -15.25
N GLN B 290 1.35 33.51 -15.17
CA GLN B 290 1.30 32.24 -15.87
C GLN B 290 0.13 31.38 -15.40
N GLY B 291 -0.18 31.50 -14.13
CA GLY B 291 -1.24 30.74 -13.53
C GLY B 291 -2.55 30.91 -14.23
N ILE B 292 -2.79 32.10 -14.71
CA ILE B 292 -3.98 32.37 -15.45
C ILE B 292 -3.80 32.41 -16.97
N MET B 293 -2.68 32.89 -17.46
CA MET B 293 -2.53 33.04 -18.91
C MET B 293 -2.17 31.78 -19.65
N TYR B 294 -1.65 30.78 -18.95
CA TYR B 294 -1.24 29.49 -19.54
C TYR B 294 -2.38 28.92 -20.29
N ASN B 295 -2.13 28.42 -21.50
CA ASN B 295 -3.16 27.86 -22.36
C ASN B 295 -4.30 28.84 -22.69
N HIS B 296 -4.00 30.13 -22.66
CA HIS B 296 -5.00 31.13 -22.95
C HIS B 296 -6.13 31.15 -21.93
N GLY B 297 -5.87 30.61 -20.76
CA GLY B 297 -6.86 30.56 -19.72
C GLY B 297 -7.83 29.40 -19.82
N GLN B 298 -7.70 28.63 -20.88
CA GLN B 298 -8.53 27.48 -21.16
C GLN B 298 -7.93 26.34 -20.36
N ASN B 299 -8.08 26.47 -19.05
CA ASN B 299 -7.50 25.57 -18.10
C ASN B 299 -8.31 25.45 -16.81
N CYS B 300 -8.85 24.28 -16.60
CA CYS B 300 -9.70 24.01 -15.41
C CYS B 300 -9.10 24.59 -14.09
N SER B 301 -7.79 24.46 -13.94
CA SER B 301 -7.00 24.81 -12.76
C SER B 301 -6.46 26.24 -12.70
N ALA B 302 -6.85 27.08 -13.67
CA ALA B 302 -6.26 28.39 -13.86
C ALA B 302 -6.50 29.18 -12.59
N GLY B 303 -5.48 29.89 -12.16
CA GLY B 303 -5.57 30.80 -11.02
C GLY B 303 -6.30 32.01 -11.47
N SER B 304 -7.62 31.87 -11.66
CA SER B 304 -8.42 32.92 -12.20
C SER B 304 -8.75 34.05 -11.14
N ARG B 305 -8.52 33.78 -9.87
CA ARG B 305 -8.64 34.73 -8.70
C ARG B 305 -7.30 34.90 -8.08
N VAL B 306 -6.63 36.04 -8.33
CA VAL B 306 -5.33 36.29 -7.75
C VAL B 306 -5.57 37.13 -6.50
N PHE B 307 -5.34 36.51 -5.32
CA PHE B 307 -5.47 37.18 -4.01
C PHE B 307 -4.10 37.68 -3.65
N VAL B 308 -4.02 38.93 -3.20
CA VAL B 308 -2.79 39.57 -2.87
C VAL B 308 -2.85 40.32 -1.54
N HIS B 309 -1.83 40.16 -0.74
CA HIS B 309 -1.78 40.80 0.52
C HIS B 309 -1.73 42.31 0.28
N ARG B 310 -2.50 43.07 1.04
CA ARG B 310 -2.55 44.52 0.87
C ARG B 310 -1.25 45.22 0.60
N LYS B 311 -0.24 44.90 1.36
CA LYS B 311 1.10 45.42 1.19
C LYS B 311 1.63 45.40 -0.23
N HIS B 312 1.30 44.33 -0.94
CA HIS B 312 1.80 44.07 -2.28
C HIS B 312 0.79 44.27 -3.40
N TYR B 313 -0.47 44.52 -3.07
CA TYR B 313 -1.54 44.65 -4.07
C TYR B 313 -1.23 45.52 -5.27
N GLU B 314 -0.92 46.79 -5.04
CA GLU B 314 -0.61 47.67 -6.17
C GLU B 314 0.59 47.24 -7.02
N THR B 315 1.63 46.69 -6.40
CA THR B 315 2.81 46.23 -7.11
C THR B 315 2.43 45.05 -8.03
N VAL B 316 1.62 44.14 -7.52
CA VAL B 316 1.23 42.99 -8.32
C VAL B 316 0.31 43.42 -9.44
N VAL B 317 -0.69 44.28 -9.15
CA VAL B 317 -1.55 44.81 -10.22
C VAL B 317 -0.73 45.47 -11.34
N ASP B 318 0.15 46.40 -10.99
CA ASP B 318 0.91 47.06 -12.07
C ASP B 318 1.68 46.03 -12.88
N ALA B 319 2.39 45.10 -12.19
CA ALA B 319 3.14 44.05 -12.86
C ALA B 319 2.33 43.17 -13.81
N LEU B 320 1.14 42.74 -13.37
CA LEU B 320 0.25 41.94 -14.22
C LEU B 320 -0.33 42.76 -15.37
N VAL B 321 -0.64 44.03 -15.14
CA VAL B 321 -1.06 44.88 -16.25
C VAL B 321 0.05 44.95 -17.32
N LYS B 322 1.27 45.27 -16.92
CA LYS B 322 2.39 45.35 -17.87
C LYS B 322 2.59 44.01 -18.62
N MET B 323 2.57 42.90 -17.93
CA MET B 323 2.75 41.58 -18.59
C MET B 323 1.60 41.26 -19.53
N ALA B 324 0.39 41.53 -19.08
CA ALA B 324 -0.75 41.34 -19.95
C ALA B 324 -0.62 42.03 -21.33
N ASN B 325 -0.27 43.29 -21.28
CA ASN B 325 -0.19 44.12 -22.50
C ASN B 325 1.01 43.78 -23.32
N ASN B 326 2.04 43.09 -22.76
CA ASN B 326 3.19 42.64 -23.50
C ASN B 326 3.05 41.30 -24.21
N VAL B 327 1.97 40.55 -23.99
CA VAL B 327 1.91 39.23 -24.65
C VAL B 327 1.70 39.34 -26.15
N LYS B 328 2.43 38.51 -26.88
CA LYS B 328 2.37 38.51 -28.32
C LYS B 328 1.32 37.54 -28.75
N LEU B 329 0.18 38.07 -29.24
CA LEU B 329 -0.89 37.22 -29.67
C LEU B 329 -0.65 36.84 -31.11
N GLY B 330 -0.98 35.63 -31.50
CA GLY B 330 -0.76 35.24 -32.89
C GLY B 330 -1.18 33.83 -33.15
N ALA B 331 -0.98 33.38 -34.37
CA ALA B 331 -1.21 31.95 -34.68
C ALA B 331 -0.17 31.00 -34.00
N GLY B 332 -0.67 29.83 -33.63
CA GLY B 332 0.10 28.80 -32.98
C GLY B 332 1.25 28.34 -33.81
N MET B 333 1.04 28.37 -35.11
CA MET B 333 2.06 27.97 -36.05
C MET B 333 2.99 29.10 -36.50
N GLU B 334 2.99 30.21 -35.78
CA GLU B 334 3.89 31.35 -36.04
C GLU B 334 4.88 31.34 -34.90
N LYS B 335 6.13 31.31 -35.24
CA LYS B 335 7.16 31.21 -34.25
C LYS B 335 7.19 32.26 -33.16
N GLU B 336 6.76 33.46 -33.41
CA GLU B 336 6.86 34.46 -32.29
C GLU B 336 5.69 34.41 -31.30
N THR B 337 4.69 33.58 -31.59
CA THR B 337 3.41 33.57 -30.83
C THR B 337 3.68 33.09 -29.40
N GLU B 338 3.18 33.86 -28.45
CA GLU B 338 3.18 33.48 -27.05
C GLU B 338 1.77 32.99 -26.57
N MET B 339 0.69 33.56 -27.11
CA MET B 339 -0.71 33.18 -26.79
C MET B 339 -1.52 33.19 -28.07
N GLY B 340 -2.16 32.04 -28.33
CA GLY B 340 -3.03 31.81 -29.47
C GLY B 340 -4.46 32.29 -29.29
N PRO B 341 -5.34 31.93 -30.18
CA PRO B 341 -6.73 32.33 -30.02
C PRO B 341 -7.47 31.36 -29.08
N LEU B 342 -8.75 31.62 -28.86
CA LEU B 342 -9.54 30.76 -28.05
C LEU B 342 -9.92 29.75 -29.07
N VAL B 343 -10.49 28.66 -28.65
CA VAL B 343 -10.80 27.58 -29.50
C VAL B 343 -11.85 27.72 -30.58
N SER B 344 -12.79 28.61 -30.38
CA SER B 344 -13.97 28.72 -31.24
C SER B 344 -14.63 30.06 -31.15
N LYS B 345 -15.40 30.40 -32.17
CA LYS B 345 -16.20 31.63 -32.12
C LYS B 345 -17.04 31.63 -30.87
N LYS B 346 -17.65 30.49 -30.59
CA LYS B 346 -18.48 30.37 -29.41
C LYS B 346 -17.76 30.66 -28.09
N GLN B 347 -16.55 30.15 -27.90
CA GLN B 347 -15.80 30.40 -26.71
C GLN B 347 -15.38 31.87 -26.69
N GLN B 348 -14.95 32.43 -27.81
CA GLN B 348 -14.69 33.90 -27.83
C GLN B 348 -15.92 34.72 -27.44
N GLU B 349 -17.07 34.40 -28.04
CA GLU B 349 -18.31 35.10 -27.67
C GLU B 349 -18.58 34.93 -26.16
N ARG B 350 -18.42 33.75 -25.60
CA ARG B 350 -18.63 33.62 -24.17
C ARG B 350 -17.71 34.42 -23.29
N VAL B 351 -16.43 34.52 -23.62
CA VAL B 351 -15.55 35.24 -22.75
C VAL B 351 -15.72 36.74 -22.84
N LEU B 352 -16.01 37.21 -24.03
CA LEU B 352 -16.29 38.61 -24.27
C LEU B 352 -17.55 38.96 -23.49
N ASN B 353 -18.49 38.04 -23.43
CA ASN B 353 -19.72 38.21 -22.69
C ASN B 353 -19.45 38.40 -21.23
N TYR B 354 -18.59 37.56 -20.71
CA TYR B 354 -18.18 37.62 -19.34
C TYR B 354 -17.54 38.96 -19.00
N ILE B 355 -16.67 39.43 -19.91
CA ILE B 355 -15.98 40.69 -19.74
C ILE B 355 -16.99 41.83 -19.67
N GLU B 356 -17.91 41.83 -20.64
CA GLU B 356 -19.02 42.78 -20.63
C GLU B 356 -19.78 42.74 -19.30
N GLN B 357 -20.14 41.57 -18.82
CA GLN B 357 -20.82 41.50 -17.56
C GLN B 357 -19.97 42.09 -16.46
N GLY B 358 -18.68 41.88 -16.54
CA GLY B 358 -17.77 42.42 -15.55
C GLY B 358 -17.79 43.92 -15.50
N LYS B 359 -17.77 44.52 -16.66
CA LYS B 359 -17.85 45.94 -16.78
C LYS B 359 -19.21 46.36 -16.25
N LYS B 360 -20.27 45.74 -16.72
CA LYS B 360 -21.63 46.07 -16.22
C LYS B 360 -21.76 46.00 -14.70
N GLU B 361 -21.17 44.99 -14.04
CA GLU B 361 -21.29 44.90 -12.58
C GLU B 361 -20.41 45.85 -11.79
N GLY B 362 -19.62 46.71 -12.45
CA GLY B 362 -18.85 47.77 -11.77
C GLY B 362 -17.36 47.53 -11.60
N ALA B 363 -16.82 46.50 -12.24
CA ALA B 363 -15.41 46.21 -12.11
C ALA B 363 -14.58 47.06 -13.08
N THR B 364 -13.31 47.17 -12.84
CA THR B 364 -12.42 47.94 -13.67
C THR B 364 -11.55 47.11 -14.59
N VAL B 365 -11.57 47.39 -15.89
CA VAL B 365 -10.67 46.69 -16.77
C VAL B 365 -9.37 47.48 -16.80
N ALA B 366 -8.39 46.97 -16.10
CA ALA B 366 -7.06 47.54 -16.00
C ALA B 366 -6.21 47.21 -17.20
N ALA B 367 -6.67 46.26 -18.00
CA ALA B 367 -5.97 45.86 -19.18
C ALA B 367 -6.76 44.86 -20.03
N GLY B 368 -6.62 44.97 -21.34
CA GLY B 368 -7.26 44.11 -22.29
C GLY B 368 -8.72 44.39 -22.38
N GLY B 369 -9.50 43.34 -22.22
CA GLY B 369 -10.93 43.43 -22.20
C GLY B 369 -11.71 43.50 -23.47
N GLU B 370 -11.10 43.07 -24.55
CA GLU B 370 -11.73 43.08 -25.83
C GLU B 370 -11.05 42.05 -26.73
N ARG B 371 -11.58 41.90 -27.91
CA ARG B 371 -10.99 41.01 -28.87
C ARG B 371 -9.68 41.62 -29.36
N ALA B 372 -8.95 40.85 -30.14
CA ALA B 372 -7.67 41.25 -30.66
C ALA B 372 -7.48 40.72 -32.05
N LEU B 373 -6.60 41.35 -32.80
CA LEU B 373 -6.29 40.93 -34.16
C LEU B 373 -7.43 41.10 -35.18
N GLU B 374 -7.21 40.74 -36.42
CA GLU B 374 -8.23 40.89 -37.41
C GLU B 374 -8.99 39.67 -37.83
N LYS B 375 -8.56 38.51 -37.41
CA LYS B 375 -9.24 37.30 -37.76
C LYS B 375 -8.85 36.26 -36.75
N GLY B 376 -9.74 35.31 -36.49
CA GLY B 376 -9.46 34.30 -35.50
C GLY B 376 -10.05 34.67 -34.16
N TYR B 377 -10.21 33.68 -33.31
CA TYR B 377 -10.87 33.83 -32.05
C TYR B 377 -10.06 34.37 -30.88
N PHE B 378 -9.37 35.47 -31.09
CA PHE B 378 -8.53 36.00 -30.06
C PHE B 378 -9.17 36.91 -29.04
N VAL B 379 -8.65 36.89 -27.84
CA VAL B 379 -9.06 37.81 -26.81
C VAL B 379 -7.86 38.32 -26.03
N LYS B 380 -7.77 39.62 -25.87
CA LYS B 380 -6.67 40.22 -25.16
C LYS B 380 -6.53 39.78 -23.71
N PRO B 381 -5.23 39.49 -23.28
CA PRO B 381 -5.09 39.16 -21.87
C PRO B 381 -5.69 40.30 -21.03
N THR B 382 -6.59 39.95 -20.13
CA THR B 382 -7.36 40.88 -19.34
C THR B 382 -7.20 40.86 -17.83
N VAL B 383 -7.12 42.05 -17.22
CA VAL B 383 -6.96 42.15 -15.79
C VAL B 383 -8.08 43.04 -15.21
N PHE B 384 -8.87 42.48 -14.29
CA PHE B 384 -9.99 43.13 -13.67
C PHE B 384 -9.59 43.46 -12.28
N THR B 385 -9.91 44.67 -11.83
CA THR B 385 -9.61 45.16 -10.50
C THR B 385 -10.88 45.82 -9.99
N ASP B 386 -10.90 46.32 -8.78
CA ASP B 386 -12.08 46.95 -8.23
C ASP B 386 -13.19 45.92 -8.24
N VAL B 387 -12.86 44.76 -7.76
CA VAL B 387 -13.77 43.66 -7.77
C VAL B 387 -14.22 43.24 -6.39
N THR B 388 -15.42 42.70 -6.29
CA THR B 388 -15.94 42.17 -5.04
C THR B 388 -16.36 40.71 -5.20
N ASP B 389 -16.36 39.97 -4.11
CA ASP B 389 -16.64 38.56 -4.09
C ASP B 389 -17.92 38.04 -4.69
N ASP B 390 -18.93 38.88 -4.74
CA ASP B 390 -20.21 38.53 -5.28
C ASP B 390 -20.44 38.80 -6.75
N MET B 391 -19.48 39.36 -7.45
CA MET B 391 -19.64 39.62 -8.86
C MET B 391 -19.58 38.31 -9.63
N THR B 392 -20.29 38.26 -10.73
CA THR B 392 -20.33 37.12 -11.64
C THR B 392 -18.95 36.69 -12.19
N ILE B 393 -18.10 37.65 -12.51
CA ILE B 393 -16.77 37.36 -13.03
C ILE B 393 -15.83 36.86 -11.93
N VAL B 394 -16.17 37.08 -10.69
CA VAL B 394 -15.37 36.59 -9.60
C VAL B 394 -15.82 35.20 -9.19
N LYS B 395 -17.10 34.94 -9.34
CA LYS B 395 -17.68 33.67 -8.98
C LYS B 395 -17.58 32.56 -10.05
N GLU B 396 -17.85 32.90 -11.29
CA GLU B 396 -17.91 31.95 -12.37
C GLU B 396 -16.67 31.73 -13.21
N GLU B 397 -16.57 30.55 -13.77
CA GLU B 397 -15.43 30.18 -14.59
C GLU B 397 -15.63 30.82 -15.97
N ILE B 398 -14.70 31.64 -16.37
CA ILE B 398 -14.70 32.37 -17.62
C ILE B 398 -14.05 31.61 -18.76
N PHE B 399 -12.94 30.94 -18.46
CA PHE B 399 -12.22 30.13 -19.42
C PHE B 399 -11.56 30.87 -20.57
N GLY B 400 -11.03 32.04 -20.25
CA GLY B 400 -10.32 32.90 -21.14
C GLY B 400 -9.15 33.46 -20.38
N PRO B 401 -8.34 34.29 -21.00
CA PRO B 401 -7.18 34.82 -20.38
C PRO B 401 -7.55 36.02 -19.54
N VAL B 402 -8.46 35.79 -18.62
CA VAL B 402 -9.01 36.80 -17.75
C VAL B 402 -8.81 36.54 -16.28
N VAL B 403 -8.31 37.54 -15.56
CA VAL B 403 -8.05 37.40 -14.16
C VAL B 403 -8.64 38.51 -13.34
N VAL B 404 -8.97 38.21 -12.10
CA VAL B 404 -9.45 39.20 -11.18
C VAL B 404 -8.45 39.29 -10.06
N VAL B 405 -8.16 40.49 -9.62
CA VAL B 405 -7.20 40.71 -8.58
C VAL B 405 -7.91 41.30 -7.38
N LEU B 406 -7.64 40.73 -6.23
CA LEU B 406 -8.29 41.11 -5.01
C LEU B 406 -7.40 41.25 -3.85
N PRO B 407 -7.41 42.39 -3.17
CA PRO B 407 -6.60 42.43 -1.99
C PRO B 407 -7.28 41.79 -0.78
N PHE B 408 -6.46 41.50 0.22
CA PHE B 408 -6.95 40.97 1.50
C PHE B 408 -5.98 41.42 2.58
N ASP B 409 -6.46 41.42 3.82
CA ASP B 409 -5.71 41.95 4.99
C ASP B 409 -5.25 40.95 6.09
N SER B 410 -5.84 39.75 6.15
CA SER B 410 -5.40 38.71 7.05
C SER B 410 -5.51 37.34 6.32
N THR B 411 -4.70 36.39 6.78
CA THR B 411 -4.63 35.03 6.26
C THR B 411 -5.91 34.29 6.56
N GLU B 412 -6.49 34.53 7.75
CA GLU B 412 -7.76 33.93 8.08
C GLU B 412 -8.80 34.43 7.06
N GLU B 413 -8.80 35.70 6.72
CA GLU B 413 -9.77 36.21 5.70
C GLU B 413 -9.63 35.56 4.31
N VAL B 414 -8.40 35.37 3.85
CA VAL B 414 -8.19 34.89 2.47
C VAL B 414 -8.54 33.40 2.32
N ILE B 415 -8.37 32.62 3.38
CA ILE B 415 -8.77 31.22 3.41
C ILE B 415 -10.30 31.17 3.29
N GLU B 416 -10.97 32.02 4.03
CA GLU B 416 -12.42 32.04 4.01
C GLU B 416 -12.93 32.45 2.61
N ARG B 417 -12.33 33.48 2.02
CA ARG B 417 -12.82 33.94 0.72
C ARG B 417 -12.50 32.93 -0.43
N ALA B 418 -11.35 32.26 -0.32
CA ALA B 418 -10.85 31.34 -1.33
C ALA B 418 -11.74 30.11 -1.31
N ASN B 419 -12.14 29.68 -0.13
CA ASN B 419 -12.98 28.50 0.05
C ASN B 419 -14.47 28.75 -0.16
N ASN B 420 -14.86 30.00 -0.20
CA ASN B 420 -16.26 30.33 -0.39
C ASN B 420 -16.56 30.31 -1.84
N SER B 421 -16.73 29.10 -2.32
CA SER B 421 -16.93 28.83 -3.70
C SER B 421 -17.42 27.41 -3.84
N SER B 422 -18.22 27.18 -4.83
CA SER B 422 -18.74 25.87 -5.18
C SER B 422 -17.67 25.06 -5.89
N TYR B 423 -16.64 25.74 -6.37
CA TYR B 423 -15.56 25.08 -7.07
C TYR B 423 -14.46 24.70 -6.08
N GLY B 424 -13.56 23.83 -6.46
CA GLY B 424 -12.49 23.41 -5.58
C GLY B 424 -11.49 22.55 -6.32
N LEU B 425 -10.97 23.06 -7.39
CA LEU B 425 -10.06 22.33 -8.20
C LEU B 425 -8.65 22.40 -7.74
N ALA B 426 -8.12 23.62 -7.54
CA ALA B 426 -6.75 23.79 -7.25
C ALA B 426 -6.58 25.13 -6.51
N ALA B 427 -5.42 25.35 -5.99
CA ALA B 427 -5.06 26.62 -5.28
C ALA B 427 -3.57 26.72 -5.30
N GLY B 428 -3.05 27.95 -5.19
CA GLY B 428 -1.62 28.13 -5.04
C GLY B 428 -1.43 29.06 -3.84
N VAL B 429 -0.34 28.86 -3.10
CA VAL B 429 -0.01 29.62 -1.91
C VAL B 429 1.43 30.06 -2.00
N TRP B 430 1.67 31.38 -1.87
CA TRP B 430 3.03 31.93 -1.97
C TRP B 430 3.44 32.53 -0.65
N THR B 431 4.46 31.95 -0.05
CA THR B 431 4.96 32.33 1.24
C THR B 431 6.26 31.62 1.47
N GLN B 432 7.23 32.28 2.08
CA GLN B 432 8.53 31.68 2.36
C GLN B 432 8.62 30.98 3.71
N ASN B 433 7.57 31.08 4.50
CA ASN B 433 7.50 30.51 5.82
C ASN B 433 7.01 29.10 5.81
N ILE B 434 7.79 28.19 6.38
CA ILE B 434 7.56 26.76 6.40
C ILE B 434 6.24 26.39 7.05
N LYS B 435 5.92 27.04 8.18
CA LYS B 435 4.66 26.85 8.88
C LYS B 435 3.43 27.29 8.09
N THR B 436 3.42 28.56 7.71
CA THR B 436 2.33 29.12 6.91
C THR B 436 2.00 28.32 5.60
N GLY B 437 3.02 27.88 4.93
CA GLY B 437 2.84 27.17 3.63
C GLY B 437 1.92 25.98 3.83
N HIS B 438 2.36 25.09 4.66
CA HIS B 438 1.63 23.86 5.03
C HIS B 438 0.34 24.06 5.69
N GLN B 439 0.24 25.07 6.60
CA GLN B 439 -0.98 25.39 7.26
C GLN B 439 -2.03 25.85 6.35
N VAL B 440 -1.65 26.77 5.48
CA VAL B 440 -2.63 27.32 4.56
C VAL B 440 -3.01 26.19 3.52
N ALA B 441 -2.04 25.48 3.01
CA ALA B 441 -2.33 24.34 2.08
C ALA B 441 -3.35 23.39 2.73
N ASN B 442 -3.25 23.18 4.04
CA ASN B 442 -4.09 22.19 4.70
C ASN B 442 -5.52 22.68 4.77
N LYS B 443 -5.73 23.99 4.87
CA LYS B 443 -7.03 24.58 5.04
C LYS B 443 -7.77 24.90 3.80
N LEU B 444 -7.07 24.98 2.65
CA LEU B 444 -7.74 25.24 1.36
C LEU B 444 -8.43 23.93 0.84
N LYS B 445 -9.67 24.03 0.39
CA LYS B 445 -10.48 22.90 -0.08
C LYS B 445 -10.32 22.72 -1.60
N ALA B 446 -9.19 22.18 -1.98
CA ALA B 446 -8.83 22.03 -3.39
C ALA B 446 -8.13 20.73 -3.60
N GLY B 447 -8.37 20.06 -4.72
CA GLY B 447 -7.71 18.79 -5.02
C GLY B 447 -6.18 18.84 -5.12
N THR B 448 -5.68 19.94 -5.61
CA THR B 448 -4.27 20.20 -5.73
C THR B 448 -3.87 21.59 -5.14
N VAL B 449 -2.83 21.64 -4.35
CA VAL B 449 -2.31 22.89 -3.81
C VAL B 449 -0.82 23.00 -4.08
N TRP B 450 -0.44 24.02 -4.81
CA TRP B 450 0.94 24.28 -5.09
C TRP B 450 1.48 25.40 -4.16
N ILE B 451 2.54 25.13 -3.43
CA ILE B 451 3.17 26.07 -2.53
C ILE B 451 4.39 26.67 -3.20
N ASN B 452 4.30 27.94 -3.57
CA ASN B 452 5.38 28.63 -4.29
C ASN B 452 5.58 28.06 -5.73
N ASP B 453 4.46 27.75 -6.34
CA ASP B 453 4.38 27.36 -7.74
C ASP B 453 2.93 27.37 -8.17
N TYR B 454 2.66 26.98 -9.40
CA TYR B 454 1.33 26.94 -9.94
C TYR B 454 1.27 26.12 -11.22
N ASN B 455 0.16 25.46 -11.49
CA ASN B 455 0.03 24.71 -12.73
C ASN B 455 1.05 23.60 -12.94
N LEU B 456 1.40 22.87 -11.90
CA LEU B 456 2.29 21.75 -12.07
C LEU B 456 1.43 20.48 -12.13
N GLU B 457 1.68 19.71 -13.16
CA GLU B 457 1.04 18.45 -13.36
C GLU B 457 2.09 17.40 -13.67
N ASN B 458 1.84 16.17 -13.25
CA ASN B 458 2.70 15.04 -13.52
C ASN B 458 1.94 13.73 -13.44
N ALA B 459 2.28 12.82 -14.34
CA ALA B 459 1.64 11.53 -14.40
C ALA B 459 1.45 10.87 -13.04
N ALA B 460 2.45 10.94 -12.20
CA ALA B 460 2.43 10.36 -10.88
C ALA B 460 1.61 11.07 -9.77
N ALA B 461 1.17 12.30 -9.97
CA ALA B 461 0.45 13.05 -8.96
C ALA B 461 -1.05 13.27 -9.30
N PRO B 462 -1.91 12.84 -8.31
CA PRO B 462 -3.35 13.00 -8.62
C PRO B 462 -3.87 14.35 -8.75
N PHE B 463 -4.84 14.43 -9.60
CA PHE B 463 -5.49 15.63 -9.92
C PHE B 463 -7.01 15.53 -9.88
N GLY B 464 -7.66 16.51 -9.31
CA GLY B 464 -9.13 16.51 -9.27
C GLY B 464 -9.80 17.50 -8.36
N GLY B 465 -11.12 17.54 -8.39
CA GLY B 465 -11.85 18.49 -7.59
C GLY B 465 -12.57 18.10 -6.33
N TYR B 466 -12.67 19.06 -5.42
CA TYR B 466 -13.44 18.96 -4.25
C TYR B 466 -14.80 19.60 -4.67
N LYS B 467 -15.84 19.42 -3.90
CA LYS B 467 -17.09 20.09 -4.19
C LYS B 467 -17.58 19.91 -5.63
N GLN B 468 -17.99 21.00 -6.26
CA GLN B 468 -18.53 20.95 -7.58
C GLN B 468 -17.50 20.98 -8.69
N SER B 469 -16.24 20.81 -8.34
CA SER B 469 -15.23 20.75 -9.33
C SER B 469 -15.05 19.33 -9.85
N GLY B 470 -15.75 18.37 -9.25
CA GLY B 470 -15.64 17.00 -9.68
C GLY B 470 -15.91 15.91 -8.67
N ILE B 471 -15.73 14.69 -9.13
CA ILE B 471 -15.81 13.45 -8.36
C ILE B 471 -14.63 12.56 -8.80
N GLY B 472 -13.81 12.14 -7.86
CA GLY B 472 -12.69 11.30 -8.20
C GLY B 472 -11.43 12.04 -8.60
N ARG B 473 -10.41 11.29 -8.91
CA ARG B 473 -9.14 11.82 -9.28
C ARG B 473 -8.57 11.19 -10.54
N GLU B 474 -7.82 11.96 -11.29
CA GLU B 474 -7.13 11.39 -12.39
C GLU B 474 -5.63 11.54 -12.08
N LEU B 475 -4.86 10.76 -12.80
CA LEU B 475 -3.42 10.66 -12.69
C LEU B 475 -3.06 9.87 -11.44
N GLY B 476 -1.81 9.54 -11.29
CA GLY B 476 -1.35 8.80 -10.14
C GLY B 476 -1.88 7.41 -10.04
N SER B 477 -1.58 6.79 -8.91
CA SER B 477 -2.08 5.47 -8.66
C SER B 477 -3.59 5.56 -8.54
N TYR B 478 -4.05 6.62 -7.91
CA TYR B 478 -5.50 6.87 -7.66
C TYR B 478 -6.43 6.69 -8.84
N ALA B 479 -5.99 7.11 -10.01
CA ALA B 479 -6.84 7.08 -11.20
C ALA B 479 -7.19 5.61 -11.56
N LEU B 480 -6.36 4.67 -11.17
CA LEU B 480 -6.60 3.25 -11.45
C LEU B 480 -7.85 2.68 -10.81
N ASP B 481 -8.21 3.18 -9.65
CA ASP B 481 -9.36 2.73 -8.90
C ASP B 481 -10.66 3.03 -9.61
N ASN B 482 -10.66 4.04 -10.46
CA ASN B 482 -11.82 4.41 -11.20
C ASN B 482 -12.14 3.33 -12.27
N TYR B 483 -11.16 2.55 -12.65
CA TYR B 483 -11.31 1.59 -13.73
C TYR B 483 -11.38 0.12 -13.34
N THR B 484 -11.52 -0.06 -12.06
CA THR B 484 -11.53 -1.32 -11.41
C THR B 484 -12.80 -1.65 -10.61
N GLU B 485 -13.11 -2.93 -10.54
CA GLU B 485 -14.20 -3.48 -9.76
C GLU B 485 -13.47 -4.45 -8.75
N VAL B 486 -13.73 -4.34 -7.45
CA VAL B 486 -13.05 -5.05 -6.41
C VAL B 486 -13.90 -6.28 -6.16
N LYS B 487 -13.26 -7.44 -6.20
CA LYS B 487 -13.92 -8.70 -5.96
C LYS B 487 -13.24 -9.30 -4.76
N SER B 488 -14.04 -9.65 -3.75
CA SER B 488 -13.53 -10.27 -2.53
C SER B 488 -13.86 -11.76 -2.57
N VAL B 489 -12.83 -12.63 -2.55
CA VAL B 489 -12.95 -14.08 -2.69
C VAL B 489 -12.62 -14.68 -1.33
N TRP B 490 -13.48 -15.60 -0.91
CA TRP B 490 -13.40 -16.32 0.32
C TRP B 490 -13.23 -17.78 -0.02
N VAL B 491 -12.12 -18.34 0.40
CA VAL B 491 -11.85 -19.72 0.22
C VAL B 491 -11.87 -20.46 1.57
N ASN B 492 -12.88 -21.28 1.75
CA ASN B 492 -13.01 -22.08 2.94
C ASN B 492 -11.91 -23.11 2.93
N ILE B 493 -11.08 -23.12 3.95
CA ILE B 493 -10.03 -24.11 4.05
C ILE B 493 -10.10 -24.90 5.34
N LYS B 494 -11.29 -25.09 5.85
CA LYS B 494 -11.47 -25.75 7.14
C LYS B 494 -11.22 -27.24 7.07
N GLU C 7 6.02 8.87 47.29
CA GLU C 7 5.54 7.79 48.16
C GLU C 7 4.85 6.63 47.51
N LEU C 8 5.35 5.47 47.85
CA LEU C 8 4.95 4.22 47.27
C LEU C 8 3.48 3.86 47.23
N LYS C 9 3.10 3.24 46.13
CA LYS C 9 1.75 2.83 45.95
C LYS C 9 1.73 1.47 46.57
N PRO C 10 0.66 1.15 47.23
CA PRO C 10 0.51 -0.16 47.85
C PRO C 10 0.92 -1.34 46.95
N LYS C 11 0.49 -1.34 45.70
CA LYS C 11 0.91 -2.46 44.79
C LYS C 11 2.43 -2.43 44.53
N VAL C 12 3.08 -1.25 44.61
CA VAL C 12 4.52 -1.20 44.40
C VAL C 12 5.19 -1.75 45.63
N GLU C 13 4.80 -1.25 46.83
CA GLU C 13 5.31 -1.79 48.10
C GLU C 13 5.14 -3.30 48.13
N ALA C 14 3.95 -3.78 47.80
CA ALA C 14 3.76 -5.25 47.77
C ALA C 14 4.73 -5.95 46.83
N PHE C 15 4.90 -5.43 45.63
CA PHE C 15 5.79 -5.98 44.63
C PHE C 15 7.24 -6.09 45.05
N LEU C 16 7.75 -5.02 45.65
CA LEU C 16 9.11 -4.95 46.12
C LEU C 16 9.39 -5.65 47.45
N ASN C 17 8.37 -6.24 48.05
CA ASN C 17 8.47 -6.86 49.35
C ASN C 17 8.81 -8.29 49.25
N GLU C 18 9.24 -8.68 48.06
CA GLU C 18 9.55 -10.03 47.75
C GLU C 18 10.48 -10.24 46.58
N GLU C 19 10.97 -11.45 46.44
CA GLU C 19 11.83 -11.82 45.34
C GLU C 19 11.12 -11.60 44.00
N ILE C 20 11.76 -10.92 43.07
CA ILE C 20 11.14 -10.67 41.72
C ILE C 20 11.36 -11.88 40.79
N LYS C 21 10.28 -12.60 40.52
CA LYS C 21 10.31 -13.80 39.65
C LYS C 21 10.34 -13.43 38.16
N MET C 22 10.84 -14.34 37.36
CA MET C 22 10.79 -14.19 35.93
C MET C 22 9.46 -14.78 35.44
N PHE C 23 9.12 -14.56 34.18
CA PHE C 23 7.81 -14.98 33.65
C PHE C 23 8.02 -15.92 32.48
N ILE C 24 7.67 -17.18 32.66
CA ILE C 24 7.90 -18.17 31.61
C ILE C 24 6.68 -19.03 31.51
N ASN C 25 6.28 -19.34 30.28
CA ASN C 25 5.14 -20.16 30.01
C ASN C 25 3.91 -19.81 30.85
N GLY C 26 3.68 -18.53 31.02
CA GLY C 26 2.53 -18.03 31.75
C GLY C 26 2.57 -18.09 33.25
N GLU C 27 3.73 -18.44 33.77
CA GLU C 27 3.91 -18.56 35.19
C GLU C 27 5.06 -17.76 35.76
N PHE C 28 4.93 -17.30 36.99
CA PHE C 28 6.02 -16.60 37.63
C PHE C 28 6.89 -17.64 38.29
N VAL C 29 8.16 -17.65 37.94
CA VAL C 29 9.07 -18.67 38.42
C VAL C 29 10.41 -18.12 38.80
N SER C 30 11.11 -18.94 39.60
CA SER C 30 12.49 -18.70 39.99
C SER C 30 13.36 -19.27 38.92
N ALA C 31 14.62 -18.85 38.87
CA ALA C 31 15.61 -19.47 37.99
C ALA C 31 15.71 -20.94 38.32
N ILE C 32 15.96 -21.77 37.33
CA ILE C 32 16.11 -23.21 37.56
C ILE C 32 17.29 -23.49 38.50
N GLY C 33 18.40 -22.76 38.33
CA GLY C 33 19.56 -22.85 39.23
C GLY C 33 19.43 -22.03 40.52
N GLY C 34 18.35 -21.28 40.65
CA GLY C 34 18.08 -20.57 41.86
C GLY C 34 18.88 -19.33 42.13
N LYS C 35 19.68 -18.85 41.18
CA LYS C 35 20.47 -17.64 41.41
C LYS C 35 19.66 -16.37 41.37
N THR C 36 20.18 -15.30 41.97
CA THR C 36 19.52 -14.01 41.98
C THR C 36 20.51 -12.86 41.94
N PHE C 37 20.06 -11.69 41.54
CA PHE C 37 20.89 -10.50 41.48
C PHE C 37 20.19 -9.30 42.02
N GLU C 38 20.88 -8.18 42.19
CA GLU C 38 20.27 -6.99 42.73
C GLU C 38 20.18 -5.83 41.77
N THR C 39 19.04 -5.16 41.76
CA THR C 39 18.87 -4.00 40.96
C THR C 39 18.90 -2.88 41.96
N TYR C 40 19.55 -1.79 41.64
CA TYR C 40 19.67 -0.70 42.57
C TYR C 40 18.83 0.50 42.21
N ASN C 41 18.69 1.38 43.17
CA ASN C 41 18.01 2.61 43.04
C ASN C 41 19.14 3.59 42.81
N PRO C 42 19.24 4.08 41.52
CA PRO C 42 20.39 4.96 41.27
C PRO C 42 20.42 6.29 41.98
N ALA C 43 19.36 6.77 42.57
CA ALA C 43 19.41 8.04 43.26
C ALA C 43 19.97 7.93 44.68
N THR C 44 20.15 6.72 45.15
CA THR C 44 20.58 6.44 46.51
C THR C 44 21.62 5.32 46.65
N GLU C 45 21.76 4.50 45.64
CA GLU C 45 22.71 3.41 45.65
C GLU C 45 22.33 2.19 46.46
N ASP C 46 21.16 2.20 47.06
CA ASP C 46 20.67 1.08 47.83
C ASP C 46 20.10 0.03 46.92
N VAL C 47 19.98 -1.20 47.39
CA VAL C 47 19.37 -2.24 46.62
C VAL C 47 17.87 -1.95 46.64
N LEU C 48 17.23 -2.10 45.49
CA LEU C 48 15.81 -1.82 45.33
C LEU C 48 15.01 -3.10 45.35
N ALA C 49 15.58 -4.14 44.79
CA ALA C 49 14.96 -5.43 44.76
C ALA C 49 15.94 -6.50 44.41
N VAL C 50 15.58 -7.72 44.72
CA VAL C 50 16.40 -8.85 44.38
C VAL C 50 15.62 -9.65 43.37
N VAL C 51 16.26 -9.98 42.27
CA VAL C 51 15.62 -10.61 41.12
C VAL C 51 16.17 -11.93 40.68
N CYS C 52 15.29 -12.83 40.24
CA CYS C 52 15.72 -14.13 39.77
C CYS C 52 16.58 -13.91 38.54
N GLU C 53 17.70 -14.61 38.48
CA GLU C 53 18.72 -14.39 37.47
C GLU C 53 18.62 -15.48 36.42
N ALA C 54 18.13 -15.09 35.26
CA ALA C 54 17.98 -16.05 34.17
C ALA C 54 19.36 -16.51 33.64
N GLN C 55 19.51 -17.82 33.51
CA GLN C 55 20.74 -18.44 33.07
C GLN C 55 20.36 -19.02 31.75
N GLU C 56 21.33 -19.54 31.01
CA GLU C 56 21.11 -20.18 29.70
C GLU C 56 19.99 -21.24 29.70
N GLU C 57 19.91 -22.01 30.77
CA GLU C 57 18.91 -23.05 30.91
C GLU C 57 17.49 -22.49 31.00
N ASP C 58 17.33 -21.29 31.57
CA ASP C 58 16.05 -20.63 31.68
C ASP C 58 15.61 -20.05 30.32
N ILE C 59 16.55 -19.36 29.66
CA ILE C 59 16.34 -18.89 28.29
C ILE C 59 15.90 -20.07 27.45
N ASP C 60 16.46 -21.25 27.72
CA ASP C 60 16.06 -22.42 26.94
C ASP C 60 14.66 -22.94 27.29
N ALA C 61 14.22 -22.78 28.56
CA ALA C 61 12.84 -23.12 28.90
C ALA C 61 11.85 -22.14 28.24
N ALA C 62 12.20 -20.85 28.26
CA ALA C 62 11.43 -19.77 27.62
C ALA C 62 11.23 -20.00 26.13
N VAL C 63 12.33 -20.31 25.45
CA VAL C 63 12.29 -20.58 24.03
C VAL C 63 11.40 -21.81 23.71
N LYS C 64 11.49 -22.85 24.54
CA LYS C 64 10.58 -23.97 24.38
C LYS C 64 9.13 -23.57 24.63
N ALA C 65 8.86 -22.67 25.60
CA ALA C 65 7.51 -22.21 25.83
C ALA C 65 6.91 -21.40 24.63
N ALA C 66 7.70 -20.44 24.14
CA ALA C 66 7.45 -19.63 22.94
C ALA C 66 7.25 -20.47 21.68
N ARG C 67 8.05 -21.49 21.49
CA ARG C 67 7.88 -22.39 20.33
C ARG C 67 6.59 -23.16 20.39
N SER C 68 6.26 -23.70 21.57
CA SER C 68 4.99 -24.34 21.72
C SER C 68 3.78 -23.40 21.47
N ALA C 69 3.83 -22.18 22.00
CA ALA C 69 2.69 -21.27 21.87
C ALA C 69 2.50 -20.82 20.40
N PHE C 70 3.61 -20.76 19.67
CA PHE C 70 3.57 -20.40 18.27
C PHE C 70 3.04 -21.54 17.41
N GLU C 71 3.45 -22.76 17.66
CA GLU C 71 3.03 -23.89 16.82
C GLU C 71 1.67 -24.51 17.08
N SER C 72 1.20 -24.46 18.30
CA SER C 72 -0.06 -25.04 18.65
C SER C 72 -0.71 -24.31 19.79
N GLY C 73 -2.01 -24.47 19.92
CA GLY C 73 -2.71 -23.80 20.97
C GLY C 73 -3.47 -22.58 20.55
N PRO C 74 -3.97 -21.83 21.61
CA PRO C 74 -4.77 -20.66 21.21
C PRO C 74 -4.09 -19.57 20.41
N TRP C 75 -2.84 -19.26 20.64
CA TRP C 75 -2.19 -18.20 19.90
C TRP C 75 -2.13 -18.55 18.43
N ALA C 76 -1.87 -19.80 18.16
CA ALA C 76 -1.89 -20.28 16.75
C ALA C 76 -3.27 -20.36 16.11
N GLU C 77 -4.33 -20.50 16.88
CA GLU C 77 -5.66 -20.67 16.36
C GLU C 77 -6.53 -19.47 16.26
N MET C 78 -6.27 -18.51 17.14
CA MET C 78 -6.96 -17.28 17.25
C MET C 78 -7.12 -16.50 15.96
N THR C 79 -8.25 -15.85 15.79
CA THR C 79 -8.46 -15.00 14.65
C THR C 79 -7.65 -13.76 14.95
N THR C 80 -7.41 -12.97 13.94
CA THR C 80 -6.73 -11.72 14.06
C THR C 80 -7.45 -10.72 14.98
N ALA C 81 -8.78 -10.66 14.92
CA ALA C 81 -9.54 -9.82 15.87
C ALA C 81 -9.28 -10.25 17.31
N GLU C 82 -9.35 -11.52 17.53
CA GLU C 82 -9.11 -12.06 18.88
C GLU C 82 -7.72 -11.66 19.37
N ARG C 83 -6.71 -11.81 18.53
CA ARG C 83 -5.37 -11.41 18.89
C ARG C 83 -5.29 -9.91 19.22
N ALA C 84 -5.99 -9.12 18.43
CA ALA C 84 -6.05 -7.71 18.57
C ALA C 84 -6.66 -7.27 19.90
N HIS C 85 -7.73 -7.92 20.27
CA HIS C 85 -8.39 -7.62 21.51
C HIS C 85 -7.46 -7.90 22.71
N LEU C 86 -6.68 -8.95 22.65
CA LEU C 86 -5.72 -9.23 23.73
C LEU C 86 -4.76 -8.08 23.90
N ILE C 87 -4.23 -7.57 22.79
CA ILE C 87 -3.30 -6.42 22.86
C ILE C 87 -3.96 -5.16 23.38
N TYR C 88 -5.19 -4.87 22.90
CA TYR C 88 -5.96 -3.78 23.37
C TYR C 88 -6.24 -3.88 24.91
N LYS C 89 -6.64 -5.05 25.33
CA LYS C 89 -6.82 -5.27 26.78
C LYS C 89 -5.52 -5.08 27.55
N LEU C 90 -4.41 -5.54 27.01
CA LEU C 90 -3.10 -5.26 27.67
C LEU C 90 -2.92 -3.75 27.91
N ALA C 91 -3.23 -2.95 26.87
CA ALA C 91 -3.03 -1.52 26.93
C ALA C 91 -3.87 -0.90 27.98
N ASP C 92 -5.14 -1.33 28.04
CA ASP C 92 -6.03 -0.87 29.08
C ASP C 92 -5.49 -1.15 30.48
N LEU C 93 -5.03 -2.38 30.68
CA LEU C 93 -4.42 -2.76 31.96
C LEU C 93 -3.19 -1.92 32.35
N ILE C 94 -2.32 -1.69 31.38
CA ILE C 94 -1.18 -0.80 31.63
C ILE C 94 -1.59 0.59 32.04
N GLU C 95 -2.62 1.18 31.37
CA GLU C 95 -3.14 2.44 31.74
C GLU C 95 -3.68 2.47 33.18
N GLU C 96 -4.31 1.37 33.57
CA GLU C 96 -4.87 1.22 34.88
C GLU C 96 -3.77 1.20 35.91
N HIS C 97 -2.67 0.57 35.59
CA HIS C 97 -1.53 0.55 36.49
C HIS C 97 -0.47 1.64 36.22
N ARG C 98 -0.87 2.69 35.56
CA ARG C 98 0.03 3.74 35.15
C ARG C 98 0.90 4.30 36.24
N GLU C 99 0.32 4.60 37.37
CA GLU C 99 1.07 5.24 38.46
C GLU C 99 2.07 4.26 39.09
N GLU C 100 1.70 2.97 39.18
CA GLU C 100 2.58 1.96 39.76
C GLU C 100 3.79 1.72 38.81
N LEU C 101 3.53 1.76 37.51
CA LEU C 101 4.61 1.53 36.55
C LEU C 101 5.52 2.76 36.50
N ALA C 102 4.94 3.90 36.47
CA ALA C 102 5.78 5.15 36.57
C ALA C 102 6.71 5.16 37.81
N GLN C 103 6.21 4.68 38.94
CA GLN C 103 7.04 4.57 40.13
C GLN C 103 8.13 3.59 39.97
N LEU C 104 7.79 2.43 39.42
CA LEU C 104 8.77 1.45 39.19
C LEU C 104 9.89 1.93 38.27
N GLU C 105 9.55 2.68 37.25
CA GLU C 105 10.55 3.23 36.34
C GLU C 105 11.36 4.34 37.08
N ALA C 106 10.69 5.25 37.73
CA ALA C 106 11.40 6.27 38.45
C ALA C 106 12.41 5.66 39.45
N LEU C 107 12.04 4.62 40.15
CA LEU C 107 12.91 3.97 41.10
C LEU C 107 14.02 3.09 40.56
N ASP C 108 13.74 2.31 39.54
CA ASP C 108 14.67 1.36 38.98
C ASP C 108 15.63 1.96 38.00
N ASN C 109 15.09 2.83 37.16
CA ASN C 109 15.80 3.50 36.08
C ASN C 109 16.37 4.84 36.55
N GLY C 110 15.62 5.57 37.37
CA GLY C 110 16.08 6.85 37.94
C GLY C 110 15.44 8.10 37.43
N LYS C 111 14.78 8.06 36.27
CA LYS C 111 14.11 9.29 35.73
C LYS C 111 13.00 9.84 36.58
N PRO C 112 12.62 11.11 36.36
CA PRO C 112 11.63 11.68 37.24
C PRO C 112 10.26 11.00 37.08
N TYR C 113 9.55 10.77 38.19
CA TYR C 113 8.25 10.10 38.19
C TYR C 113 7.31 10.72 37.19
N GLN C 114 7.14 12.03 37.26
CA GLN C 114 6.18 12.69 36.41
C GLN C 114 6.45 12.52 34.88
N VAL C 115 7.71 12.33 34.44
CA VAL C 115 7.94 12.17 33.01
C VAL C 115 7.79 10.72 32.62
N ALA C 116 8.12 9.81 33.53
CA ALA C 116 7.88 8.42 33.30
C ALA C 116 6.39 8.21 33.08
N LEU C 117 5.58 8.98 33.78
CA LEU C 117 4.11 8.80 33.74
C LEU C 117 3.58 9.41 32.46
N ASP C 118 3.86 10.67 32.27
CA ASP C 118 3.41 11.45 31.13
C ASP C 118 3.99 11.06 29.77
N ASP C 119 5.20 10.57 29.77
CA ASP C 119 5.86 10.19 28.53
C ASP C 119 5.86 8.70 28.39
N ASP C 120 6.77 8.06 29.09
CA ASP C 120 6.97 6.64 29.04
C ASP C 120 5.77 5.73 29.14
N ILE C 121 5.02 5.87 30.19
CA ILE C 121 3.89 5.00 30.43
C ILE C 121 2.78 5.31 29.41
N SER C 122 2.56 6.56 29.19
CA SER C 122 1.56 7.00 28.26
C SER C 122 1.83 6.50 26.84
N ALA C 123 3.10 6.43 26.47
CA ALA C 123 3.48 5.98 25.17
C ALA C 123 3.37 4.48 25.04
N THR C 124 3.65 3.75 26.10
CA THR C 124 3.52 2.31 26.13
C THR C 124 2.06 1.97 25.79
N VAL C 125 1.16 2.63 26.45
CA VAL C 125 -0.31 2.47 26.23
C VAL C 125 -0.69 2.71 24.75
N GLU C 126 -0.24 3.84 24.23
CA GLU C 126 -0.53 4.24 22.86
C GLU C 126 0.07 3.28 21.84
N ASN C 127 1.24 2.72 22.14
CA ASN C 127 1.89 1.84 21.26
C ASN C 127 1.17 0.55 21.17
N TYR C 128 0.70 0.05 22.30
CA TYR C 128 -0.03 -1.22 22.28
C TYR C 128 -1.37 -0.98 21.59
N ARG C 129 -1.99 0.12 21.87
CA ARG C 129 -3.26 0.41 21.11
C ARG C 129 -3.08 0.50 19.56
N TYR C 130 -2.00 1.14 19.14
CA TYR C 130 -1.70 1.30 17.75
C TYR C 130 -1.52 -0.05 17.08
N TYR C 131 -0.67 -0.87 17.66
CA TYR C 131 -0.35 -2.19 17.17
C TYR C 131 -1.50 -3.20 17.21
N ALA C 132 -2.39 -3.08 18.16
CA ALA C 132 -3.56 -3.91 18.22
C ALA C 132 -4.33 -3.69 16.90
N GLY C 133 -4.37 -2.45 16.49
CA GLY C 133 -5.04 -2.02 15.30
C GLY C 133 -4.46 -2.70 14.04
N TRP C 134 -3.19 -3.05 14.05
CA TRP C 134 -2.51 -3.64 12.93
C TRP C 134 -2.80 -5.09 12.72
N THR C 135 -3.17 -5.82 13.75
CA THR C 135 -3.35 -7.26 13.64
C THR C 135 -4.24 -7.72 12.55
N THR C 136 -5.31 -6.99 12.31
CA THR C 136 -6.23 -7.31 11.25
C THR C 136 -5.97 -6.61 9.93
N LYS C 137 -4.81 -6.02 9.78
CA LYS C 137 -4.45 -5.25 8.60
C LYS C 137 -3.06 -5.56 8.01
N ILE C 138 -2.41 -6.60 8.46
CA ILE C 138 -1.12 -7.00 7.92
C ILE C 138 -1.40 -7.75 6.61
N ILE C 139 -1.65 -7.01 5.56
CA ILE C 139 -2.02 -7.62 4.32
C ILE C 139 -0.91 -8.00 3.37
N GLY C 140 -1.17 -9.07 2.62
CA GLY C 140 -0.28 -9.52 1.58
C GLY C 140 -0.83 -8.97 0.28
N GLN C 141 -0.31 -9.47 -0.84
CA GLN C 141 -0.69 -9.03 -2.17
C GLN C 141 -1.25 -10.15 -3.07
N THR C 142 -2.05 -9.75 -4.06
CA THR C 142 -2.53 -10.58 -5.14
C THR C 142 -1.81 -9.90 -6.32
N ILE C 143 -1.19 -10.69 -7.16
CA ILE C 143 -0.37 -10.21 -8.22
C ILE C 143 -0.82 -10.67 -9.57
N PRO C 144 -1.30 -9.65 -10.39
CA PRO C 144 -1.75 -10.11 -11.71
C PRO C 144 -0.58 -10.26 -12.62
N ILE C 145 -0.37 -11.48 -13.03
CA ILE C 145 0.72 -11.79 -13.89
C ILE C 145 0.26 -12.42 -15.14
N SER C 146 -0.56 -13.44 -14.99
CA SER C 146 -0.98 -14.28 -16.11
C SER C 146 -2.37 -14.84 -15.85
N LYS C 147 -3.16 -15.05 -16.89
CA LYS C 147 -4.47 -15.67 -16.70
C LYS C 147 -4.31 -17.10 -16.19
N ASP C 148 -3.16 -17.71 -16.32
CA ASP C 148 -3.01 -19.10 -15.93
C ASP C 148 -2.73 -19.39 -14.48
N TYR C 149 -2.47 -18.35 -13.71
CA TYR C 149 -2.15 -18.48 -12.31
C TYR C 149 -2.75 -17.41 -11.39
N LEU C 150 -3.08 -17.82 -10.18
CA LEU C 150 -3.49 -16.92 -9.13
C LEU C 150 -2.18 -16.80 -8.37
N ASN C 151 -1.66 -15.59 -8.20
CA ASN C 151 -0.43 -15.39 -7.51
C ASN C 151 -0.78 -14.53 -6.28
N TYR C 152 -0.32 -14.94 -5.11
CA TYR C 152 -0.53 -14.14 -3.88
C TYR C 152 0.56 -14.34 -2.88
N THR C 153 0.71 -13.35 -1.96
CA THR C 153 1.68 -13.45 -0.94
C THR C 153 0.97 -13.37 0.41
N ARG C 154 1.59 -14.04 1.37
CA ARG C 154 1.15 -14.13 2.72
C ARG C 154 2.25 -13.57 3.53
N HIS C 155 1.91 -12.71 4.47
CA HIS C 155 2.86 -12.15 5.38
C HIS C 155 2.80 -12.92 6.71
N GLU C 156 3.57 -14.00 6.81
CA GLU C 156 3.51 -14.91 7.98
C GLU C 156 4.37 -14.42 9.12
N PRO C 157 3.98 -14.72 10.37
CA PRO C 157 4.87 -14.38 11.45
C PRO C 157 6.17 -15.22 11.33
N VAL C 158 7.27 -14.60 11.62
CA VAL C 158 8.57 -15.25 11.54
C VAL C 158 8.69 -16.39 12.57
N GLY C 159 8.08 -16.25 13.74
CA GLY C 159 8.06 -17.37 14.65
C GLY C 159 8.42 -16.95 16.03
N VAL C 160 9.45 -17.57 16.62
CA VAL C 160 9.89 -17.16 17.94
C VAL C 160 10.91 -16.09 17.80
N VAL C 161 10.75 -14.99 18.53
CA VAL C 161 11.70 -13.93 18.39
C VAL C 161 12.32 -13.56 19.70
N GLY C 162 13.61 -13.24 19.62
CA GLY C 162 14.39 -12.91 20.78
C GLY C 162 14.64 -11.44 20.79
N GLN C 163 14.40 -10.82 21.91
CA GLN C 163 14.48 -9.39 22.04
C GLN C 163 15.29 -8.97 23.24
N ILE C 164 16.21 -8.02 23.03
CA ILE C 164 17.05 -7.49 24.06
C ILE C 164 16.85 -6.00 24.16
N ILE C 165 16.47 -5.61 25.36
CA ILE C 165 16.10 -4.28 25.74
C ILE C 165 17.04 -3.61 26.71
N PRO C 166 17.46 -2.34 26.35
CA PRO C 166 18.35 -1.68 27.28
C PRO C 166 17.64 -1.01 28.44
N TRP C 167 18.37 -0.20 29.18
CA TRP C 167 17.92 0.43 30.40
C TRP C 167 17.45 1.86 30.42
N ASN C 168 17.46 2.53 29.30
CA ASN C 168 17.10 3.94 29.25
C ASN C 168 15.61 4.33 29.11
N PHE C 169 14.81 3.45 28.54
CA PHE C 169 13.37 3.65 28.37
C PHE C 169 12.86 2.21 28.50
N PRO C 170 13.04 1.65 29.76
CA PRO C 170 12.71 0.21 29.85
C PRO C 170 11.37 -0.31 29.38
N LEU C 171 10.30 0.19 29.93
CA LEU C 171 8.94 -0.25 29.54
C LEU C 171 8.62 0.18 28.13
N VAL C 172 8.78 1.45 27.83
CA VAL C 172 8.43 1.90 26.45
C VAL C 172 9.11 1.06 25.36
N MET C 173 10.39 0.74 25.54
CA MET C 173 11.13 0.07 24.52
C MET C 173 10.67 -1.36 24.45
N SER C 174 10.24 -1.91 25.59
CA SER C 174 9.68 -3.26 25.55
C SER C 174 8.43 -3.24 24.64
N SER C 175 7.66 -2.16 24.76
CA SER C 175 6.45 -1.97 23.90
C SER C 175 6.70 -1.78 22.42
N TRP C 176 7.76 -1.07 22.03
CA TRP C 176 8.12 -0.94 20.60
C TRP C 176 8.30 -2.33 19.96
N LYS C 177 9.20 -3.11 20.57
CA LYS C 177 9.58 -4.42 20.16
C LYS C 177 8.44 -5.43 20.18
N MET C 178 7.75 -5.51 21.33
CA MET C 178 6.62 -6.42 21.47
C MET C 178 5.35 -6.04 20.65
N GLY C 179 4.99 -4.77 20.66
CA GLY C 179 3.78 -4.27 19.90
C GLY C 179 3.77 -4.87 18.49
N ALA C 180 4.83 -4.58 17.74
CA ALA C 180 4.92 -5.07 16.34
C ALA C 180 5.01 -6.59 16.16
N ALA C 181 5.88 -7.28 16.94
CA ALA C 181 6.05 -8.71 16.89
C ALA C 181 4.76 -9.46 17.21
N LEU C 182 4.12 -9.06 18.29
CA LEU C 182 2.86 -9.71 18.68
C LEU C 182 1.77 -9.41 17.69
N ALA C 183 1.74 -8.22 17.11
CA ALA C 183 0.71 -7.93 16.09
C ALA C 183 0.81 -8.91 14.86
N THR C 184 2.02 -9.35 14.52
CA THR C 184 2.23 -10.27 13.36
C THR C 184 1.87 -11.69 13.67
N GLY C 185 1.80 -12.00 14.95
CA GLY C 185 1.52 -13.34 15.42
C GLY C 185 2.73 -14.09 15.97
N CYS C 186 3.86 -13.44 16.16
CA CYS C 186 5.00 -14.10 16.77
C CYS C 186 4.86 -14.34 18.29
N THR C 187 5.82 -15.04 18.83
CA THR C 187 5.94 -15.31 20.24
C THR C 187 7.33 -14.82 20.60
N ILE C 188 7.45 -14.36 21.82
CA ILE C 188 8.58 -13.67 22.31
C ILE C 188 9.35 -14.22 23.50
N VAL C 189 10.66 -14.05 23.44
CA VAL C 189 11.58 -14.34 24.51
C VAL C 189 12.32 -13.01 24.64
N LEU C 190 12.09 -12.31 25.73
CA LEU C 190 12.60 -10.97 25.93
C LEU C 190 13.34 -10.75 27.20
N LYS C 191 14.48 -10.08 27.10
CA LYS C 191 15.33 -9.85 28.22
C LYS C 191 15.42 -8.36 28.52
N PRO C 192 14.97 -7.94 29.69
CA PRO C 192 15.27 -6.54 30.12
C PRO C 192 16.72 -6.35 30.63
N ALA C 193 17.17 -5.10 30.70
CA ALA C 193 18.49 -4.80 31.20
C ALA C 193 18.56 -5.18 32.67
N GLU C 194 19.74 -5.63 33.10
CA GLU C 194 20.00 -6.07 34.46
C GLU C 194 19.69 -5.00 35.50
N GLN C 195 19.93 -3.76 35.13
CA GLN C 195 19.70 -2.61 35.97
C GLN C 195 18.26 -2.09 35.97
N THR C 196 17.47 -2.43 34.97
CA THR C 196 16.08 -1.97 34.87
C THR C 196 15.06 -3.09 34.55
N PRO C 197 15.06 -4.18 35.41
CA PRO C 197 14.08 -5.23 35.10
C PRO C 197 12.66 -5.06 35.70
N LEU C 198 12.47 -4.16 36.64
CA LEU C 198 11.23 -4.01 37.39
C LEU C 198 9.92 -3.69 36.68
N SER C 199 9.87 -2.64 35.91
CA SER C 199 8.63 -2.29 35.24
C SER C 199 8.13 -3.41 34.32
N LEU C 200 9.02 -4.06 33.59
CA LEU C 200 8.61 -5.15 32.73
C LEU C 200 8.10 -6.35 33.52
N LEU C 201 8.79 -6.70 34.58
CA LEU C 201 8.37 -7.82 35.38
C LEU C 201 7.04 -7.54 36.11
N TYR C 202 6.77 -6.30 36.39
CA TYR C 202 5.52 -5.93 36.99
C TYR C 202 4.42 -6.01 35.92
N ALA C 203 4.74 -5.54 34.73
CA ALA C 203 3.81 -5.57 33.60
C ALA C 203 3.47 -7.00 33.14
N ALA C 204 4.31 -7.96 33.44
CA ALA C 204 3.97 -9.33 33.13
C ALA C 204 2.65 -9.76 33.78
N LYS C 205 2.29 -9.16 34.95
CA LYS C 205 1.04 -9.54 35.63
C LYS C 205 -0.09 -9.14 34.70
N LEU C 206 0.12 -8.06 33.98
CA LEU C 206 -0.97 -7.52 33.14
C LEU C 206 -1.10 -8.34 31.85
N PHE C 207 -0.02 -8.94 31.38
CA PHE C 207 -0.14 -9.85 30.20
C PHE C 207 -0.98 -11.05 30.59
N LYS C 208 -0.68 -11.62 31.74
CA LYS C 208 -1.45 -12.76 32.22
C LYS C 208 -2.93 -12.37 32.41
N GLU C 209 -3.22 -11.25 33.06
CA GLU C 209 -4.58 -10.81 33.29
C GLU C 209 -5.39 -10.45 32.04
N ALA C 210 -4.70 -9.85 31.04
CA ALA C 210 -5.34 -9.51 29.77
C ALA C 210 -5.75 -10.82 29.03
N GLY C 211 -5.15 -11.94 29.38
CA GLY C 211 -5.53 -13.26 28.79
C GLY C 211 -4.57 -13.86 27.76
N PHE C 212 -3.34 -13.35 27.71
CA PHE C 212 -2.34 -14.00 26.86
C PHE C 212 -2.21 -15.49 27.16
N PRO C 213 -2.18 -16.32 26.14
CA PRO C 213 -2.01 -17.73 26.36
C PRO C 213 -0.59 -17.94 26.87
N ASN C 214 -0.34 -19.03 27.57
CA ASN C 214 0.97 -19.30 28.11
C ASN C 214 2.04 -19.42 27.08
N GLY C 215 3.11 -18.69 27.28
CA GLY C 215 4.23 -18.78 26.40
C GLY C 215 4.35 -17.74 25.33
N VAL C 216 3.27 -17.07 25.02
CA VAL C 216 3.29 -16.05 24.00
C VAL C 216 4.40 -15.04 24.34
N VAL C 217 4.49 -14.59 25.57
CA VAL C 217 5.58 -13.74 25.97
C VAL C 217 6.32 -14.39 27.15
N ASN C 218 7.63 -14.26 27.20
CA ASN C 218 8.49 -14.83 28.27
C ASN C 218 9.55 -13.82 28.63
N PHE C 219 9.59 -13.41 29.88
CA PHE C 219 10.53 -12.41 30.36
C PHE C 219 11.62 -13.05 31.26
N VAL C 220 12.86 -12.87 30.85
CA VAL C 220 14.03 -13.43 31.50
C VAL C 220 15.04 -12.36 31.92
N PRO C 221 14.92 -11.87 33.21
CA PRO C 221 15.88 -10.82 33.58
C PRO C 221 17.29 -11.43 33.79
N GLY C 222 18.35 -10.63 33.86
CA GLY C 222 19.68 -11.23 33.85
C GLY C 222 20.74 -10.28 33.32
N PHE C 223 21.92 -10.84 33.05
CA PHE C 223 23.08 -10.08 32.57
C PHE C 223 23.28 -10.40 31.07
N GLY C 224 23.82 -9.42 30.34
CA GLY C 224 24.15 -9.56 28.89
C GLY C 224 24.90 -10.81 28.55
N PRO C 225 26.10 -11.02 29.19
CA PRO C 225 26.92 -12.15 28.77
C PRO C 225 26.33 -13.53 29.05
N GLU C 226 25.36 -13.67 29.96
CA GLU C 226 24.73 -14.96 30.18
C GLU C 226 23.30 -15.00 29.55
N ALA C 227 22.35 -14.22 30.07
CA ALA C 227 20.93 -14.32 29.56
C ALA C 227 20.86 -13.78 28.13
N GLY C 228 21.37 -12.57 27.98
CA GLY C 228 21.57 -11.94 26.67
C GLY C 228 22.09 -12.89 25.61
N ALA C 229 23.29 -13.44 25.82
CA ALA C 229 23.97 -14.22 24.81
C ALA C 229 23.27 -15.54 24.52
N ALA C 230 22.66 -16.10 25.55
CA ALA C 230 21.87 -17.25 25.41
C ALA C 230 20.73 -16.94 24.40
N ILE C 231 20.13 -15.75 24.43
CA ILE C 231 19.08 -15.41 23.41
C ILE C 231 19.72 -15.32 22.01
N VAL C 232 20.74 -14.50 21.89
CA VAL C 232 21.40 -14.31 20.58
C VAL C 232 21.90 -15.62 19.91
N ASN C 233 22.49 -16.53 20.69
CA ASN C 233 23.08 -17.79 20.19
C ASN C 233 22.11 -18.94 20.13
N HIS C 234 20.87 -18.74 20.58
CA HIS C 234 19.92 -19.86 20.65
C HIS C 234 19.47 -20.38 19.25
N HIS C 235 19.63 -21.67 19.01
CA HIS C 235 19.27 -22.32 17.76
C HIS C 235 17.81 -22.33 17.33
N ASP C 236 16.89 -22.20 18.27
CA ASP C 236 15.49 -22.22 17.92
C ASP C 236 14.82 -20.85 17.94
N ILE C 237 15.61 -19.78 17.99
CA ILE C 237 15.08 -18.46 17.93
C ILE C 237 15.21 -18.04 16.48
N ASP C 238 14.08 -17.66 15.92
CA ASP C 238 13.99 -17.29 14.52
C ASP C 238 14.53 -15.94 14.10
N LYS C 239 14.46 -14.96 14.97
CA LYS C 239 14.85 -13.63 14.60
C LYS C 239 15.21 -12.88 15.84
N VAL C 240 16.11 -11.93 15.74
CA VAL C 240 16.54 -11.17 16.88
C VAL C 240 16.45 -9.68 16.66
N ALA C 241 16.18 -8.95 17.71
CA ALA C 241 16.13 -7.51 17.70
C ALA C 241 16.84 -7.00 18.92
N PHE C 242 17.63 -5.97 18.74
CA PHE C 242 18.41 -5.44 19.81
C PHE C 242 18.57 -3.96 19.71
N THR C 243 18.69 -3.34 20.85
CA THR C 243 18.96 -1.94 20.94
C THR C 243 20.07 -1.76 21.96
N GLY C 244 21.15 -1.14 21.56
CA GLY C 244 22.25 -0.84 22.49
C GLY C 244 23.44 -0.14 21.89
N SER C 245 24.63 -0.51 22.36
CA SER C 245 25.86 0.09 21.87
C SER C 245 26.21 -0.44 20.48
N THR C 246 26.92 0.40 19.70
CA THR C 246 27.38 -0.03 18.39
C THR C 246 28.26 -1.29 18.47
N VAL C 247 29.22 -1.35 19.40
CA VAL C 247 30.04 -2.58 19.58
C VAL C 247 29.24 -3.85 19.94
N THR C 248 28.27 -3.76 20.85
CA THR C 248 27.43 -4.97 21.11
C THR C 248 26.57 -5.34 19.87
N GLY C 249 26.09 -4.32 19.18
CA GLY C 249 25.35 -4.54 17.92
C GLY C 249 26.16 -5.36 16.95
N LYS C 250 27.44 -5.00 16.78
CA LYS C 250 28.34 -5.74 15.89
C LYS C 250 28.39 -7.19 16.28
N TYR C 251 28.61 -7.42 17.58
CA TYR C 251 28.54 -8.75 18.18
C TYR C 251 27.24 -9.52 17.81
N ILE C 252 26.07 -8.93 18.11
CA ILE C 252 24.79 -9.66 17.80
C ILE C 252 24.73 -10.06 16.33
N MET C 253 25.12 -9.14 15.47
CA MET C 253 25.08 -9.44 14.02
C MET C 253 26.00 -10.57 13.62
N ARG C 254 27.23 -10.47 14.16
CA ARG C 254 28.23 -11.48 13.97
C ARG C 254 27.69 -12.82 14.38
N GLN C 255 27.10 -12.90 15.59
CA GLN C 255 26.54 -14.17 16.07
C GLN C 255 25.34 -14.62 15.27
N SER C 256 24.53 -13.65 14.83
CA SER C 256 23.31 -13.99 14.09
C SER C 256 23.65 -14.61 12.72
N ALA C 257 24.75 -14.13 12.13
CA ALA C 257 25.29 -14.68 10.87
C ALA C 257 25.38 -16.17 10.89
N GLU C 258 25.76 -16.74 12.03
CA GLU C 258 25.95 -18.18 12.11
C GLU C 258 24.70 -19.01 11.73
N MET C 259 23.54 -18.43 11.94
CA MET C 259 22.28 -19.08 11.65
C MET C 259 21.41 -18.38 10.59
N ILE C 260 21.98 -17.46 9.83
CA ILE C 260 21.26 -16.73 8.80
C ILE C 260 19.95 -16.20 9.38
N LYS C 261 20.10 -15.49 10.47
CA LYS C 261 19.05 -14.93 11.26
C LYS C 261 18.90 -13.44 11.09
N HIS C 262 17.71 -13.01 10.70
CA HIS C 262 17.35 -11.64 10.51
C HIS C 262 17.59 -10.81 11.74
N VAL C 263 18.14 -9.65 11.57
CA VAL C 263 18.45 -8.78 12.66
C VAL C 263 17.92 -7.38 12.50
N THR C 264 17.51 -6.80 13.60
CA THR C 264 17.06 -5.46 13.63
C THR C 264 17.84 -4.84 14.74
N LEU C 265 18.54 -3.76 14.47
CA LEU C 265 19.33 -3.10 15.48
C LEU C 265 19.18 -1.63 15.49
N GLU C 266 19.14 -1.05 16.67
CA GLU C 266 19.11 0.38 16.84
C GLU C 266 20.23 0.66 17.77
N LEU C 267 21.24 1.31 17.27
CA LEU C 267 22.41 1.56 18.03
C LEU C 267 22.47 3.00 18.48
N GLY C 268 23.60 3.54 18.77
CA GLY C 268 23.50 4.91 19.21
C GLY C 268 23.69 5.93 18.16
N GLY C 269 24.02 7.13 18.56
CA GLY C 269 24.29 8.20 17.65
C GLY C 269 24.99 9.39 18.25
N LYS C 270 25.22 10.35 17.41
CA LYS C 270 25.81 11.59 17.78
C LYS C 270 25.10 12.54 16.87
N SER C 271 23.80 12.58 17.01
CA SER C 271 22.93 13.40 16.23
C SER C 271 23.10 14.90 16.29
N PRO C 272 23.05 15.48 15.04
CA PRO C 272 23.15 16.93 15.03
C PRO C 272 21.84 17.72 15.14
N ASN C 273 21.85 18.79 15.92
CA ASN C 273 20.74 19.69 16.10
C ASN C 273 21.21 21.04 15.56
N ILE C 274 20.73 21.43 14.39
CA ILE C 274 21.16 22.61 13.64
C ILE C 274 20.32 23.83 13.69
N ILE C 275 20.93 24.93 14.07
CA ILE C 275 20.22 26.18 14.24
C ILE C 275 20.73 27.07 13.14
N LEU C 276 19.86 27.40 12.18
CA LEU C 276 20.27 28.20 11.05
C LEU C 276 20.00 29.64 11.39
N GLU C 277 20.55 30.52 10.60
CA GLU C 277 20.45 31.95 10.80
C GLU C 277 19.07 32.46 10.90
N ASP C 278 18.15 31.87 10.15
CA ASP C 278 16.77 32.31 10.19
C ASP C 278 15.86 31.49 11.10
N ALA C 279 16.44 30.84 12.08
CA ALA C 279 15.66 30.05 13.01
C ALA C 279 14.89 30.95 13.93
N ASP C 280 13.89 30.41 14.62
CA ASP C 280 13.20 31.17 15.66
C ASP C 280 14.08 30.80 16.83
N LEU C 281 15.01 31.70 17.14
CA LEU C 281 16.02 31.51 18.17
C LEU C 281 15.51 31.09 19.54
N GLU C 282 14.41 31.64 19.98
CA GLU C 282 13.82 31.23 21.28
C GLU C 282 13.50 29.72 21.32
N GLU C 283 12.75 29.29 20.29
CA GLU C 283 12.33 27.88 20.14
C GLU C 283 13.49 26.94 19.97
N ALA C 284 14.49 27.40 19.21
CA ALA C 284 15.65 26.58 18.91
C ALA C 284 16.53 26.33 20.10
N ILE C 285 16.68 27.36 20.94
CA ILE C 285 17.43 27.20 22.16
C ILE C 285 16.73 26.21 23.08
N ASN C 286 15.42 26.32 23.29
CA ASN C 286 14.71 25.34 24.15
C ASN C 286 14.79 23.94 23.54
N GLY C 287 14.57 23.87 22.23
CA GLY C 287 14.77 22.59 21.50
C GLY C 287 16.17 22.06 21.64
N ALA C 288 17.17 22.95 21.66
CA ALA C 288 18.57 22.48 21.73
C ALA C 288 18.91 21.91 23.11
N PHE C 289 18.41 22.59 24.13
CA PHE C 289 18.60 22.17 25.50
C PHE C 289 17.87 20.84 25.77
N GLN C 290 16.59 20.79 25.47
CA GLN C 290 15.80 19.52 25.68
C GLN C 290 16.35 18.39 24.83
N GLY C 291 16.82 18.73 23.64
CA GLY C 291 17.32 17.73 22.72
C GLY C 291 18.42 16.88 23.30
N ILE C 292 19.28 17.46 24.16
CA ILE C 292 20.36 16.66 24.78
C ILE C 292 19.97 16.25 26.22
N MET C 293 19.34 17.16 26.94
CA MET C 293 19.10 16.96 28.39
C MET C 293 17.95 15.99 28.70
N TYR C 294 16.94 15.92 27.82
CA TYR C 294 15.84 14.93 27.99
C TYR C 294 16.42 13.54 28.33
N ASN C 295 15.80 12.89 29.32
CA ASN C 295 16.22 11.62 29.86
C ASN C 295 17.70 11.60 30.23
N HIS C 296 18.22 12.74 30.71
CA HIS C 296 19.62 12.81 31.21
C HIS C 296 20.65 12.49 30.13
N GLY C 297 20.31 12.68 28.87
CA GLY C 297 21.23 12.43 27.79
C GLY C 297 21.28 10.98 27.44
N GLN C 298 20.52 10.19 28.17
CA GLN C 298 20.49 8.77 27.98
C GLN C 298 19.49 8.39 26.89
N ASN C 299 19.78 8.90 25.72
CA ASN C 299 18.90 8.74 24.62
C ASN C 299 19.60 8.64 23.29
N CYS C 300 19.49 7.48 22.65
CA CYS C 300 20.04 7.23 21.35
C CYS C 300 20.03 8.42 20.41
N SER C 301 18.92 9.13 20.33
CA SER C 301 18.78 10.20 19.39
C SER C 301 19.06 11.61 20.00
N ALA C 302 19.71 11.68 21.13
CA ALA C 302 19.98 12.96 21.75
C ALA C 302 20.72 13.87 20.81
N GLY C 303 20.38 15.14 20.78
CA GLY C 303 21.07 16.08 19.93
C GLY C 303 22.35 16.53 20.60
N SER C 304 23.34 15.69 20.59
CA SER C 304 24.58 15.94 21.26
C SER C 304 25.60 16.81 20.55
N ARG C 305 25.16 17.45 19.50
CA ARG C 305 25.95 18.33 18.68
C ARG C 305 25.04 19.43 18.27
N VAL C 306 25.12 20.59 18.93
CA VAL C 306 24.30 21.73 18.60
C VAL C 306 25.11 22.63 17.67
N PHE C 307 24.87 22.56 16.37
CA PHE C 307 25.56 23.41 15.44
C PHE C 307 24.77 24.67 15.39
N VAL C 308 25.42 25.79 15.65
CA VAL C 308 24.77 27.05 15.64
C VAL C 308 25.42 27.97 14.65
N HIS C 309 24.61 28.70 13.93
CA HIS C 309 25.10 29.64 12.99
C HIS C 309 25.91 30.72 13.68
N ARG C 310 27.11 30.93 13.17
CA ARG C 310 28.01 31.93 13.73
C ARG C 310 27.32 33.21 14.22
N LYS C 311 26.40 33.76 13.45
CA LYS C 311 25.65 34.94 13.90
C LYS C 311 24.91 34.79 15.23
N HIS C 312 24.61 33.56 15.66
CA HIS C 312 23.91 33.32 16.94
C HIS C 312 24.67 32.43 17.92
N TYR C 313 25.94 32.10 17.66
CA TYR C 313 26.69 31.17 18.54
C TYR C 313 26.66 31.59 20.01
N GLU C 314 26.93 32.88 20.23
CA GLU C 314 27.07 33.41 21.57
C GLU C 314 25.75 33.59 22.27
N THR C 315 24.73 34.10 21.59
CA THR C 315 23.39 34.12 22.18
C THR C 315 23.01 32.72 22.67
N VAL C 316 23.29 31.69 21.85
CA VAL C 316 22.90 30.35 22.15
C VAL C 316 23.73 29.77 23.27
N VAL C 317 25.07 29.85 23.15
CA VAL C 317 25.97 29.21 24.12
C VAL C 317 25.74 29.79 25.53
N ASP C 318 25.48 31.11 25.62
CA ASP C 318 25.12 31.72 26.91
C ASP C 318 23.88 31.07 27.50
N ALA C 319 22.80 31.09 26.70
CA ALA C 319 21.47 30.62 27.10
C ALA C 319 21.46 29.18 27.55
N LEU C 320 22.16 28.31 26.83
CA LEU C 320 22.31 26.94 27.24
C LEU C 320 23.07 26.76 28.56
N VAL C 321 24.02 27.65 28.82
CA VAL C 321 24.76 27.62 30.09
C VAL C 321 23.81 27.96 31.24
N LYS C 322 23.05 29.04 31.12
CA LYS C 322 22.10 29.43 32.18
C LYS C 322 21.03 28.33 32.45
N MET C 323 20.58 27.71 31.36
CA MET C 323 19.65 26.58 31.44
C MET C 323 20.25 25.36 32.11
N ALA C 324 21.52 25.13 31.81
CA ALA C 324 22.23 23.97 32.33
C ALA C 324 22.55 24.01 33.81
N ASN C 325 22.57 25.23 34.34
CA ASN C 325 22.88 25.51 35.70
C ASN C 325 21.63 25.41 36.49
N ASN C 326 20.56 25.97 35.95
CA ASN C 326 19.27 25.92 36.56
C ASN C 326 18.69 24.49 36.78
N VAL C 327 19.16 23.48 36.08
CA VAL C 327 18.58 22.15 36.21
C VAL C 327 18.58 21.54 37.61
N LYS C 328 17.40 21.26 38.16
CA LYS C 328 17.29 20.72 39.52
C LYS C 328 17.51 19.21 39.47
N LEU C 329 18.70 18.77 39.91
CA LEU C 329 19.06 17.37 40.01
C LEU C 329 18.50 16.83 41.30
N GLY C 330 18.08 15.57 41.26
CA GLY C 330 17.46 14.92 42.41
C GLY C 330 17.01 13.50 42.14
N ALA C 331 16.46 12.86 43.18
CA ALA C 331 15.93 11.53 43.08
C ALA C 331 14.64 11.65 42.25
N GLY C 332 14.39 10.72 41.36
CA GLY C 332 13.19 10.78 40.54
C GLY C 332 11.89 10.85 41.29
N MET C 333 11.85 10.20 42.43
CA MET C 333 10.66 10.19 43.26
C MET C 333 10.47 11.43 44.15
N GLU C 334 11.05 12.56 43.74
CA GLU C 334 10.91 13.84 44.43
C GLU C 334 10.25 14.72 43.41
N LYS C 335 9.21 15.43 43.78
CA LYS C 335 8.36 16.20 42.85
C LYS C 335 9.04 17.36 42.13
N GLU C 336 10.20 17.78 42.60
CA GLU C 336 10.85 18.96 42.05
C GLU C 336 12.01 18.58 41.13
N THR C 337 12.32 17.28 41.07
CA THR C 337 13.41 16.79 40.26
C THR C 337 13.09 16.94 38.79
N GLU C 338 14.00 17.61 38.06
CA GLU C 338 13.94 17.79 36.60
C GLU C 338 14.80 16.79 35.95
N MET C 339 15.93 16.48 36.54
CA MET C 339 16.80 15.47 36.00
C MET C 339 17.25 14.57 37.10
N GLY C 340 17.23 13.28 36.86
CA GLY C 340 17.67 12.34 37.84
C GLY C 340 19.09 11.99 37.63
N PRO C 341 19.55 10.94 38.24
CA PRO C 341 20.92 10.49 38.06
C PRO C 341 21.03 9.55 36.88
N LEU C 342 22.24 9.16 36.52
CA LEU C 342 22.47 8.22 35.45
C LEU C 342 22.04 6.88 36.00
N VAL C 343 22.10 5.83 35.24
CA VAL C 343 21.62 4.55 35.68
C VAL C 343 22.46 3.60 36.53
N SER C 344 23.76 3.83 36.58
CA SER C 344 24.62 2.95 37.30
C SER C 344 25.92 3.63 37.57
N LYS C 345 26.71 3.06 38.45
CA LYS C 345 28.02 3.62 38.72
C LYS C 345 28.86 3.51 37.44
N LYS C 346 28.81 2.36 36.77
CA LYS C 346 29.56 2.17 35.53
C LYS C 346 29.30 3.31 34.55
N GLN C 347 28.02 3.64 34.31
CA GLN C 347 27.68 4.74 33.40
C GLN C 347 28.19 6.05 33.90
N GLN C 348 28.07 6.29 35.20
CA GLN C 348 28.53 7.55 35.76
C GLN C 348 30.03 7.79 35.53
N GLU C 349 30.81 6.74 35.75
CA GLU C 349 32.27 6.73 35.53
C GLU C 349 32.47 6.98 34.04
N ARG C 350 31.91 6.09 33.23
CA ARG C 350 32.01 6.14 31.80
C ARG C 350 31.79 7.54 31.20
N VAL C 351 30.86 8.34 31.72
CA VAL C 351 30.68 9.65 31.19
C VAL C 351 31.55 10.70 31.83
N LEU C 352 32.10 10.37 33.00
CA LEU C 352 32.96 11.28 33.69
C LEU C 352 34.28 11.14 32.98
N ASN C 353 34.58 9.93 32.59
CA ASN C 353 35.78 9.64 31.83
C ASN C 353 35.75 10.20 30.41
N TYR C 354 34.57 10.55 29.92
CA TYR C 354 34.44 11.18 28.64
C TYR C 354 34.68 12.63 28.87
N ILE C 355 34.07 13.22 29.87
CA ILE C 355 34.25 14.63 30.14
C ILE C 355 35.72 15.00 30.37
N GLU C 356 36.46 14.13 31.03
CA GLU C 356 37.84 14.45 31.26
C GLU C 356 38.59 14.16 30.00
N GLN C 357 38.40 12.98 29.43
CA GLN C 357 39.04 12.61 28.17
C GLN C 357 38.95 13.73 27.20
N GLY C 358 37.95 14.54 27.39
CA GLY C 358 37.73 15.66 26.53
C GLY C 358 38.45 16.89 27.00
N LYS C 359 38.69 16.92 28.30
CA LYS C 359 39.36 18.06 28.88
C LYS C 359 40.80 17.88 28.47
N LYS C 360 41.26 16.66 28.57
CA LYS C 360 42.61 16.32 28.22
C LYS C 360 42.83 16.38 26.73
N GLU C 361 41.79 16.75 26.01
CA GLU C 361 41.89 16.86 24.58
C GLU C 361 41.81 18.29 24.16
N GLY C 362 41.53 19.18 25.09
CA GLY C 362 41.52 20.58 24.78
C GLY C 362 40.26 21.38 24.73
N ALA C 363 39.13 20.72 24.92
CA ALA C 363 37.86 21.44 24.89
C ALA C 363 37.69 22.10 26.25
N THR C 364 36.97 23.21 26.30
CA THR C 364 36.72 23.90 27.57
C THR C 364 35.25 23.76 28.04
N VAL C 365 35.00 23.93 29.36
CA VAL C 365 33.67 23.70 29.95
C VAL C 365 32.95 24.98 30.26
N ALA C 366 31.93 25.30 29.49
CA ALA C 366 31.09 26.43 29.80
C ALA C 366 30.09 26.15 30.96
N ALA C 367 30.01 24.88 31.40
CA ALA C 367 29.18 24.43 32.56
C ALA C 367 29.37 22.94 32.82
N GLY C 368 29.13 22.49 34.05
CA GLY C 368 29.22 21.10 34.44
C GLY C 368 30.56 20.42 34.55
N GLY C 369 30.70 19.26 33.94
CA GLY C 369 31.96 18.56 33.94
C GLY C 369 32.43 17.86 35.17
N GLU C 370 31.52 17.61 36.06
CA GLU C 370 31.88 16.90 37.30
C GLU C 370 30.73 15.95 37.70
N ARG C 371 30.48 15.76 38.99
CA ARG C 371 29.40 14.90 39.45
C ARG C 371 28.48 15.78 40.21
N ALA C 372 27.40 15.19 40.68
CA ALA C 372 26.44 15.94 41.41
C ALA C 372 26.00 15.29 42.70
N LEU C 373 25.60 16.14 43.62
CA LEU C 373 25.10 15.77 44.94
C LEU C 373 25.89 14.89 45.86
N GLU C 374 25.37 14.68 47.06
CA GLU C 374 26.07 13.84 48.00
C GLU C 374 26.26 12.49 47.43
N LYS C 375 25.21 11.87 46.93
CA LYS C 375 25.35 10.55 46.29
C LYS C 375 24.29 10.22 45.26
N GLY C 376 24.50 9.15 44.54
CA GLY C 376 23.62 8.78 43.48
C GLY C 376 24.57 8.80 42.28
N TYR C 377 24.23 8.14 41.19
CA TYR C 377 25.08 8.10 40.02
C TYR C 377 24.86 9.32 39.16
N PHE C 378 24.87 10.47 39.78
CA PHE C 378 24.64 11.73 39.13
C PHE C 378 25.86 12.39 38.45
N VAL C 379 25.55 13.27 37.50
CA VAL C 379 26.49 14.09 36.76
C VAL C 379 25.82 15.40 36.36
N LYS C 380 26.49 16.52 36.50
CA LYS C 380 25.94 17.81 36.18
C LYS C 380 25.69 17.98 34.70
N PRO C 381 24.56 18.71 34.34
CA PRO C 381 24.41 18.96 32.92
C PRO C 381 25.60 19.79 32.47
N THR C 382 26.23 19.37 31.39
CA THR C 382 27.43 19.99 30.88
C THR C 382 27.42 20.48 29.44
N VAL C 383 27.86 21.71 29.27
CA VAL C 383 28.01 22.39 27.99
C VAL C 383 29.50 22.54 27.67
N PHE C 384 29.97 21.87 26.62
CA PHE C 384 31.32 22.06 26.08
C PHE C 384 31.35 23.10 24.96
N THR C 385 32.39 23.90 24.95
CA THR C 385 32.62 24.98 24.03
C THR C 385 34.03 24.83 23.45
N ASP C 386 34.42 25.64 22.47
CA ASP C 386 35.74 25.54 21.81
C ASP C 386 36.08 24.11 21.39
N VAL C 387 35.29 23.51 20.52
CA VAL C 387 35.56 22.12 20.09
C VAL C 387 35.98 21.95 18.64
N THR C 388 36.49 20.80 18.28
CA THR C 388 36.86 20.53 16.91
C THR C 388 36.35 19.17 16.50
N ASP C 389 35.86 19.11 15.28
CA ASP C 389 35.21 17.92 14.73
C ASP C 389 35.96 16.60 14.95
N ASP C 390 37.30 16.66 15.07
CA ASP C 390 38.13 15.43 15.22
C ASP C 390 38.21 14.83 16.65
N MET C 391 37.81 15.60 17.65
CA MET C 391 37.86 15.16 19.06
C MET C 391 36.99 13.96 19.42
N THR C 392 37.36 13.35 20.55
CA THR C 392 36.67 12.18 21.07
C THR C 392 35.21 12.52 21.46
N ILE C 393 35.04 13.64 22.16
CA ILE C 393 33.75 14.03 22.65
C ILE C 393 32.82 14.57 21.55
N VAL C 394 33.36 14.81 20.37
CA VAL C 394 32.54 15.30 19.29
C VAL C 394 32.11 14.14 18.45
N LYS C 395 32.96 13.14 18.34
CA LYS C 395 32.64 11.99 17.53
C LYS C 395 31.93 10.83 18.20
N GLU C 396 32.04 10.70 19.51
CA GLU C 396 31.48 9.54 20.17
C GLU C 396 30.34 9.72 21.09
N GLU C 397 29.48 8.74 21.11
CA GLU C 397 28.28 8.85 21.94
C GLU C 397 28.65 8.78 23.44
N ILE C 398 28.43 9.89 24.15
CA ILE C 398 28.72 9.99 25.58
C ILE C 398 27.60 9.31 26.44
N PHE C 399 26.33 9.64 26.14
CA PHE C 399 25.15 9.01 26.79
C PHE C 399 24.96 9.49 28.24
N GLY C 400 25.12 10.79 28.41
CA GLY C 400 25.00 11.47 29.68
C GLY C 400 24.61 12.82 29.21
N PRO C 401 24.34 13.75 30.13
CA PRO C 401 23.80 15.04 29.75
C PRO C 401 24.89 16.03 29.41
N VAL C 402 25.66 15.66 28.41
CA VAL C 402 26.78 16.44 27.93
C VAL C 402 26.63 16.87 26.48
N VAL C 403 26.67 18.15 26.25
CA VAL C 403 26.56 18.66 24.92
C VAL C 403 27.78 19.45 24.45
N VAL C 404 28.16 19.22 23.20
CA VAL C 404 29.22 19.97 22.54
C VAL C 404 28.52 20.92 21.57
N VAL C 405 28.85 22.20 21.62
CA VAL C 405 28.29 23.27 20.78
C VAL C 405 29.36 23.72 19.72
N LEU C 406 28.97 23.76 18.44
CA LEU C 406 29.89 24.04 17.33
C LEU C 406 29.34 25.14 16.43
N PRO C 407 30.10 26.26 16.26
CA PRO C 407 29.66 27.29 15.33
C PRO C 407 29.86 26.88 13.85
N PHE C 408 29.11 27.53 12.96
CA PHE C 408 29.27 27.28 11.51
C PHE C 408 28.92 28.53 10.75
N ASP C 409 29.42 28.59 9.52
CA ASP C 409 29.27 29.76 8.64
C ASP C 409 28.50 29.58 7.33
N SER C 410 28.33 28.34 6.84
CA SER C 410 27.47 28.13 5.66
C SER C 410 26.66 26.82 5.78
N THR C 411 25.47 26.85 5.18
CA THR C 411 24.58 25.66 5.11
C THR C 411 25.24 24.44 4.51
N GLU C 412 26.03 24.64 3.46
CA GLU C 412 26.71 23.51 2.81
C GLU C 412 27.77 22.87 3.77
N GLU C 413 28.36 23.71 4.60
CA GLU C 413 29.37 23.30 5.59
C GLU C 413 28.69 22.46 6.69
N VAL C 414 27.60 22.97 7.24
CA VAL C 414 26.93 22.31 8.38
C VAL C 414 26.43 20.93 7.95
N ILE C 415 25.86 20.84 6.76
CA ILE C 415 25.46 19.50 6.19
C ILE C 415 26.62 18.52 6.09
N GLU C 416 27.76 18.99 5.63
CA GLU C 416 28.92 18.13 5.47
C GLU C 416 29.44 17.65 6.81
N ARG C 417 29.57 18.60 7.72
CA ARG C 417 30.00 18.31 9.07
C ARG C 417 29.00 17.51 9.88
N ALA C 418 27.71 17.82 9.76
CA ALA C 418 26.68 16.97 10.37
C ALA C 418 26.77 15.54 9.85
N ASN C 419 26.99 15.38 8.55
CA ASN C 419 27.02 14.02 7.97
C ASN C 419 28.30 13.30 8.13
N ASN C 420 29.34 14.00 8.53
CA ASN C 420 30.62 13.35 8.67
C ASN C 420 30.63 12.61 9.97
N SER C 421 30.04 11.44 9.98
CA SER C 421 29.94 10.67 11.19
C SER C 421 29.56 9.26 10.80
N SER C 422 29.92 8.28 11.62
CA SER C 422 29.58 6.89 11.36
C SER C 422 28.13 6.60 11.78
N TYR C 423 27.61 7.50 12.59
CA TYR C 423 26.28 7.54 13.11
C TYR C 423 25.33 8.36 12.19
N GLY C 424 24.04 8.17 12.41
CA GLY C 424 23.00 8.87 11.62
C GLY C 424 21.66 8.30 12.09
N LEU C 425 21.34 8.63 13.34
CA LEU C 425 20.10 8.16 13.91
C LEU C 425 19.04 9.20 13.66
N ALA C 426 19.35 10.46 13.98
CA ALA C 426 18.42 11.54 13.99
C ALA C 426 19.09 12.89 13.71
N ALA C 427 18.28 13.92 13.45
CA ALA C 427 18.80 15.28 13.23
C ALA C 427 17.75 16.31 13.40
N GLY C 428 18.12 17.48 13.89
CA GLY C 428 17.20 18.59 13.98
C GLY C 428 17.63 19.71 13.07
N VAL C 429 16.65 20.46 12.55
CA VAL C 429 16.89 21.61 11.68
C VAL C 429 15.97 22.70 12.04
N TRP C 430 16.53 23.84 12.45
CA TRP C 430 15.73 24.96 12.84
C TRP C 430 15.91 26.06 11.80
N THR C 431 14.81 26.44 11.15
CA THR C 431 14.75 27.50 10.14
C THR C 431 13.30 27.79 9.88
N GLN C 432 12.99 29.01 9.53
CA GLN C 432 11.65 29.38 9.19
C GLN C 432 11.38 29.32 7.68
N ASN C 433 12.40 29.03 6.91
CA ASN C 433 12.24 29.08 5.46
C ASN C 433 11.82 27.70 4.94
N ILE C 434 10.76 27.69 4.16
CA ILE C 434 10.15 26.48 3.65
C ILE C 434 11.03 25.66 2.76
N LYS C 435 11.80 26.30 1.91
CA LYS C 435 12.69 25.59 1.04
C LYS C 435 13.88 25.05 1.85
N THR C 436 14.44 25.86 2.73
CA THR C 436 15.61 25.46 3.47
C THR C 436 15.39 24.28 4.35
N GLY C 437 14.25 24.24 4.98
CA GLY C 437 13.93 23.21 5.98
C GLY C 437 13.80 21.88 5.22
N HIS C 438 13.03 21.84 4.16
CA HIS C 438 12.96 20.55 3.36
C HIS C 438 14.26 20.17 2.68
N GLN C 439 14.97 21.16 2.13
CA GLN C 439 16.24 20.90 1.43
C GLN C 439 17.22 20.24 2.36
N VAL C 440 17.35 20.80 3.55
CA VAL C 440 18.35 20.37 4.50
C VAL C 440 17.98 18.99 5.04
N ALA C 441 16.72 18.77 5.35
CA ALA C 441 16.25 17.50 5.89
C ALA C 441 16.49 16.41 4.84
N ASN C 442 16.30 16.75 3.57
CA ASN C 442 16.57 15.80 2.46
C ASN C 442 18.04 15.36 2.42
N LYS C 443 18.97 16.28 2.79
CA LYS C 443 20.40 16.01 2.65
C LYS C 443 21.02 15.33 3.84
N LEU C 444 20.33 15.34 4.98
CA LEU C 444 20.91 14.79 6.19
C LEU C 444 20.75 13.31 6.21
N LYS C 445 21.81 12.58 6.56
CA LYS C 445 21.78 11.16 6.52
C LYS C 445 21.43 10.60 7.90
N ALA C 446 20.12 10.62 8.16
CA ALA C 446 19.55 10.16 9.42
C ALA C 446 18.13 9.63 9.22
N GLY C 447 17.77 8.65 10.03
CA GLY C 447 16.47 8.01 9.98
C GLY C 447 15.31 8.91 10.28
N THR C 448 15.51 9.91 11.15
CA THR C 448 14.45 10.79 11.53
C THR C 448 15.04 12.20 11.53
N VAL C 449 14.33 13.14 10.93
CA VAL C 449 14.65 14.56 10.95
C VAL C 449 13.47 15.29 11.40
N TRP C 450 13.67 16.13 12.41
CA TRP C 450 12.70 17.09 12.89
C TRP C 450 13.04 18.51 12.42
N ILE C 451 12.07 19.19 11.78
CA ILE C 451 12.21 20.54 11.31
C ILE C 451 11.46 21.38 12.27
N ASN C 452 12.19 22.25 12.97
CA ASN C 452 11.67 23.11 14.06
C ASN C 452 11.09 22.31 15.24
N ASP C 453 11.78 21.25 15.65
CA ASP C 453 11.41 20.46 16.84
C ASP C 453 12.51 19.50 17.13
N TYR C 454 12.36 18.65 18.13
CA TYR C 454 13.36 17.66 18.38
C TYR C 454 12.78 16.60 19.34
N ASN C 455 13.33 15.39 19.26
CA ASN C 455 12.97 14.25 20.15
C ASN C 455 11.49 13.80 20.10
N LEU C 456 10.78 14.03 19.01
CA LEU C 456 9.36 13.58 18.90
C LEU C 456 9.29 12.13 18.37
N GLU C 457 8.52 11.29 19.03
CA GLU C 457 8.33 9.90 18.68
C GLU C 457 6.83 9.68 18.74
N ASN C 458 6.32 8.70 17.97
CA ASN C 458 4.96 8.30 18.02
C ASN C 458 4.89 6.92 17.39
N ALA C 459 3.98 6.10 17.90
CA ALA C 459 3.81 4.72 17.38
C ALA C 459 3.73 4.61 15.88
N ALA C 460 3.06 5.58 15.24
CA ALA C 460 2.84 5.61 13.79
C ALA C 460 4.01 6.00 12.86
N ALA C 461 5.09 6.58 13.41
CA ALA C 461 6.21 7.11 12.63
C ALA C 461 7.49 6.31 12.91
N PRO C 462 8.04 5.68 11.89
CA PRO C 462 9.20 4.85 12.11
C PRO C 462 10.43 5.59 12.54
N PHE C 463 11.33 4.91 13.24
CA PHE C 463 12.59 5.49 13.64
C PHE C 463 13.70 4.43 13.65
N GLY C 464 14.89 4.90 13.34
CA GLY C 464 16.07 4.08 13.31
C GLY C 464 17.23 4.69 12.54
N GLY C 465 18.36 4.03 12.55
CA GLY C 465 19.49 4.59 11.90
C GLY C 465 19.98 4.22 10.52
N TYR C 466 20.71 5.17 9.97
CA TYR C 466 21.43 5.02 8.75
C TYR C 466 22.81 4.60 9.29
N LYS C 467 23.68 4.18 8.41
CA LYS C 467 25.04 3.84 8.73
C LYS C 467 25.21 2.94 9.93
N GLN C 468 26.08 3.29 10.87
CA GLN C 468 26.30 2.40 12.00
C GLN C 468 25.34 2.66 13.17
N SER C 469 24.29 3.43 12.91
CA SER C 469 23.28 3.67 13.93
C SER C 469 22.20 2.60 13.94
N GLY C 470 22.29 1.64 13.03
CA GLY C 470 21.33 0.56 12.99
C GLY C 470 21.07 -0.13 11.67
N ILE C 471 20.15 -1.06 11.72
CA ILE C 471 19.62 -1.78 10.56
C ILE C 471 18.14 -1.97 10.83
N GLY C 472 17.30 -1.43 9.95
CA GLY C 472 15.86 -1.53 10.08
C GLY C 472 15.23 -0.40 10.79
N ARG C 473 13.93 -0.49 10.96
CA ARG C 473 13.23 0.54 11.62
C ARG C 473 12.29 0.05 12.70
N GLU C 474 12.12 0.88 13.72
CA GLU C 474 11.12 0.54 14.71
C GLU C 474 9.94 1.48 14.57
N LEU C 475 8.77 1.06 15.06
CA LEU C 475 7.51 1.84 14.92
C LEU C 475 6.98 2.00 13.54
N GLY C 476 5.75 2.51 13.44
CA GLY C 476 5.11 2.59 12.18
C GLY C 476 4.71 1.23 11.62
N SER C 477 4.12 1.24 10.43
CA SER C 477 3.88 -0.02 9.64
C SER C 477 5.21 -0.77 9.43
N TYR C 478 6.26 0.00 9.26
CA TYR C 478 7.57 -0.50 8.91
C TYR C 478 8.08 -1.58 9.87
N ALA C 479 7.86 -1.39 11.17
CA ALA C 479 8.38 -2.39 12.13
C ALA C 479 7.83 -3.77 11.86
N LEU C 480 6.66 -3.81 11.32
CA LEU C 480 5.99 -5.08 11.07
C LEU C 480 6.76 -5.96 10.13
N ASP C 481 7.40 -5.37 9.12
CA ASP C 481 8.17 -6.17 8.13
C ASP C 481 9.35 -6.92 8.82
N ASN C 482 9.81 -6.43 9.92
CA ASN C 482 10.87 -7.11 10.64
C ASN C 482 10.41 -8.43 11.23
N TYR C 483 9.12 -8.57 11.45
CA TYR C 483 8.62 -9.76 12.08
C TYR C 483 7.85 -10.75 11.21
N THR C 484 8.00 -10.57 9.90
CA THR C 484 7.34 -11.33 8.89
C THR C 484 8.23 -12.07 7.96
N GLU C 485 7.76 -13.18 7.41
CA GLU C 485 8.39 -13.94 6.34
C GLU C 485 7.37 -13.90 5.22
N VAL C 486 7.74 -13.35 4.08
CA VAL C 486 6.89 -13.26 2.92
C VAL C 486 6.92 -14.62 2.18
N LYS C 487 5.76 -15.23 1.97
CA LYS C 487 5.56 -16.47 1.17
C LYS C 487 4.81 -16.15 -0.12
N SER C 488 5.37 -16.59 -1.27
CA SER C 488 4.76 -16.38 -2.57
C SER C 488 4.17 -17.70 -3.02
N VAL C 489 2.85 -17.71 -3.20
CA VAL C 489 2.12 -18.87 -3.56
C VAL C 489 1.69 -18.63 -4.97
N TRP C 490 1.83 -19.68 -5.79
CA TRP C 490 1.42 -19.74 -7.16
C TRP C 490 0.49 -20.90 -7.26
N VAL C 491 -0.75 -20.64 -7.73
CA VAL C 491 -1.76 -21.62 -7.99
C VAL C 491 -2.02 -21.74 -9.50
N ASN C 492 -1.58 -22.87 -10.03
CA ASN C 492 -1.87 -23.19 -11.40
C ASN C 492 -3.36 -23.34 -11.57
N ILE C 493 -3.96 -22.49 -12.39
CA ILE C 493 -5.38 -22.62 -12.73
C ILE C 493 -5.59 -22.72 -14.25
N LYS C 494 -4.60 -23.28 -14.96
CA LYS C 494 -4.70 -23.49 -16.43
C LYS C 494 -5.77 -24.52 -16.74
N ILE D 6 25.23 -25.14 -33.64
CA ILE D 6 24.83 -23.68 -33.63
C ILE D 6 26.05 -22.83 -33.97
N GLU D 7 25.97 -22.01 -34.99
CA GLU D 7 27.06 -21.15 -35.42
C GLU D 7 27.24 -19.86 -34.61
N LEU D 8 28.46 -19.47 -34.31
CA LEU D 8 28.65 -18.22 -33.54
C LEU D 8 28.21 -16.99 -34.30
N LYS D 9 27.69 -16.00 -33.60
CA LYS D 9 27.23 -14.80 -34.22
C LYS D 9 28.44 -14.00 -34.43
N PRO D 10 28.41 -13.08 -35.39
CA PRO D 10 29.56 -12.29 -35.63
C PRO D 10 29.93 -11.42 -34.46
N LYS D 11 28.95 -10.89 -33.75
CA LYS D 11 29.29 -10.00 -32.61
C LYS D 11 29.82 -10.85 -31.43
N VAL D 12 29.48 -12.13 -31.35
CA VAL D 12 30.08 -13.00 -30.31
C VAL D 12 31.55 -13.29 -30.63
N GLU D 13 31.79 -13.71 -31.87
CA GLU D 13 33.15 -13.92 -32.37
C GLU D 13 34.06 -12.74 -32.15
N ALA D 14 33.61 -11.57 -32.55
CA ALA D 14 34.39 -10.33 -32.31
C ALA D 14 34.68 -10.18 -30.85
N PHE D 15 33.66 -10.31 -30.00
CA PHE D 15 33.84 -10.20 -28.55
C PHE D 15 34.90 -11.13 -27.92
N LEU D 16 34.85 -12.40 -28.31
CA LEU D 16 35.76 -13.42 -27.83
C LEU D 16 37.13 -13.35 -28.52
N ASN D 17 37.30 -12.50 -29.51
CA ASN D 17 38.54 -12.38 -30.24
C ASN D 17 39.50 -11.48 -29.54
N GLU D 18 39.16 -11.09 -28.34
CA GLU D 18 39.98 -10.21 -27.59
C GLU D 18 39.86 -10.35 -26.10
N GLU D 19 40.80 -9.74 -25.41
CA GLU D 19 40.80 -9.73 -23.99
C GLU D 19 39.45 -9.17 -23.55
N ILE D 20 38.79 -9.82 -22.60
CA ILE D 20 37.48 -9.38 -22.10
C ILE D 20 37.73 -8.34 -21.01
N LYS D 21 37.46 -7.08 -21.31
CA LYS D 21 37.67 -5.97 -20.33
C LYS D 21 36.62 -5.77 -19.24
N MET D 22 36.99 -5.00 -18.21
CA MET D 22 36.10 -4.63 -17.10
C MET D 22 35.35 -3.39 -17.47
N PHE D 23 34.30 -3.07 -16.73
CA PHE D 23 33.54 -1.83 -16.95
C PHE D 23 33.54 -1.01 -15.68
N ILE D 24 34.23 0.10 -15.70
CA ILE D 24 34.36 0.96 -14.51
C ILE D 24 34.22 2.36 -14.98
N ASN D 25 33.35 3.09 -14.29
CA ASN D 25 33.13 4.49 -14.61
C ASN D 25 32.81 4.74 -16.07
N GLY D 26 32.08 3.82 -16.67
CA GLY D 26 31.57 3.96 -18.00
C GLY D 26 32.56 3.65 -19.08
N GLU D 27 33.74 3.11 -18.70
CA GLU D 27 34.81 2.78 -19.65
C GLU D 27 35.20 1.31 -19.55
N PHE D 28 35.55 0.73 -20.68
CA PHE D 28 36.11 -0.59 -20.73
C PHE D 28 37.61 -0.49 -20.44
N VAL D 29 38.04 -1.14 -19.38
CA VAL D 29 39.40 -1.06 -18.92
C VAL D 29 39.94 -2.38 -18.42
N SER D 30 41.24 -2.45 -18.41
CA SER D 30 41.98 -3.59 -17.96
C SER D 30 42.19 -3.43 -16.48
N ALA D 31 42.61 -4.49 -15.81
CA ALA D 31 42.91 -4.37 -14.41
C ALA D 31 44.08 -3.40 -14.25
N ILE D 32 44.04 -2.60 -13.21
CA ILE D 32 45.06 -1.62 -12.95
C ILE D 32 46.46 -2.27 -12.94
N GLY D 33 46.58 -3.49 -12.41
CA GLY D 33 47.85 -4.19 -12.37
C GLY D 33 48.01 -5.19 -13.50
N GLY D 34 47.11 -5.15 -14.47
CA GLY D 34 47.25 -5.99 -15.65
C GLY D 34 46.93 -7.43 -15.48
N LYS D 35 46.52 -7.88 -14.31
CA LYS D 35 46.23 -9.31 -14.18
C LYS D 35 45.05 -9.74 -15.03
N THR D 36 45.08 -10.99 -15.51
CA THR D 36 43.98 -11.59 -16.28
C THR D 36 43.76 -13.05 -15.87
N PHE D 37 42.57 -13.56 -16.15
CA PHE D 37 42.25 -14.91 -15.80
C PHE D 37 41.54 -15.57 -16.93
N GLU D 38 41.25 -16.84 -16.80
CA GLU D 38 40.61 -17.59 -17.85
C GLU D 38 39.29 -18.17 -17.49
N THR D 39 38.33 -18.02 -18.40
CA THR D 39 37.06 -18.60 -18.26
C THR D 39 37.01 -19.68 -19.31
N TYR D 40 36.40 -20.78 -18.95
CA TYR D 40 36.30 -21.98 -19.77
C TYR D 40 34.97 -22.34 -20.32
N ASN D 41 35.00 -23.17 -21.34
CA ASN D 41 33.82 -23.69 -21.93
C ASN D 41 33.69 -25.03 -21.23
N PRO D 42 32.65 -25.12 -20.33
CA PRO D 42 32.51 -26.39 -19.62
C PRO D 42 32.19 -27.62 -20.44
N ALA D 43 31.73 -27.50 -21.65
CA ALA D 43 31.46 -28.71 -22.46
C ALA D 43 32.69 -29.30 -23.17
N THR D 44 33.75 -28.53 -23.22
CA THR D 44 34.96 -28.91 -23.89
C THR D 44 36.20 -28.88 -23.02
N GLU D 45 36.24 -27.94 -22.11
CA GLU D 45 37.31 -27.71 -21.18
C GLU D 45 38.37 -26.80 -21.77
N ASP D 46 38.09 -26.26 -22.95
CA ASP D 46 38.96 -25.34 -23.61
C ASP D 46 38.77 -23.97 -23.02
N VAL D 47 39.77 -23.12 -23.09
CA VAL D 47 39.64 -21.77 -22.59
C VAL D 47 38.67 -21.11 -23.58
N LEU D 48 37.75 -20.30 -23.05
CA LEU D 48 36.75 -19.57 -23.87
C LEU D 48 37.19 -18.15 -24.12
N ALA D 49 37.84 -17.57 -23.15
CA ALA D 49 38.26 -16.22 -23.24
C ALA D 49 39.13 -15.92 -22.10
N VAL D 50 39.88 -14.85 -22.21
CA VAL D 50 40.75 -14.40 -21.15
C VAL D 50 40.19 -13.07 -20.74
N VAL D 51 40.06 -12.89 -19.44
CA VAL D 51 39.43 -11.74 -18.85
C VAL D 51 40.24 -10.92 -17.88
N CYS D 52 40.08 -9.62 -17.89
CA CYS D 52 40.77 -8.84 -16.91
C CYS D 52 40.27 -9.19 -15.48
N GLU D 53 41.21 -9.15 -14.53
CA GLU D 53 41.02 -9.68 -13.20
C GLU D 53 41.02 -8.54 -12.18
N ALA D 54 39.84 -8.21 -11.69
CA ALA D 54 39.71 -7.18 -10.68
C ALA D 54 40.42 -7.59 -9.36
N GLN D 55 41.23 -6.70 -8.87
CA GLN D 55 41.91 -6.83 -7.57
C GLN D 55 41.26 -5.85 -6.66
N GLU D 56 41.62 -5.92 -5.38
CA GLU D 56 41.17 -4.92 -4.41
C GLU D 56 41.25 -3.50 -4.93
N GLU D 57 42.35 -3.12 -5.59
CA GLU D 57 42.50 -1.71 -6.04
C GLU D 57 41.45 -1.30 -7.11
N ASP D 58 41.01 -2.28 -7.90
CA ASP D 58 40.04 -2.03 -8.95
C ASP D 58 38.65 -1.90 -8.35
N ILE D 59 38.39 -2.73 -7.36
CA ILE D 59 37.16 -2.62 -6.61
C ILE D 59 37.13 -1.25 -6.00
N ASP D 60 38.28 -0.78 -5.51
CA ASP D 60 38.37 0.57 -4.96
C ASP D 60 38.06 1.64 -5.99
N ALA D 61 38.46 1.39 -7.24
CA ALA D 61 38.17 2.36 -8.28
C ALA D 61 36.64 2.36 -8.64
N ALA D 62 36.06 1.18 -8.84
CA ALA D 62 34.61 0.99 -9.07
C ALA D 62 33.81 1.70 -7.98
N VAL D 63 34.15 1.40 -6.73
CA VAL D 63 33.44 1.99 -5.58
C VAL D 63 33.52 3.54 -5.60
N LYS D 64 34.68 4.12 -5.91
CA LYS D 64 34.81 5.61 -5.99
C LYS D 64 34.01 6.18 -7.14
N ALA D 65 33.89 5.42 -8.24
CA ALA D 65 33.13 5.85 -9.39
C ALA D 65 31.63 5.86 -9.07
N ALA D 66 31.19 4.80 -8.43
CA ALA D 66 29.81 4.66 -7.95
C ALA D 66 29.45 5.68 -6.88
N ARG D 67 30.35 5.88 -5.96
CA ARG D 67 30.16 6.99 -4.95
C ARG D 67 29.95 8.28 -5.69
N SER D 68 30.80 8.56 -6.67
CA SER D 68 30.69 9.88 -7.34
C SER D 68 29.40 9.98 -8.17
N ALA D 69 29.01 8.92 -8.90
CA ALA D 69 27.80 8.92 -9.69
C ALA D 69 26.52 9.01 -8.82
N PHE D 70 26.56 8.48 -7.60
CA PHE D 70 25.48 8.59 -6.64
C PHE D 70 25.36 10.01 -6.02
N GLU D 71 26.48 10.61 -5.65
CA GLU D 71 26.44 11.93 -4.96
C GLU D 71 26.19 13.13 -5.86
N SER D 72 26.66 13.13 -7.10
CA SER D 72 26.52 14.29 -7.99
C SER D 72 26.55 13.86 -9.43
N GLY D 73 26.04 14.71 -10.33
CA GLY D 73 25.98 14.37 -11.74
C GLY D 73 24.60 13.90 -12.17
N PRO D 74 24.48 13.50 -13.44
CA PRO D 74 23.18 13.19 -14.03
C PRO D 74 22.36 12.19 -13.22
N TRP D 75 22.96 11.12 -12.70
CA TRP D 75 22.11 10.13 -12.00
C TRP D 75 21.52 10.68 -10.71
N ALA D 76 22.18 11.67 -10.16
CA ALA D 76 21.69 12.28 -8.97
C ALA D 76 20.66 13.37 -9.27
N GLU D 77 20.68 13.99 -10.41
CA GLU D 77 19.76 15.07 -10.75
C GLU D 77 18.49 14.69 -11.42
N MET D 78 18.64 13.71 -12.29
CA MET D 78 17.63 13.08 -13.07
C MET D 78 16.29 12.79 -12.39
N THR D 79 15.20 13.10 -13.07
CA THR D 79 13.84 12.77 -12.60
C THR D 79 13.66 11.23 -12.58
N THR D 80 12.68 10.76 -11.83
CA THR D 80 12.31 9.38 -11.89
C THR D 80 11.90 8.89 -13.25
N ALA D 81 11.16 9.65 -14.00
CA ALA D 81 10.85 9.32 -15.39
C ALA D 81 12.09 9.10 -16.26
N GLU D 82 13.04 9.99 -16.12
CA GLU D 82 14.28 9.87 -16.86
C GLU D 82 15.05 8.59 -16.49
N ARG D 83 15.15 8.31 -15.18
CA ARG D 83 15.83 7.09 -14.76
C ARG D 83 15.10 5.91 -15.30
N ALA D 84 13.79 5.93 -15.26
CA ALA D 84 13.01 4.82 -15.77
C ALA D 84 13.25 4.52 -17.24
N HIS D 85 13.29 5.56 -18.04
CA HIS D 85 13.51 5.43 -19.46
C HIS D 85 14.89 4.82 -19.76
N LEU D 86 15.90 5.14 -18.99
CA LEU D 86 17.20 4.52 -19.17
C LEU D 86 17.12 3.02 -18.98
N ILE D 87 16.40 2.60 -17.96
CA ILE D 87 16.24 1.22 -17.65
C ILE D 87 15.43 0.57 -18.72
N TYR D 88 14.36 1.22 -19.22
CA TYR D 88 13.60 0.65 -20.32
C TYR D 88 14.42 0.49 -21.64
N LYS D 89 15.23 1.49 -21.95
CA LYS D 89 16.14 1.44 -23.11
C LYS D 89 17.15 0.29 -22.95
N LEU D 90 17.65 0.07 -21.73
CA LEU D 90 18.54 -1.10 -21.50
C LEU D 90 17.86 -2.40 -21.91
N ALA D 91 16.58 -2.55 -21.48
CA ALA D 91 15.88 -3.79 -21.78
C ALA D 91 15.70 -3.98 -23.24
N ASP D 92 15.39 -2.91 -23.96
CA ASP D 92 15.20 -3.02 -25.40
C ASP D 92 16.48 -3.50 -26.06
N LEU D 93 17.56 -2.89 -25.68
CA LEU D 93 18.90 -3.31 -26.16
C LEU D 93 19.30 -4.76 -25.88
N ILE D 94 18.96 -5.27 -24.69
CA ILE D 94 19.23 -6.67 -24.38
C ILE D 94 18.36 -7.56 -25.26
N GLU D 95 17.10 -7.14 -25.47
CA GLU D 95 16.26 -7.82 -26.39
C GLU D 95 16.86 -7.86 -27.80
N GLU D 96 17.47 -6.78 -28.21
CA GLU D 96 18.05 -6.71 -29.50
C GLU D 96 19.22 -7.64 -29.61
N HIS D 97 19.98 -7.77 -28.56
CA HIS D 97 21.14 -8.64 -28.59
C HIS D 97 20.86 -10.00 -28.01
N ARG D 98 19.60 -10.37 -28.02
CA ARG D 98 19.17 -11.61 -27.44
C ARG D 98 19.93 -12.85 -27.88
N GLU D 99 20.17 -13.00 -29.16
CA GLU D 99 20.81 -14.21 -29.66
C GLU D 99 22.26 -14.25 -29.23
N GLU D 100 22.93 -13.08 -29.25
CA GLU D 100 24.34 -13.04 -28.86
C GLU D 100 24.54 -13.41 -27.38
N LEU D 101 23.64 -12.89 -26.55
CA LEU D 101 23.67 -13.14 -25.12
C LEU D 101 23.34 -14.60 -24.81
N ALA D 102 22.31 -15.12 -25.42
CA ALA D 102 22.04 -16.56 -25.23
C ALA D 102 23.23 -17.45 -25.64
N GLN D 103 23.97 -17.07 -26.69
CA GLN D 103 25.19 -17.80 -27.04
C GLN D 103 26.28 -17.74 -25.99
N LEU D 104 26.52 -16.55 -25.45
CA LEU D 104 27.52 -16.41 -24.44
C LEU D 104 27.26 -17.24 -23.19
N GLU D 105 26.00 -17.35 -22.86
CA GLU D 105 25.56 -18.03 -21.72
C GLU D 105 25.71 -19.52 -21.95
N ALA D 106 25.28 -20.02 -23.13
CA ALA D 106 25.51 -21.40 -23.44
C ALA D 106 27.03 -21.77 -23.38
N LEU D 107 27.90 -20.93 -23.93
CA LEU D 107 29.33 -21.23 -24.01
C LEU D 107 30.04 -21.16 -22.69
N ASP D 108 29.73 -20.11 -21.91
CA ASP D 108 30.39 -19.76 -20.68
C ASP D 108 29.81 -20.56 -19.49
N ASN D 109 28.48 -20.68 -19.40
CA ASN D 109 27.80 -21.38 -18.31
C ASN D 109 27.57 -22.86 -18.61
N GLY D 110 27.34 -23.18 -19.87
CA GLY D 110 27.11 -24.54 -20.31
C GLY D 110 25.67 -24.87 -20.65
N LYS D 111 24.70 -24.09 -20.20
CA LYS D 111 23.29 -24.45 -20.47
C LYS D 111 22.90 -24.42 -21.94
N PRO D 112 21.76 -25.05 -22.29
CA PRO D 112 21.52 -25.15 -23.71
C PRO D 112 21.04 -23.84 -24.27
N TYR D 113 21.59 -23.47 -25.43
CA TYR D 113 21.30 -22.20 -26.11
C TYR D 113 19.80 -21.81 -26.12
N GLN D 114 18.94 -22.73 -26.57
CA GLN D 114 17.52 -22.42 -26.69
C GLN D 114 16.82 -22.06 -25.34
N VAL D 115 17.28 -22.61 -24.21
CA VAL D 115 16.64 -22.27 -22.97
C VAL D 115 17.22 -20.98 -22.43
N ALA D 116 18.50 -20.73 -22.62
CA ALA D 116 19.07 -19.44 -22.28
C ALA D 116 18.32 -18.33 -23.00
N LEU D 117 17.97 -18.55 -24.25
CA LEU D 117 17.25 -17.52 -25.05
C LEU D 117 15.83 -17.36 -24.57
N ASP D 118 15.08 -18.43 -24.56
CA ASP D 118 13.69 -18.43 -24.17
C ASP D 118 13.44 -18.15 -22.72
N ASP D 119 14.36 -18.57 -21.88
CA ASP D 119 14.19 -18.37 -20.47
C ASP D 119 15.01 -17.25 -19.91
N ASP D 120 16.31 -17.43 -19.85
CA ASP D 120 17.16 -16.50 -19.20
C ASP D 120 17.11 -15.07 -19.80
N ILE D 121 17.31 -15.00 -21.10
CA ILE D 121 17.44 -13.70 -21.76
C ILE D 121 16.05 -13.02 -21.78
N SER D 122 15.01 -13.77 -22.08
CA SER D 122 13.63 -13.16 -22.02
C SER D 122 13.24 -12.67 -20.62
N ALA D 123 13.61 -13.39 -19.55
CA ALA D 123 13.35 -12.98 -18.19
C ALA D 123 14.16 -11.76 -17.83
N THR D 124 15.41 -11.67 -18.28
CA THR D 124 16.22 -10.50 -18.07
C THR D 124 15.55 -9.23 -18.64
N VAL D 125 15.10 -9.35 -19.86
CA VAL D 125 14.40 -8.24 -20.54
C VAL D 125 13.13 -7.82 -19.76
N GLU D 126 12.33 -8.80 -19.36
CA GLU D 126 11.07 -8.55 -18.65
C GLU D 126 11.32 -7.97 -17.26
N ASN D 127 12.44 -8.35 -16.60
CA ASN D 127 12.77 -7.82 -15.30
C ASN D 127 13.16 -6.36 -15.34
N TYR D 128 13.95 -5.98 -16.33
CA TYR D 128 14.35 -4.58 -16.47
C TYR D 128 13.07 -3.76 -16.84
N ARG D 129 12.26 -4.31 -17.69
CA ARG D 129 11.00 -3.59 -18.05
C ARG D 129 10.09 -3.40 -16.82
N TYR D 130 10.04 -4.41 -15.97
CA TYR D 130 9.22 -4.35 -14.81
C TYR D 130 9.69 -3.27 -13.85
N TYR D 131 10.97 -3.32 -13.50
CA TYR D 131 11.61 -2.39 -12.60
C TYR D 131 11.67 -0.94 -13.11
N ALA D 132 11.76 -0.74 -14.41
CA ALA D 132 11.74 0.59 -14.96
C ALA D 132 10.43 1.24 -14.47
N GLY D 133 9.38 0.45 -14.54
CA GLY D 133 8.07 0.86 -14.11
C GLY D 133 7.98 1.26 -12.62
N TRP D 134 8.91 0.80 -11.78
CA TRP D 134 8.90 1.08 -10.36
C TRP D 134 9.51 2.41 -10.00
N THR D 135 10.38 2.94 -10.82
CA THR D 135 11.09 4.18 -10.50
C THR D 135 10.24 5.33 -10.06
N THR D 136 9.11 5.48 -10.72
CA THR D 136 8.13 6.52 -10.48
C THR D 136 7.06 6.14 -9.47
N LYS D 137 7.21 5.02 -8.80
CA LYS D 137 6.22 4.55 -7.88
C LYS D 137 6.75 4.10 -6.52
N ILE D 138 8.00 4.37 -6.21
CA ILE D 138 8.56 4.02 -4.91
C ILE D 138 8.13 5.11 -3.91
N ILE D 139 6.92 4.95 -3.39
CA ILE D 139 6.31 5.91 -2.51
C ILE D 139 6.52 5.75 -1.04
N GLY D 140 6.60 6.88 -0.36
CA GLY D 140 6.69 6.95 1.07
C GLY D 140 5.27 7.20 1.56
N GLN D 141 5.13 7.55 2.82
CA GLN D 141 3.87 7.78 3.47
C GLN D 141 3.71 9.19 4.05
N THR D 142 2.47 9.64 4.15
CA THR D 142 2.07 10.83 4.89
C THR D 142 1.28 10.13 6.04
N ILE D 143 1.52 10.53 7.26
CA ILE D 143 1.00 9.88 8.40
C ILE D 143 0.25 10.83 9.30
N PRO D 144 -1.05 10.58 9.42
CA PRO D 144 -1.81 11.50 10.24
C PRO D 144 -1.65 11.14 11.66
N ILE D 145 -1.02 11.99 12.42
CA ILE D 145 -0.84 11.73 13.81
C ILE D 145 -1.48 12.84 14.62
N SER D 146 -1.08 14.03 14.28
CA SER D 146 -1.56 15.20 14.97
C SER D 146 -1.65 16.43 14.10
N LYS D 147 -2.58 17.28 14.44
CA LYS D 147 -2.76 18.53 13.78
C LYS D 147 -1.53 19.42 13.83
N ASP D 148 -0.63 19.17 14.73
CA ASP D 148 0.50 20.05 14.90
C ASP D 148 1.72 19.75 14.11
N TYR D 149 1.69 18.65 13.38
CA TYR D 149 2.79 18.21 12.58
C TYR D 149 2.43 17.60 11.23
N LEU D 150 3.29 17.79 10.25
CA LEU D 150 3.13 17.10 8.98
C LEU D 150 4.16 16.00 9.18
N ASN D 151 3.75 14.75 9.04
CA ASN D 151 4.65 13.66 9.20
C ASN D 151 4.69 12.92 7.85
N TYR D 152 5.88 12.68 7.32
CA TYR D 152 6.08 11.97 6.06
C TYR D 152 7.37 11.19 6.03
N THR D 153 7.39 10.10 5.23
CA THR D 153 8.57 9.34 5.05
C THR D 153 9.06 9.42 3.60
N ARG D 154 10.35 9.28 3.43
CA ARG D 154 11.00 9.24 2.16
C ARG D 154 11.70 7.94 2.10
N HIS D 155 11.57 7.23 0.98
CA HIS D 155 12.31 6.02 0.79
C HIS D 155 13.53 6.35 -0.06
N GLU D 156 14.63 6.68 0.57
CA GLU D 156 15.84 7.13 -0.16
C GLU D 156 16.64 5.94 -0.65
N PRO D 157 17.35 6.05 -1.75
CA PRO D 157 18.20 4.94 -2.16
C PRO D 157 19.32 4.81 -1.13
N VAL D 158 19.73 3.60 -0.79
CA VAL D 158 20.78 3.44 0.22
C VAL D 158 22.12 4.01 -0.15
N GLY D 159 22.50 3.98 -1.42
CA GLY D 159 23.74 4.58 -1.87
C GLY D 159 24.44 3.66 -2.83
N VAL D 160 25.70 3.34 -2.53
CA VAL D 160 26.45 2.39 -3.27
C VAL D 160 26.24 1.02 -2.74
N VAL D 161 25.90 0.10 -3.63
CA VAL D 161 25.53 -1.21 -3.20
C VAL D 161 26.44 -2.16 -3.91
N GLY D 162 26.92 -3.19 -3.18
CA GLY D 162 27.79 -4.17 -3.75
C GLY D 162 27.05 -5.46 -3.90
N GLN D 163 27.20 -6.07 -5.04
CA GLN D 163 26.46 -7.26 -5.34
C GLN D 163 27.29 -8.36 -5.93
N ILE D 164 27.05 -9.57 -5.48
CA ILE D 164 27.77 -10.73 -5.91
C ILE D 164 26.83 -11.78 -6.42
N ILE D 165 27.03 -12.21 -7.62
CA ILE D 165 26.15 -13.17 -8.17
C ILE D 165 26.87 -14.38 -8.59
N PRO D 166 26.15 -15.52 -8.41
CA PRO D 166 26.84 -16.75 -8.73
C PRO D 166 26.87 -17.04 -10.19
N TRP D 167 27.05 -18.29 -10.56
CA TRP D 167 27.23 -18.73 -11.93
C TRP D 167 26.19 -19.57 -12.58
N ASN D 168 25.06 -19.83 -11.93
CA ASN D 168 24.06 -20.70 -12.54
C ASN D 168 23.03 -20.05 -13.45
N PHE D 169 22.74 -18.78 -13.23
CA PHE D 169 21.78 -18.03 -14.05
C PHE D 169 22.45 -16.66 -14.14
N PRO D 170 23.61 -16.58 -14.78
CA PRO D 170 24.40 -15.36 -14.76
C PRO D 170 23.76 -14.03 -15.17
N LEU D 171 23.28 -13.94 -16.37
CA LEU D 171 22.68 -12.71 -16.79
C LEU D 171 21.40 -12.41 -16.02
N VAL D 172 20.53 -13.39 -15.90
CA VAL D 172 19.22 -13.14 -15.19
C VAL D 172 19.43 -12.68 -13.76
N MET D 173 20.41 -13.27 -13.06
CA MET D 173 20.57 -12.95 -11.68
C MET D 173 21.16 -11.56 -11.55
N SER D 174 21.98 -11.15 -12.51
CA SER D 174 22.46 -9.77 -12.50
C SER D 174 21.26 -8.76 -12.56
N SER D 175 20.26 -9.12 -13.35
CA SER D 175 18.98 -8.34 -13.54
C SER D 175 18.09 -8.26 -12.28
N TRP D 176 17.97 -9.38 -11.56
CA TRP D 176 17.25 -9.42 -10.27
C TRP D 176 17.86 -8.34 -9.36
N LYS D 177 19.17 -8.40 -9.21
CA LYS D 177 19.89 -7.50 -8.37
C LYS D 177 19.89 -6.03 -8.76
N MET D 178 20.26 -5.76 -9.98
CA MET D 178 20.35 -4.43 -10.50
C MET D 178 19.01 -3.75 -10.80
N GLY D 179 18.06 -4.50 -11.29
CA GLY D 179 16.73 -3.97 -11.58
C GLY D 179 16.20 -3.18 -10.38
N ALA D 180 15.99 -3.85 -9.26
CA ALA D 180 15.50 -3.22 -8.06
C ALA D 180 16.39 -2.12 -7.50
N ALA D 181 17.72 -2.34 -7.39
CA ALA D 181 18.63 -1.34 -6.95
C ALA D 181 18.64 -0.10 -7.79
N LEU D 182 18.75 -0.31 -9.05
CA LEU D 182 18.73 0.82 -9.97
C LEU D 182 17.39 1.56 -9.95
N ALA D 183 16.28 0.85 -9.87
CA ALA D 183 14.99 1.54 -9.79
C ALA D 183 14.93 2.54 -8.58
N THR D 184 15.60 2.23 -7.46
CA THR D 184 15.55 3.11 -6.26
C THR D 184 16.49 4.26 -6.37
N GLY D 185 17.38 4.24 -7.33
CA GLY D 185 18.33 5.30 -7.52
C GLY D 185 19.74 4.98 -7.01
N CYS D 186 20.00 3.75 -6.60
CA CYS D 186 21.33 3.37 -6.16
C CYS D 186 22.33 3.25 -7.33
N THR D 187 23.58 3.03 -7.00
CA THR D 187 24.65 2.80 -7.95
C THR D 187 25.27 1.50 -7.49
N ILE D 188 25.77 0.75 -8.45
CA ILE D 188 26.25 -0.58 -8.30
C ILE D 188 27.73 -0.93 -8.60
N VAL D 189 28.28 -1.80 -7.76
CA VAL D 189 29.59 -2.39 -7.93
C VAL D 189 29.18 -3.86 -7.93
N LEU D 190 29.30 -4.50 -9.05
CA LEU D 190 28.84 -5.84 -9.21
C LEU D 190 29.85 -6.76 -9.74
N LYS D 191 29.90 -7.91 -9.08
CA LYS D 191 30.82 -8.93 -9.38
C LYS D 191 30.26 -10.24 -9.91
N PRO D 192 30.57 -10.55 -11.22
CA PRO D 192 30.08 -11.85 -11.70
C PRO D 192 31.01 -13.04 -11.26
N ALA D 193 30.54 -14.27 -11.30
CA ALA D 193 31.35 -15.42 -10.92
C ALA D 193 32.50 -15.53 -11.93
N GLU D 194 33.69 -15.89 -11.42
CA GLU D 194 34.87 -16.13 -12.23
C GLU D 194 34.58 -17.11 -13.37
N GLN D 195 33.72 -18.07 -13.09
CA GLN D 195 33.28 -19.05 -14.07
C GLN D 195 32.36 -18.51 -15.23
N THR D 196 31.59 -17.47 -14.96
CA THR D 196 30.63 -16.96 -15.96
C THR D 196 30.58 -15.44 -16.02
N PRO D 197 31.76 -14.85 -16.43
CA PRO D 197 31.71 -13.39 -16.53
C PRO D 197 31.27 -12.82 -17.88
N LEU D 198 31.17 -13.64 -18.91
CA LEU D 198 30.89 -13.16 -20.24
C LEU D 198 29.59 -12.43 -20.62
N SER D 199 28.47 -13.02 -20.30
CA SER D 199 27.18 -12.41 -20.68
C SER D 199 27.09 -11.04 -19.95
N LEU D 200 27.51 -10.93 -18.72
CA LEU D 200 27.46 -9.64 -18.07
C LEU D 200 28.36 -8.57 -18.70
N LEU D 201 29.59 -8.92 -18.98
CA LEU D 201 30.54 -8.02 -19.60
C LEU D 201 30.14 -7.66 -21.02
N TYR D 202 29.44 -8.53 -21.73
CA TYR D 202 28.94 -8.20 -23.04
C TYR D 202 27.82 -7.18 -22.86
N ALA D 203 26.95 -7.43 -21.91
CA ALA D 203 25.76 -6.59 -21.64
C ALA D 203 26.18 -5.20 -21.18
N ALA D 204 27.39 -5.07 -20.69
CA ALA D 204 27.90 -3.77 -20.31
C ALA D 204 27.83 -2.76 -21.46
N LYS D 205 28.01 -3.24 -22.67
CA LYS D 205 27.99 -2.38 -23.84
C LYS D 205 26.65 -1.71 -23.91
N LEU D 206 25.63 -2.48 -23.63
CA LEU D 206 24.24 -2.02 -23.71
C LEU D 206 23.92 -0.99 -22.64
N PHE D 207 24.47 -1.15 -21.46
CA PHE D 207 24.35 -0.07 -20.42
C PHE D 207 24.91 1.28 -20.93
N LYS D 208 26.11 1.23 -21.53
CA LYS D 208 26.68 2.42 -22.14
C LYS D 208 25.78 3.02 -23.24
N GLU D 209 25.26 2.19 -24.14
CA GLU D 209 24.54 2.66 -25.30
C GLU D 209 23.16 3.12 -24.94
N ALA D 210 22.59 2.52 -23.90
CA ALA D 210 21.30 2.94 -23.35
C ALA D 210 21.41 4.34 -22.72
N GLY D 211 22.64 4.77 -22.41
CA GLY D 211 22.92 6.13 -21.88
C GLY D 211 23.11 6.25 -20.38
N PHE D 212 23.39 5.13 -19.71
CA PHE D 212 23.70 5.23 -18.29
C PHE D 212 24.85 6.15 -18.06
N PRO D 213 24.76 7.06 -17.12
CA PRO D 213 25.89 7.92 -16.85
C PRO D 213 27.08 7.12 -16.20
N ASN D 214 28.28 7.59 -16.39
CA ASN D 214 29.49 7.00 -15.86
C ASN D 214 29.48 6.63 -14.39
N GLY D 215 29.69 5.36 -14.09
CA GLY D 215 29.79 4.94 -12.73
C GLY D 215 28.55 4.43 -12.07
N VAL D 216 27.40 4.61 -12.70
CA VAL D 216 26.19 4.13 -12.12
C VAL D 216 26.24 2.62 -11.94
N VAL D 217 26.87 1.92 -12.89
CA VAL D 217 27.11 0.52 -12.81
C VAL D 217 28.61 0.28 -13.05
N ASN D 218 29.19 -0.65 -12.30
CA ASN D 218 30.60 -1.06 -12.43
C ASN D 218 30.72 -2.58 -12.29
N PHE D 219 31.25 -3.22 -13.31
CA PHE D 219 31.38 -4.65 -13.35
C PHE D 219 32.87 -5.10 -13.18
N VAL D 220 33.14 -5.82 -12.11
CA VAL D 220 34.45 -6.28 -11.73
C VAL D 220 34.53 -7.81 -11.68
N PRO D 221 34.92 -8.42 -12.87
CA PRO D 221 35.01 -9.87 -12.79
C PRO D 221 36.28 -10.28 -12.01
N GLY D 222 36.34 -11.53 -11.58
CA GLY D 222 37.45 -12.05 -10.79
C GLY D 222 37.05 -13.18 -9.88
N PHE D 223 37.79 -13.31 -8.78
CA PHE D 223 37.75 -14.43 -7.87
C PHE D 223 37.18 -13.95 -6.54
N GLY D 224 36.39 -14.81 -5.91
CA GLY D 224 35.82 -14.58 -4.58
C GLY D 224 36.73 -14.03 -3.51
N PRO D 225 37.87 -14.74 -3.22
CA PRO D 225 38.78 -14.30 -2.17
C PRO D 225 39.42 -12.93 -2.41
N GLU D 226 39.58 -12.50 -3.64
CA GLU D 226 40.13 -11.17 -3.90
C GLU D 226 38.99 -10.16 -4.27
N ALA D 227 38.36 -10.37 -5.43
CA ALA D 227 37.33 -9.38 -5.93
C ALA D 227 36.09 -9.37 -5.03
N GLY D 228 35.54 -10.57 -4.80
CA GLY D 228 34.46 -10.77 -3.84
C GLY D 228 34.71 -10.12 -2.49
N ALA D 229 35.86 -10.44 -1.86
CA ALA D 229 36.16 -9.95 -0.52
C ALA D 229 36.34 -8.47 -0.45
N ALA D 230 36.95 -7.89 -1.49
CA ALA D 230 37.13 -6.47 -1.51
C ALA D 230 35.74 -5.81 -1.49
N ILE D 231 34.74 -6.43 -2.12
CA ILE D 231 33.37 -5.81 -2.13
C ILE D 231 32.76 -5.94 -0.75
N VAL D 232 32.71 -7.15 -0.26
CA VAL D 232 32.20 -7.37 1.07
C VAL D 232 32.82 -6.50 2.17
N ASN D 233 34.12 -6.27 2.11
CA ASN D 233 34.86 -5.53 3.11
C ASN D 233 35.02 -4.04 2.90
N HIS D 234 34.47 -3.54 1.82
CA HIS D 234 34.64 -2.15 1.49
C HIS D 234 34.01 -1.12 2.39
N HIS D 235 34.79 -0.24 2.96
CA HIS D 235 34.26 0.74 3.88
C HIS D 235 33.21 1.69 3.32
N ASP D 236 33.26 1.93 2.02
CA ASP D 236 32.31 2.85 1.43
C ASP D 236 31.19 2.21 0.63
N ILE D 237 30.96 0.93 0.78
CA ILE D 237 29.85 0.28 0.14
C ILE D 237 28.79 0.25 1.23
N ASP D 238 27.64 0.83 0.94
CA ASP D 238 26.56 0.98 1.88
C ASP D 238 25.71 -0.21 2.20
N LYS D 239 25.66 -1.19 1.34
CA LYS D 239 24.75 -2.27 1.55
C LYS D 239 25.22 -3.35 0.59
N VAL D 240 25.03 -4.60 0.95
CA VAL D 240 25.46 -5.71 0.13
C VAL D 240 24.39 -6.77 -0.13
N ALA D 241 24.45 -7.41 -1.27
CA ALA D 241 23.55 -8.47 -1.63
C ALA D 241 24.32 -9.62 -2.26
N PHE D 242 23.94 -10.83 -1.92
CA PHE D 242 24.65 -12.00 -2.33
C PHE D 242 23.81 -13.23 -2.54
N THR D 243 24.16 -13.99 -3.54
CA THR D 243 23.51 -15.24 -3.81
C THR D 243 24.60 -16.31 -3.93
N GLY D 244 24.38 -17.49 -3.34
CA GLY D 244 25.43 -18.50 -3.25
C GLY D 244 25.17 -19.51 -2.18
N SER D 245 26.26 -20.06 -1.60
CA SER D 245 26.16 -21.09 -0.59
C SER D 245 25.85 -20.49 0.75
N THR D 246 25.17 -21.31 1.54
CA THR D 246 24.87 -20.94 2.91
C THR D 246 26.18 -20.57 3.65
N VAL D 247 27.25 -21.32 3.39
CA VAL D 247 28.52 -21.12 4.12
C VAL D 247 29.18 -19.75 3.83
N THR D 248 29.25 -19.36 2.56
CA THR D 248 29.76 -18.03 2.18
C THR D 248 28.82 -16.93 2.64
N GLY D 249 27.52 -17.22 2.63
CA GLY D 249 26.52 -16.30 3.20
C GLY D 249 26.79 -15.90 4.63
N LYS D 250 27.13 -16.92 5.45
CA LYS D 250 27.54 -16.70 6.86
C LYS D 250 28.66 -15.71 6.92
N TYR D 251 29.69 -15.99 6.08
CA TYR D 251 30.89 -15.15 5.93
C TYR D 251 30.52 -13.68 5.64
N ILE D 252 29.74 -13.49 4.58
CA ILE D 252 29.26 -12.16 4.19
C ILE D 252 28.56 -11.41 5.33
N MET D 253 27.66 -12.10 6.02
CA MET D 253 26.94 -11.44 7.12
C MET D 253 27.85 -11.12 8.28
N ARG D 254 28.74 -12.08 8.59
CA ARG D 254 29.78 -11.85 9.60
C ARG D 254 30.58 -10.63 9.25
N GLN D 255 31.06 -10.55 8.01
CA GLN D 255 31.86 -9.39 7.60
C GLN D 255 31.06 -8.11 7.60
N SER D 256 29.78 -8.22 7.23
CA SER D 256 28.97 -7.01 7.12
C SER D 256 28.72 -6.41 8.52
N ALA D 257 28.79 -7.24 9.55
CA ALA D 257 28.59 -6.78 10.90
C ALA D 257 29.51 -5.66 11.31
N GLU D 258 30.77 -5.72 10.94
CA GLU D 258 31.73 -4.70 11.32
C GLU D 258 31.35 -3.28 10.92
N MET D 259 30.50 -3.14 9.92
CA MET D 259 30.03 -1.83 9.53
C MET D 259 28.52 -1.62 9.69
N ILE D 260 27.85 -2.56 10.34
CA ILE D 260 26.41 -2.45 10.54
C ILE D 260 25.77 -2.28 9.16
N LYS D 261 26.08 -3.21 8.26
CA LYS D 261 25.64 -3.20 6.90
C LYS D 261 24.53 -4.17 6.54
N HIS D 262 23.47 -3.64 5.97
CA HIS D 262 22.30 -4.37 5.58
C HIS D 262 22.65 -5.43 4.58
N VAL D 263 22.11 -6.60 4.76
CA VAL D 263 22.41 -7.69 3.91
C VAL D 263 21.14 -8.29 3.36
N THR D 264 21.23 -8.78 2.13
CA THR D 264 20.24 -9.57 1.49
C THR D 264 20.95 -10.81 0.98
N LEU D 265 20.47 -11.97 1.38
CA LEU D 265 21.09 -13.18 0.94
C LEU D 265 20.13 -14.18 0.41
N GLU D 266 20.50 -14.87 -0.66
CA GLU D 266 19.73 -15.98 -1.17
C GLU D 266 20.70 -17.07 -1.21
N LEU D 267 20.48 -18.05 -0.38
CA LEU D 267 21.36 -19.14 -0.20
C LEU D 267 20.75 -20.40 -0.81
N GLY D 268 21.18 -21.59 -0.47
CA GLY D 268 20.62 -22.77 -1.12
C GLY D 268 19.35 -23.35 -0.59
N GLY D 269 19.02 -24.55 -1.02
CA GLY D 269 17.89 -25.24 -0.50
C GLY D 269 17.97 -26.72 -0.74
N LYS D 270 16.97 -27.41 -0.28
CA LYS D 270 16.76 -28.81 -0.46
C LYS D 270 15.27 -28.89 -0.47
N SER D 271 14.67 -28.19 -1.41
CA SER D 271 13.23 -28.04 -1.54
C SER D 271 12.41 -29.29 -1.81
N PRO D 272 11.35 -29.45 -1.06
CA PRO D 272 10.47 -30.58 -1.26
C PRO D 272 9.48 -30.35 -2.36
N ASN D 273 9.21 -31.41 -3.13
CA ASN D 273 8.26 -31.41 -4.20
C ASN D 273 7.36 -32.58 -3.85
N ILE D 274 6.15 -32.29 -3.40
CA ILE D 274 5.23 -33.27 -2.85
C ILE D 274 4.06 -33.72 -3.66
N ILE D 275 4.04 -35.00 -3.95
CA ILE D 275 2.95 -35.56 -4.74
C ILE D 275 1.93 -36.24 -3.80
N LEU D 276 0.76 -35.63 -3.64
CA LEU D 276 -0.27 -36.17 -2.76
C LEU D 276 -1.01 -37.25 -3.49
N GLU D 277 -1.84 -37.99 -2.79
CA GLU D 277 -2.60 -39.08 -3.35
C GLU D 277 -3.55 -38.68 -4.44
N ASP D 278 -4.13 -37.51 -4.36
CA ASP D 278 -5.09 -37.04 -5.34
C ASP D 278 -4.53 -36.09 -6.39
N ALA D 279 -3.23 -36.18 -6.57
CA ALA D 279 -2.55 -35.38 -7.54
C ALA D 279 -2.80 -35.88 -8.97
N ASP D 280 -2.68 -35.01 -9.97
CA ASP D 280 -2.81 -35.43 -11.37
C ASP D 280 -1.42 -36.01 -11.58
N LEU D 281 -1.34 -37.31 -11.47
CA LEU D 281 -0.08 -37.97 -11.49
C LEU D 281 0.76 -37.74 -12.73
N GLU D 282 0.15 -37.57 -13.86
CA GLU D 282 0.91 -37.30 -15.10
C GLU D 282 1.69 -35.98 -15.00
N GLU D 283 0.96 -34.93 -14.66
CA GLU D 283 1.53 -33.55 -14.52
C GLU D 283 2.52 -33.51 -13.40
N ALA D 284 2.20 -34.23 -12.30
CA ALA D 284 3.09 -34.32 -11.14
C ALA D 284 4.44 -34.94 -11.46
N ILE D 285 4.40 -35.99 -12.26
CA ILE D 285 5.63 -36.68 -12.66
C ILE D 285 6.51 -35.75 -13.47
N ASN D 286 5.93 -35.04 -14.43
CA ASN D 286 6.64 -34.04 -15.24
C ASN D 286 7.22 -32.90 -14.39
N GLY D 287 6.41 -32.38 -13.46
CA GLY D 287 6.85 -31.34 -12.52
C GLY D 287 7.96 -31.85 -11.68
N ALA D 288 7.89 -33.10 -11.20
CA ALA D 288 8.94 -33.64 -10.34
C ALA D 288 10.25 -33.70 -11.07
N PHE D 289 10.20 -34.21 -12.30
CA PHE D 289 11.38 -34.39 -13.13
C PHE D 289 12.00 -33.06 -13.48
N GLN D 290 11.18 -32.12 -13.95
CA GLN D 290 11.69 -30.80 -14.37
C GLN D 290 12.11 -30.02 -13.16
N GLY D 291 11.43 -30.21 -12.04
CA GLY D 291 11.79 -29.46 -10.84
C GLY D 291 13.23 -29.70 -10.38
N ILE D 292 13.75 -30.91 -10.62
CA ILE D 292 15.16 -31.17 -10.25
C ILE D 292 16.09 -30.97 -11.44
N MET D 293 15.72 -31.52 -12.58
CA MET D 293 16.61 -31.53 -13.75
C MET D 293 16.78 -30.16 -14.50
N TYR D 294 15.79 -29.26 -14.38
CA TYR D 294 15.93 -27.89 -14.93
C TYR D 294 17.29 -27.29 -14.55
N ASN D 295 17.97 -26.74 -15.55
CA ASN D 295 19.30 -26.13 -15.45
C ASN D 295 20.33 -27.09 -14.79
N HIS D 296 20.23 -28.36 -15.13
CA HIS D 296 21.14 -29.38 -14.68
C HIS D 296 21.18 -29.52 -13.15
N GLY D 297 20.14 -29.05 -12.49
CA GLY D 297 20.05 -29.08 -11.06
C GLY D 297 20.80 -27.98 -10.40
N GLN D 298 21.36 -27.06 -11.14
CA GLN D 298 22.12 -25.97 -10.58
C GLN D 298 21.18 -24.82 -10.34
N ASN D 299 20.26 -25.09 -9.43
CA ASN D 299 19.18 -24.25 -9.10
C ASN D 299 18.83 -24.26 -7.63
N CYS D 300 19.00 -23.13 -6.97
CA CYS D 300 18.61 -22.89 -5.59
C CYS D 300 17.35 -23.66 -5.16
N SER D 301 16.30 -23.58 -5.97
CA SER D 301 14.97 -23.99 -5.62
C SER D 301 14.61 -25.33 -6.25
N ALA D 302 15.62 -26.03 -6.72
CA ALA D 302 15.44 -27.34 -7.34
C ALA D 302 14.68 -28.27 -6.39
N GLY D 303 13.68 -28.93 -6.90
CA GLY D 303 12.89 -29.87 -6.13
C GLY D 303 13.69 -31.13 -5.92
N SER D 304 14.74 -31.00 -5.15
CA SER D 304 15.68 -32.07 -4.87
C SER D 304 15.21 -33.18 -3.94
N ARG D 305 14.05 -33.04 -3.36
CA ARG D 305 13.49 -34.08 -2.53
C ARG D 305 12.09 -34.29 -3.01
N VAL D 306 11.87 -35.33 -3.78
CA VAL D 306 10.54 -35.62 -4.28
C VAL D 306 9.90 -36.56 -3.25
N PHE D 307 8.83 -36.11 -2.61
CA PHE D 307 8.04 -36.90 -1.66
C PHE D 307 6.84 -37.43 -2.37
N VAL D 308 6.59 -38.72 -2.26
CA VAL D 308 5.53 -39.28 -3.03
C VAL D 308 4.64 -40.15 -2.16
N HIS D 309 3.35 -39.92 -2.25
CA HIS D 309 2.41 -40.70 -1.48
C HIS D 309 2.63 -42.19 -1.79
N ARG D 310 2.78 -42.99 -0.72
CA ARG D 310 3.06 -44.41 -0.84
C ARG D 310 2.33 -45.11 -1.97
N LYS D 311 1.10 -44.75 -2.22
CA LYS D 311 0.36 -45.36 -3.28
C LYS D 311 0.98 -45.18 -4.64
N HIS D 312 1.63 -44.05 -4.85
CA HIS D 312 2.22 -43.79 -6.13
C HIS D 312 3.73 -43.89 -6.20
N TYR D 313 4.39 -44.14 -5.09
CA TYR D 313 5.84 -44.19 -5.03
C TYR D 313 6.52 -44.99 -6.13
N GLU D 314 6.19 -46.26 -6.20
CA GLU D 314 6.74 -47.16 -7.23
C GLU D 314 6.57 -46.60 -8.64
N THR D 315 5.35 -46.20 -8.97
CA THR D 315 5.08 -45.57 -10.26
C THR D 315 5.92 -44.32 -10.63
N VAL D 316 6.08 -43.37 -9.70
CA VAL D 316 6.85 -42.19 -10.08
C VAL D 316 8.34 -42.47 -10.04
N VAL D 317 8.81 -43.40 -9.19
CA VAL D 317 10.25 -43.77 -9.18
C VAL D 317 10.59 -44.40 -10.56
N ASP D 318 9.76 -45.34 -11.04
CA ASP D 318 9.93 -45.89 -12.39
C ASP D 318 10.09 -44.82 -13.46
N ALA D 319 9.20 -43.82 -13.41
CA ALA D 319 9.12 -42.80 -14.48
C ALA D 319 10.30 -41.84 -14.39
N LEU D 320 10.57 -41.30 -13.20
CA LEU D 320 11.79 -40.50 -13.05
C LEU D 320 13.11 -41.24 -13.47
N VAL D 321 13.20 -42.54 -13.18
CA VAL D 321 14.35 -43.38 -13.66
C VAL D 321 14.42 -43.39 -15.21
N LYS D 322 13.28 -43.63 -15.87
CA LYS D 322 13.27 -43.69 -17.34
C LYS D 322 13.62 -42.34 -17.95
N MET D 323 13.02 -41.30 -17.38
CA MET D 323 13.21 -39.95 -17.89
C MET D 323 14.65 -39.58 -17.68
N ALA D 324 15.24 -40.01 -16.55
CA ALA D 324 16.64 -39.69 -16.23
C ALA D 324 17.57 -40.27 -17.28
N ASN D 325 17.39 -41.56 -17.53
CA ASN D 325 18.18 -42.30 -18.48
C ASN D 325 18.00 -41.83 -19.91
N ASN D 326 16.86 -41.22 -20.25
CA ASN D 326 16.61 -40.65 -21.58
C ASN D 326 17.02 -39.19 -21.86
N VAL D 327 17.55 -38.42 -20.90
CA VAL D 327 17.92 -37.04 -21.27
C VAL D 327 19.20 -37.01 -22.14
N LYS D 328 19.13 -36.24 -23.21
CA LYS D 328 20.27 -36.07 -24.12
C LYS D 328 21.28 -35.05 -23.56
N LEU D 329 22.43 -35.55 -23.04
CA LEU D 329 23.55 -34.75 -22.59
C LEU D 329 24.41 -34.31 -23.78
N GLY D 330 24.86 -33.07 -23.73
CA GLY D 330 25.65 -32.50 -24.83
C GLY D 330 26.08 -31.08 -24.55
N ALA D 331 26.78 -30.52 -25.53
CA ALA D 331 27.24 -29.16 -25.51
C ALA D 331 26.01 -28.25 -25.74
N GLY D 332 25.99 -27.12 -25.03
CA GLY D 332 24.84 -26.22 -25.06
C GLY D 332 24.57 -25.67 -26.46
N MET D 333 25.65 -25.43 -27.18
CA MET D 333 25.58 -24.95 -28.55
C MET D 333 25.33 -26.05 -29.60
N GLU D 334 24.76 -27.16 -29.16
CA GLU D 334 24.38 -28.25 -30.05
C GLU D 334 22.89 -28.30 -29.87
N LYS D 335 22.16 -28.24 -30.95
CA LYS D 335 20.70 -28.17 -30.87
C LYS D 335 19.93 -29.32 -30.31
N GLU D 336 20.55 -30.47 -30.18
CA GLU D 336 19.83 -31.61 -29.69
C GLU D 336 20.01 -31.75 -28.19
N THR D 337 20.89 -30.93 -27.63
CA THR D 337 21.21 -30.99 -26.19
C THR D 337 19.95 -30.64 -25.38
N GLU D 338 19.71 -31.40 -24.30
CA GLU D 338 18.62 -31.21 -23.36
C GLU D 338 19.24 -30.79 -22.04
N MET D 339 20.41 -31.32 -21.74
CA MET D 339 21.14 -30.94 -20.56
C MET D 339 22.61 -30.86 -20.84
N GLY D 340 23.22 -29.75 -20.45
CA GLY D 340 24.61 -29.54 -20.62
C GLY D 340 25.40 -30.03 -19.44
N PRO D 341 26.72 -29.68 -19.44
CA PRO D 341 27.50 -30.16 -18.31
C PRO D 341 27.34 -29.22 -17.11
N LEU D 342 27.95 -29.54 -15.98
CA LEU D 342 27.90 -28.72 -14.82
C LEU D 342 28.89 -27.68 -15.16
N VAL D 343 29.02 -26.68 -14.34
CA VAL D 343 29.84 -25.55 -14.65
C VAL D 343 31.35 -25.56 -14.60
N SER D 344 31.95 -26.39 -13.76
CA SER D 344 33.36 -26.39 -13.58
C SER D 344 33.82 -27.73 -13.11
N LYS D 345 35.11 -28.01 -13.24
CA LYS D 345 35.62 -29.31 -12.83
C LYS D 345 35.31 -29.44 -11.36
N LYS D 346 35.58 -28.37 -10.62
CA LYS D 346 35.28 -28.28 -9.21
C LYS D 346 33.87 -28.66 -8.86
N GLN D 347 32.86 -28.22 -9.65
CA GLN D 347 31.49 -28.63 -9.36
C GLN D 347 31.24 -30.06 -9.74
N GLN D 348 31.78 -30.52 -10.86
CA GLN D 348 31.60 -31.92 -11.27
C GLN D 348 32.09 -32.89 -10.19
N GLU D 349 33.27 -32.60 -9.62
CA GLU D 349 33.86 -33.45 -8.57
C GLU D 349 33.09 -33.36 -7.25
N ARG D 350 32.68 -32.15 -6.92
CA ARG D 350 31.89 -31.87 -5.75
C ARG D 350 30.61 -32.67 -5.80
N VAL D 351 29.97 -32.70 -6.94
CA VAL D 351 28.72 -33.42 -7.05
C VAL D 351 28.97 -34.91 -7.04
N LEU D 352 29.96 -35.36 -7.78
CA LEU D 352 30.32 -36.74 -7.78
C LEU D 352 30.61 -37.19 -6.35
N ASN D 353 31.30 -36.37 -5.58
CA ASN D 353 31.57 -36.69 -4.22
C ASN D 353 30.27 -36.92 -3.45
N TYR D 354 29.26 -36.09 -3.66
CA TYR D 354 27.95 -36.30 -3.02
C TYR D 354 27.34 -37.62 -3.38
N ILE D 355 27.43 -38.00 -4.66
CA ILE D 355 26.86 -39.28 -5.06
C ILE D 355 27.64 -40.41 -4.34
N GLU D 356 28.97 -40.37 -4.34
CA GLU D 356 29.72 -41.48 -3.65
C GLU D 356 29.25 -41.65 -2.21
N GLN D 357 29.22 -40.54 -1.46
CA GLN D 357 28.70 -40.48 -0.09
C GLN D 357 27.32 -41.10 0.05
N GLY D 358 26.51 -40.92 -0.97
CA GLY D 358 25.18 -41.50 -1.02
C GLY D 358 25.21 -43.01 -1.04
N LYS D 359 25.87 -43.56 -2.06
CA LYS D 359 26.03 -45.01 -2.19
C LYS D 359 26.60 -45.63 -0.91
N LYS D 360 27.60 -44.95 -0.35
CA LYS D 360 28.29 -45.39 0.84
C LYS D 360 27.44 -45.31 2.11
N GLU D 361 26.49 -44.40 2.11
CA GLU D 361 25.55 -44.28 3.21
C GLU D 361 24.41 -45.28 2.97
N GLY D 362 24.48 -46.00 1.88
CA GLY D 362 23.50 -47.02 1.61
C GLY D 362 22.27 -46.77 0.84
N ALA D 363 22.24 -45.65 0.13
CA ALA D 363 21.09 -45.35 -0.69
C ALA D 363 21.30 -46.09 -1.97
N THR D 364 20.25 -46.33 -2.71
CA THR D 364 20.35 -47.03 -3.95
C THR D 364 20.45 -46.03 -5.11
N VAL D 365 21.16 -46.40 -6.17
CA VAL D 365 21.26 -45.55 -7.34
C VAL D 365 20.40 -46.23 -8.39
N ALA D 366 19.19 -45.74 -8.54
CA ALA D 366 18.24 -46.27 -9.48
C ALA D 366 18.49 -45.77 -10.87
N ALA D 367 19.37 -44.79 -11.02
CA ALA D 367 19.75 -44.22 -12.30
C ALA D 367 20.94 -43.27 -12.18
N GLY D 368 21.78 -43.21 -13.20
CA GLY D 368 22.92 -42.32 -13.25
C GLY D 368 24.03 -42.65 -12.31
N GLY D 369 24.43 -41.70 -11.51
CA GLY D 369 25.48 -41.94 -10.54
C GLY D 369 26.91 -41.93 -10.99
N GLU D 370 27.16 -41.43 -12.17
CA GLU D 370 28.54 -41.32 -12.63
C GLU D 370 28.64 -40.20 -13.65
N ARG D 371 29.86 -39.76 -13.92
CA ARG D 371 30.09 -38.81 -15.02
C ARG D 371 29.58 -39.33 -16.39
N ALA D 372 29.52 -38.43 -17.36
CA ALA D 372 29.07 -38.78 -18.72
C ALA D 372 30.01 -38.20 -19.77
N LEU D 373 29.98 -38.82 -20.96
CA LEU D 373 30.76 -38.43 -22.15
C LEU D 373 32.29 -38.40 -21.93
N GLU D 374 33.04 -38.02 -22.96
CA GLU D 374 34.52 -38.08 -22.93
C GLU D 374 35.16 -36.89 -22.23
N LYS D 375 34.84 -35.68 -22.67
CA LYS D 375 35.28 -34.46 -21.97
C LYS D 375 34.10 -33.56 -21.61
N GLY D 376 34.41 -32.54 -20.82
CA GLY D 376 33.40 -31.67 -20.25
C GLY D 376 33.01 -32.09 -18.84
N TYR D 377 32.52 -31.12 -18.08
CA TYR D 377 32.11 -31.32 -16.73
C TYR D 377 30.69 -31.90 -16.56
N PHE D 378 30.32 -32.89 -17.34
CA PHE D 378 29.03 -33.53 -17.26
C PHE D 378 28.85 -34.56 -16.13
N VAL D 379 27.60 -34.70 -15.68
CA VAL D 379 27.17 -35.67 -14.70
C VAL D 379 25.83 -36.21 -15.14
N LYS D 380 25.71 -37.50 -15.22
CA LYS D 380 24.47 -38.18 -15.57
C LYS D 380 23.31 -37.88 -14.63
N PRO D 381 22.07 -37.73 -15.26
CA PRO D 381 20.95 -37.53 -14.35
C PRO D 381 20.87 -38.69 -13.36
N THR D 382 20.75 -38.40 -12.07
CA THR D 382 20.76 -39.42 -11.05
C THR D 382 19.56 -39.48 -10.15
N VAL D 383 19.07 -40.68 -9.91
CA VAL D 383 17.94 -40.94 -9.05
C VAL D 383 18.34 -41.84 -7.87
N PHE D 384 18.28 -41.33 -6.65
CA PHE D 384 18.61 -42.06 -5.46
C PHE D 384 17.31 -42.57 -4.86
N THR D 385 17.34 -43.78 -4.33
CA THR D 385 16.19 -44.47 -3.79
C THR D 385 16.58 -45.20 -2.51
N ASP D 386 15.62 -45.72 -1.76
CA ASP D 386 15.93 -46.41 -0.52
C ASP D 386 16.69 -45.45 0.37
N VAL D 387 16.14 -44.25 0.55
CA VAL D 387 16.83 -43.26 1.34
C VAL D 387 16.23 -42.92 2.69
N THR D 388 16.97 -42.22 3.53
CA THR D 388 16.46 -41.85 4.83
C THR D 388 16.79 -40.42 5.24
N ASP D 389 15.89 -39.82 5.97
CA ASP D 389 15.96 -38.44 6.36
C ASP D 389 17.26 -37.87 6.91
N ASP D 390 18.04 -38.67 7.61
CA ASP D 390 19.32 -38.14 8.14
C ASP D 390 20.52 -38.39 7.22
N MET D 391 20.31 -39.08 6.07
CA MET D 391 21.38 -39.20 5.07
C MET D 391 21.89 -37.83 4.59
N THR D 392 23.20 -37.77 4.42
CA THR D 392 23.91 -36.61 3.87
C THR D 392 23.28 -36.09 2.58
N ILE D 393 22.90 -37.00 1.68
CA ILE D 393 22.33 -36.59 0.42
C ILE D 393 20.88 -36.08 0.52
N VAL D 394 20.17 -36.56 1.51
CA VAL D 394 18.81 -36.16 1.71
C VAL D 394 18.79 -34.80 2.36
N LYS D 395 19.79 -34.51 3.14
CA LYS D 395 19.86 -33.26 3.82
C LYS D 395 20.64 -32.11 3.17
N GLU D 396 21.63 -32.40 2.36
CA GLU D 396 22.48 -31.37 1.81
C GLU D 396 22.27 -30.98 0.36
N GLU D 397 22.49 -29.71 0.06
CA GLU D 397 22.35 -29.22 -1.33
C GLU D 397 23.50 -29.75 -2.18
N ILE D 398 23.16 -30.57 -3.15
CA ILE D 398 24.10 -31.20 -4.05
C ILE D 398 24.50 -30.29 -5.20
N PHE D 399 23.48 -29.68 -5.82
CA PHE D 399 23.63 -28.74 -6.91
C PHE D 399 24.03 -29.36 -8.23
N GLY D 400 23.41 -30.47 -8.53
CA GLY D 400 23.67 -31.21 -9.71
C GLY D 400 22.36 -31.86 -9.99
N PRO D 401 22.28 -32.59 -11.08
CA PRO D 401 21.05 -33.23 -11.50
C PRO D 401 20.80 -34.50 -10.75
N VAL D 402 20.67 -34.38 -9.45
CA VAL D 402 20.49 -35.51 -8.57
C VAL D 402 19.26 -35.38 -7.70
N VAL D 403 18.33 -36.30 -7.85
CA VAL D 403 17.13 -36.31 -7.04
C VAL D 403 17.10 -37.46 -6.05
N VAL D 404 16.41 -37.24 -4.95
CA VAL D 404 16.25 -38.21 -3.89
C VAL D 404 14.74 -38.38 -3.74
N VAL D 405 14.24 -39.59 -3.94
CA VAL D 405 12.81 -39.88 -3.86
C VAL D 405 12.33 -40.59 -2.57
N LEU D 406 11.43 -39.96 -1.84
CA LEU D 406 10.91 -40.44 -0.58
C LEU D 406 9.43 -40.76 -0.54
N PRO D 407 9.12 -42.00 -0.02
CA PRO D 407 7.69 -42.27 0.08
C PRO D 407 7.16 -41.80 1.44
N PHE D 408 5.88 -41.56 1.52
CA PHE D 408 5.24 -41.13 2.79
C PHE D 408 3.83 -41.62 2.81
N ASP D 409 3.26 -41.69 4.02
CA ASP D 409 1.92 -42.28 4.25
C ASP D 409 0.80 -41.34 4.62
N SER D 410 1.11 -40.24 5.34
CA SER D 410 0.12 -39.23 5.69
C SER D 410 0.60 -37.79 5.43
N THR D 411 -0.36 -36.89 5.29
CA THR D 411 -0.11 -35.45 5.02
C THR D 411 0.59 -34.75 6.15
N GLU D 412 0.20 -35.05 7.40
CA GLU D 412 0.90 -34.47 8.55
C GLU D 412 2.38 -34.89 8.57
N GLU D 413 2.60 -36.13 8.16
CA GLU D 413 3.93 -36.70 8.12
C GLU D 413 4.83 -35.93 7.13
N VAL D 414 4.34 -35.79 5.89
CA VAL D 414 5.14 -35.20 4.80
C VAL D 414 5.41 -33.72 5.07
N ILE D 415 4.45 -33.06 5.68
CA ILE D 415 4.69 -31.66 6.15
C ILE D 415 5.84 -31.56 7.16
N GLU D 416 5.79 -32.42 8.16
CA GLU D 416 6.84 -32.48 9.15
C GLU D 416 8.21 -32.79 8.54
N ARG D 417 8.27 -33.80 7.68
CA ARG D 417 9.54 -34.21 7.07
C ARG D 417 10.05 -33.17 6.07
N ALA D 418 9.13 -32.52 5.36
CA ALA D 418 9.46 -31.41 4.49
C ALA D 418 10.06 -30.26 5.23
N ASN D 419 9.50 -29.94 6.39
CA ASN D 419 9.96 -28.81 7.18
C ASN D 419 11.20 -29.10 8.04
N ASN D 420 11.52 -30.36 8.21
CA ASN D 420 12.65 -30.78 9.02
C ASN D 420 13.91 -30.56 8.25
N SER D 421 14.34 -29.32 8.21
CA SER D 421 15.47 -28.86 7.43
C SER D 421 15.88 -27.48 7.83
N SER D 422 17.14 -27.19 7.62
CA SER D 422 17.66 -25.88 7.90
C SER D 422 17.33 -24.96 6.72
N TYR D 423 17.00 -25.57 5.61
CA TYR D 423 16.69 -24.82 4.43
C TYR D 423 15.18 -24.55 4.37
N GLY D 424 14.77 -23.61 3.54
CA GLY D 424 13.38 -23.26 3.34
C GLY D 424 13.18 -22.27 2.22
N LEU D 425 13.69 -22.59 1.05
CA LEU D 425 13.61 -21.72 -0.08
C LEU D 425 12.32 -21.86 -0.86
N ALA D 426 11.92 -23.06 -1.19
CA ALA D 426 10.73 -23.30 -1.98
C ALA D 426 10.10 -24.66 -1.75
N ALA D 427 8.93 -24.88 -2.32
CA ALA D 427 8.21 -26.11 -2.25
C ALA D 427 7.16 -26.27 -3.29
N GLY D 428 6.91 -27.53 -3.67
CA GLY D 428 5.88 -27.89 -4.59
C GLY D 428 4.82 -28.78 -3.96
N VAL D 429 3.58 -28.54 -4.29
CA VAL D 429 2.51 -29.41 -3.81
C VAL D 429 1.55 -29.75 -4.89
N TRP D 430 1.33 -31.05 -5.07
CA TRP D 430 0.50 -31.58 -6.11
C TRP D 430 -0.69 -32.27 -5.49
N THR D 431 -1.86 -31.65 -5.69
CA THR D 431 -3.11 -32.18 -5.27
C THR D 431 -4.18 -31.42 -6.07
N GLN D 432 -5.26 -32.10 -6.38
CA GLN D 432 -6.43 -31.48 -7.05
C GLN D 432 -7.49 -30.92 -6.10
N ASN D 433 -7.33 -31.15 -4.80
CA ASN D 433 -8.29 -30.68 -3.80
C ASN D 433 -7.99 -29.26 -3.37
N ILE D 434 -8.97 -28.41 -3.45
CA ILE D 434 -8.85 -27.00 -3.12
C ILE D 434 -8.39 -26.68 -1.71
N LYS D 435 -8.90 -27.41 -0.76
CA LYS D 435 -8.52 -27.23 0.60
C LYS D 435 -7.14 -27.77 0.91
N THR D 436 -6.76 -28.91 0.35
CA THR D 436 -5.52 -29.58 0.76
C THR D 436 -4.38 -28.72 0.22
N GLY D 437 -4.59 -28.17 -0.98
CA GLY D 437 -3.53 -27.51 -1.69
C GLY D 437 -3.21 -26.25 -0.89
N HIS D 438 -4.21 -25.47 -0.54
CA HIS D 438 -3.92 -24.25 0.27
C HIS D 438 -3.48 -24.51 1.71
N GLN D 439 -4.06 -25.55 2.34
CA GLN D 439 -3.71 -25.91 3.70
C GLN D 439 -2.22 -26.25 3.70
N VAL D 440 -1.75 -27.02 2.73
CA VAL D 440 -0.39 -27.56 2.79
C VAL D 440 0.57 -26.47 2.49
N ALA D 441 0.22 -25.63 1.51
CA ALA D 441 0.99 -24.47 1.17
C ALA D 441 1.16 -23.58 2.37
N ASN D 442 0.11 -23.43 3.15
CA ASN D 442 0.20 -22.51 4.35
C ASN D 442 1.15 -23.09 5.43
N LYS D 443 1.33 -24.40 5.46
CA LYS D 443 2.09 -25.09 6.53
C LYS D 443 3.54 -25.33 6.20
N LEU D 444 3.90 -25.19 4.93
CA LEU D 444 5.29 -25.29 4.53
C LEU D 444 6.15 -24.06 4.84
N LYS D 445 7.32 -24.26 5.44
CA LYS D 445 8.19 -23.13 5.72
C LYS D 445 9.14 -22.85 4.58
N ALA D 446 8.62 -22.10 3.62
CA ALA D 446 9.34 -21.84 2.39
C ALA D 446 8.89 -20.56 1.77
N GLY D 447 9.84 -19.84 1.15
CA GLY D 447 9.53 -18.55 0.52
C GLY D 447 8.60 -18.58 -0.65
N THR D 448 8.58 -19.71 -1.39
CA THR D 448 7.77 -19.83 -2.53
C THR D 448 7.15 -21.24 -2.52
N VAL D 449 5.83 -21.34 -2.71
CA VAL D 449 5.14 -22.58 -2.91
C VAL D 449 4.36 -22.53 -4.18
N TRP D 450 4.57 -23.53 -5.02
CA TRP D 450 3.80 -23.74 -6.20
C TRP D 450 2.81 -24.89 -5.97
N ILE D 451 1.53 -24.64 -6.26
CA ILE D 451 0.48 -25.64 -6.12
C ILE D 451 0.19 -26.11 -7.53
N ASN D 452 0.58 -27.33 -7.79
CA ASN D 452 0.37 -27.98 -9.08
C ASN D 452 1.27 -27.35 -10.17
N ASP D 453 2.49 -27.07 -9.81
CA ASP D 453 3.51 -26.53 -10.67
C ASP D 453 4.83 -26.56 -9.98
N TYR D 454 5.85 -26.07 -10.63
CA TYR D 454 7.15 -26.04 -10.06
C TYR D 454 8.11 -25.14 -10.85
N ASN D 455 9.05 -24.52 -10.16
CA ASN D 455 10.07 -23.69 -10.78
C ASN D 455 9.63 -22.43 -11.55
N LEU D 456 8.50 -21.84 -11.21
CA LEU D 456 8.06 -20.62 -11.88
C LEU D 456 8.57 -19.33 -11.18
N GLU D 457 9.14 -18.42 -11.92
CA GLU D 457 9.62 -17.16 -11.36
C GLU D 457 8.99 -16.11 -12.32
N ASN D 458 8.82 -14.88 -11.84
CA ASN D 458 8.37 -13.79 -12.64
C ASN D 458 8.84 -12.55 -11.87
N ALA D 459 9.16 -11.50 -12.59
CA ALA D 459 9.59 -10.25 -12.01
C ALA D 459 8.68 -9.69 -10.90
N ALA D 460 7.36 -9.86 -11.06
CA ALA D 460 6.39 -9.33 -10.13
C ALA D 460 6.21 -10.15 -8.83
N ALA D 461 6.68 -11.41 -8.79
CA ALA D 461 6.48 -12.27 -7.58
C ALA D 461 7.79 -12.50 -6.81
N PRO D 462 7.80 -12.11 -5.55
CA PRO D 462 8.99 -12.23 -4.70
C PRO D 462 9.51 -13.61 -4.46
N PHE D 463 10.80 -13.72 -4.24
CA PHE D 463 11.47 -14.96 -4.06
C PHE D 463 12.56 -14.93 -3.02
N GLY D 464 12.62 -15.94 -2.20
CA GLY D 464 13.63 -16.04 -1.21
C GLY D 464 13.39 -17.07 -0.14
N GLY D 465 14.35 -17.20 0.75
CA GLY D 465 14.25 -18.19 1.79
C GLY D 465 13.87 -17.87 3.21
N TYR D 466 13.38 -18.90 3.87
CA TYR D 466 13.07 -18.90 5.27
C TYR D 466 14.31 -19.60 5.84
N LYS D 467 14.51 -19.54 7.13
CA LYS D 467 15.53 -20.32 7.84
C LYS D 467 16.95 -20.05 7.23
N GLN D 468 17.77 -21.06 6.93
CA GLN D 468 19.12 -20.80 6.40
C GLN D 468 19.18 -20.77 4.86
N SER D 469 18.01 -20.60 4.22
CA SER D 469 18.01 -20.35 2.80
C SER D 469 18.10 -18.87 2.42
N GLY D 470 18.04 -17.94 3.36
CA GLY D 470 18.20 -16.50 3.03
C GLY D 470 17.74 -15.52 4.11
N ILE D 471 18.02 -14.24 3.86
CA ILE D 471 17.46 -13.10 4.58
C ILE D 471 16.96 -12.11 3.52
N GLY D 472 15.69 -11.79 3.53
CA GLY D 472 15.14 -10.88 2.56
C GLY D 472 14.56 -11.52 1.32
N ARG D 473 14.06 -10.69 0.42
CA ARG D 473 13.49 -11.19 -0.80
C ARG D 473 13.98 -10.46 -2.04
N GLU D 474 13.96 -11.17 -3.16
CA GLU D 474 14.28 -10.57 -4.42
C GLU D 474 13.02 -10.63 -5.27
N LEU D 475 12.95 -9.83 -6.32
CA LEU D 475 11.79 -9.69 -7.19
C LEU D 475 10.57 -9.04 -6.52
N GLY D 476 9.58 -8.68 -7.33
CA GLY D 476 8.39 -8.02 -6.86
C GLY D 476 8.67 -6.67 -6.25
N SER D 477 7.67 -6.07 -5.63
CA SER D 477 7.82 -4.81 -4.94
C SER D 477 8.78 -4.98 -3.79
N TYR D 478 8.74 -6.11 -3.15
CA TYR D 478 9.57 -6.44 -2.01
C TYR D 478 11.08 -6.15 -2.11
N ALA D 479 11.69 -6.55 -3.20
CA ALA D 479 13.12 -6.34 -3.42
C ALA D 479 13.51 -4.91 -3.22
N LEU D 480 12.60 -3.98 -3.53
CA LEU D 480 12.91 -2.57 -3.46
C LEU D 480 13.23 -2.10 -2.06
N ASP D 481 12.62 -2.72 -1.07
CA ASP D 481 12.80 -2.33 0.31
C ASP D 481 14.27 -2.60 0.75
N ASN D 482 14.93 -3.53 0.10
CA ASN D 482 16.32 -3.81 0.41
C ASN D 482 17.24 -2.72 -0.03
N TYR D 483 16.81 -1.89 -0.96
CA TYR D 483 17.73 -0.86 -1.46
C TYR D 483 17.48 0.56 -0.99
N THR D 484 16.63 0.66 0.00
CA THR D 484 16.16 1.88 0.54
C THR D 484 16.45 2.09 2.02
N GLU D 485 16.55 3.34 2.40
CA GLU D 485 16.65 3.82 3.77
C GLU D 485 15.42 4.70 3.98
N VAL D 486 14.61 4.33 4.94
CA VAL D 486 13.41 5.05 5.25
C VAL D 486 13.80 6.21 6.15
N LYS D 487 13.36 7.41 5.79
CA LYS D 487 13.56 8.63 6.57
C LYS D 487 12.22 9.23 7.01
N SER D 488 12.02 9.49 8.31
CA SER D 488 10.78 10.05 8.80
C SER D 488 11.08 11.50 9.08
N VAL D 489 10.33 12.43 8.46
CA VAL D 489 10.48 13.81 8.64
C VAL D 489 9.29 14.28 9.39
N TRP D 490 9.53 15.17 10.36
CA TRP D 490 8.48 15.78 11.14
C TRP D 490 8.64 17.25 10.92
N VAL D 491 7.55 17.94 10.51
CA VAL D 491 7.50 19.34 10.31
C VAL D 491 6.54 19.91 11.35
N ASN D 492 7.10 20.62 12.28
CA ASN D 492 6.28 21.31 13.22
C ASN D 492 5.51 22.41 12.49
N ILE D 493 4.20 22.37 12.51
CA ILE D 493 3.34 23.41 11.92
C ILE D 493 2.37 24.05 12.97
N LYS D 494 2.80 24.06 14.24
CA LYS D 494 2.06 24.68 15.38
C LYS D 494 2.10 26.19 15.29
NA NA E . -40.39 -2.35 14.00
NA NA F . -22.40 -0.38 -10.64
PA NDP G . -36.32 1.47 -0.48
O1A NDP G . -35.09 1.40 -1.38
O2A NDP G . -37.56 2.28 -0.86
O5B NDP G . -35.87 1.88 1.01
C5B NDP G . -34.76 1.31 1.71
C4B NDP G . -34.28 2.28 2.82
O4B NDP G . -34.10 3.61 2.26
C3B NDP G . -35.30 2.46 3.94
O3B NDP G . -34.70 2.67 5.23
C2B NDP G . -36.10 3.71 3.51
O2B NDP G . -36.70 4.52 4.55
C1B NDP G . -35.06 4.54 2.76
N9A NDP G . -35.72 5.41 1.74
C8A NDP G . -36.86 5.19 1.03
N7A NDP G . -37.12 6.25 0.25
C5A NDP G . -36.19 7.19 0.45
C6A NDP G . -35.91 8.54 -0.08
N6A NDP G . -36.73 9.11 -1.00
N1A NDP G . -34.82 9.18 0.39
C2A NDP G . -34.03 8.61 1.31
N3A NDP G . -34.22 7.38 1.83
C4A NDP G . -35.26 6.63 1.44
O3 NDP G . -36.71 -0.09 -0.20
PN NDP G . -38.02 -0.68 0.58
O1N NDP G . -37.84 -0.63 2.11
O2N NDP G . -39.21 -0.08 -0.14
O5D NDP G . -37.96 -2.27 0.20
C5D NDP G . -38.33 -2.74 -1.09
C4D NDP G . -37.24 -3.64 -1.63
O4D NDP G . -35.99 -2.96 -1.69
C3D NDP G . -36.95 -4.90 -0.79
O3D NDP G . -37.93 -5.92 -1.03
C2D NDP G . -35.55 -5.24 -1.29
O2D NDP G . -35.53 -6.03 -2.53
C1D NDP G . -34.89 -3.87 -1.51
N1N NDP G . -34.06 -3.63 -0.36
C2N NDP G . -32.76 -4.08 -0.40
C3N NDP G . -31.90 -3.97 0.72
C7N NDP G . -30.46 -4.44 0.67
O7N NDP G . -29.93 -5.04 1.59
N7N NDP G . -29.75 -4.15 -0.40
C4N NDP G . -32.44 -3.35 2.00
C5N NDP G . -33.86 -2.94 1.91
C6N NDP G . -34.60 -3.10 0.76
P2B NDP G . -37.88 3.90 5.50
O1X NDP G . -37.52 2.51 5.93
O2X NDP G . -37.93 4.88 6.66
O3X NDP G . -39.07 3.76 4.55
NA NA H . -10.54 23.07 -34.59
NA NA I . -17.51 16.56 -5.57
PA NDP J . -19.54 21.17 -22.10
O1A NDP J . -20.94 21.50 -22.61
O2A NDP J . -19.36 20.66 -20.67
O5B NDP J . -18.79 20.19 -23.12
C5B NDP J . -17.50 19.68 -22.74
C4B NDP J . -17.15 18.46 -23.61
O4B NDP J . -18.20 17.47 -23.48
C3B NDP J . -17.07 18.82 -25.08
O3B NDP J . -16.03 18.04 -25.65
C2B NDP J . -18.46 18.45 -25.62
O2B NDP J . -18.45 17.88 -26.94
C1B NDP J . -18.93 17.35 -24.65
N9A NDP J . -20.42 17.35 -24.47
C8A NDP J . -21.29 18.38 -24.62
N7A NDP J . -22.58 17.98 -24.45
C5A NDP J . -22.55 16.67 -24.21
C6A NDP J . -23.56 15.63 -23.97
N6A NDP J . -24.89 15.93 -23.92
N1A NDP J . -23.10 14.37 -23.79
C2A NDP J . -21.77 14.05 -23.82
N3A NDP J . -20.79 14.96 -24.06
C4A NDP J . -21.12 16.26 -24.25
O3 NDP J . -18.62 22.52 -22.12
PN NDP J . -18.48 23.55 -23.34
O1N NDP J . -19.92 24.01 -23.69
O2N NDP J . -17.60 23.01 -24.48
O5D NDP J . -17.62 24.74 -22.64
C5D NDP J . -18.33 25.69 -21.83
C4D NDP J . -17.61 25.81 -20.53
O4D NDP J . -17.37 24.52 -19.97
C3D NDP J . -16.23 26.41 -20.72
O3D NDP J . -16.31 27.81 -21.01
C2D NDP J . -15.57 25.92 -19.43
O2D NDP J . -15.80 26.85 -18.34
C1D NDP J . -16.17 24.52 -19.22
N1N NDP J . -15.18 23.56 -19.69
C2N NDP J . -14.31 23.07 -18.78
C3N NDP J . -13.25 22.24 -19.12
C7N NDP J . -12.30 21.69 -18.05
O7N NDP J . -11.07 21.63 -18.22
N7N NDP J . -12.81 21.27 -16.91
C4N NDP J . -13.06 21.86 -20.57
C5N NDP J . -14.05 22.47 -21.49
C6N NDP J . -15.05 23.30 -21.02
P2B NDP J . -18.17 18.82 -28.26
O1X NDP J . -18.05 17.82 -29.41
O2X NDP J . -19.36 19.74 -28.26
O3X NDP J . -16.88 19.58 -27.94
NA NA K . 23.20 0.37 8.77
NA NA L . 18.07 -0.16 39.05
PA NDP M . 25.79 -2.68 25.59
O1A NDP M . 26.87 -3.65 26.04
O2A NDP M . 25.60 -2.42 24.11
O5B NDP M . 24.41 -3.31 26.17
C5B NDP M . 23.12 -2.80 25.87
C4B NDP M . 22.06 -3.84 26.29
O4B NDP M . 22.29 -5.15 25.72
C3B NDP M . 22.03 -4.03 27.81
O3B NDP M . 20.68 -4.16 28.30
C2B NDP M . 22.78 -5.33 28.03
O2B NDP M . 22.26 -6.10 29.12
C1B NDP M . 22.65 -6.13 26.72
N9A NDP M . 23.86 -6.93 26.38
C8A NDP M . 25.19 -6.73 26.64
N7A NDP M . 25.99 -7.72 26.16
C5A NDP M . 25.17 -8.59 25.56
C6A NDP M . 25.32 -9.85 24.84
N6A NDP M . 26.55 -10.39 24.67
N1A NDP M . 24.22 -10.44 24.37
C2A NDP M . 22.98 -9.92 24.54
N3A NDP M . 22.75 -8.77 25.21
C4A NDP M . 23.79 -8.08 25.72
O3 NDP M . 25.96 -1.19 26.22
PN NDP M . 26.18 -0.84 27.79
O1N NDP M . 24.97 -1.22 28.63
O2N NDP M . 27.54 -1.44 28.15
O5D NDP M . 26.25 0.76 27.76
C5D NDP M . 27.38 1.40 27.13
C4D NDP M . 26.97 2.37 26.00
O4D NDP M . 26.21 1.78 24.93
C3D NDP M . 26.15 3.52 26.50
O3D NDP M . 26.95 4.51 27.16
C2D NDP M . 25.48 3.98 25.20
O2D NDP M . 26.30 4.89 24.50
C1D NDP M . 25.29 2.71 24.39
N1N NDP M . 23.86 2.39 24.53
C2N NDP M . 22.98 2.85 23.59
C3N NDP M . 21.59 2.64 23.69
C7N NDP M . 20.63 3.13 22.61
O7N NDP M . 19.53 3.58 22.96
N7N NDP M . 20.99 3.04 21.32
C4N NDP M . 21.01 1.89 24.87
C5N NDP M . 22.05 1.44 25.83
C6N NDP M . 23.42 1.72 25.63
P2B NDP M . 22.58 -5.73 30.65
O1X NDP M . 22.14 -4.29 30.97
O2X NDP M . 21.95 -6.87 31.41
O3X NDP M . 24.09 -5.83 30.74
NA NA N . 32.68 -20.73 -17.99
PA NDP O . 30.26 -19.93 -2.79
O1A NDP O . 31.65 -19.96 -2.21
O2A NDP O . 29.10 -19.53 -1.90
O5B NDP O . 30.27 -18.87 -4.01
C5B NDP O . 29.11 -18.22 -4.51
C4B NDP O . 29.54 -16.97 -5.27
O4B NDP O . 30.20 -16.08 -4.36
C3B NDP O . 30.55 -17.27 -6.39
O3B NDP O . 30.14 -16.54 -7.54
C2B NDP O . 31.89 -16.79 -5.86
O2B NDP O . 32.72 -16.14 -6.84
C1B NDP O . 31.56 -15.79 -4.75
N9A NDP O . 32.45 -15.84 -3.56
C8A NDP O . 33.16 -16.90 -3.06
N7A NDP O . 33.86 -16.55 -1.95
C5A NDP O . 33.63 -15.25 -1.73
C6A NDP O . 34.05 -14.26 -0.72
N6A NDP O . 34.88 -14.65 0.26
N1A NDP O . 33.57 -12.99 -0.79
C2A NDP O . 32.73 -12.64 -1.78
N3A NDP O . 32.31 -13.50 -2.75
C4A NDP O . 32.69 -14.78 -2.78
O3 NDP O . 29.82 -21.34 -3.49
PN NDP O . 30.59 -22.06 -4.73
O1N NDP O . 30.58 -21.19 -5.96
O2N NDP O . 31.89 -22.59 -4.15
O5D NDP O . 29.63 -23.33 -5.05
C5D NDP O . 29.44 -24.38 -4.10
C4D NDP O . 27.99 -24.47 -3.62
O4D NDP O . 27.38 -23.24 -3.16
C3D NDP O . 27.08 -24.93 -4.72
O3D NDP O . 27.24 -26.32 -4.95
C2D NDP O . 25.73 -24.56 -4.13
O2D NDP O . 25.32 -25.56 -3.19
C1D NDP O . 25.96 -23.22 -3.43
N1N NDP O . 25.51 -22.19 -4.39
C2N NDP O . 24.18 -21.88 -4.44
C3N NDP O . 23.67 -20.95 -5.40
C7N NDP O . 22.19 -20.55 -5.50
O7N NDP O . 21.74 -19.96 -6.48
N7N NDP O . 21.38 -20.88 -4.51
C4N NDP O . 24.62 -20.31 -6.39
C5N NDP O . 26.01 -20.76 -6.25
C6N NDP O . 26.40 -21.68 -5.28
P2B NDP O . 33.70 -16.93 -7.88
O1X NDP O . 32.81 -17.78 -8.78
O2X NDP O . 34.44 -15.78 -8.51
O3X NDP O . 34.65 -17.74 -7.02
#